data_5QHO
# 
_entry.id   5QHO 
# 
_audit_conform.dict_name       mmcif_pdbx.dic 
_audit_conform.dict_version    5.397 
_audit_conform.dict_location   http://mmcif.pdb.org/dictionaries/ascii/mmcif_pdbx.dic 
# 
loop_
_database_2.database_id 
_database_2.database_code 
_database_2.pdbx_database_accession 
_database_2.pdbx_DOI 
PDB   5QHO         pdb_00005qho 10.2210/pdb5qho/pdb 
WWPDB D_1001401961 ?            ?                   
# 
loop_
_pdbx_audit_revision_history.ordinal 
_pdbx_audit_revision_history.data_content_type 
_pdbx_audit_revision_history.major_revision 
_pdbx_audit_revision_history.minor_revision 
_pdbx_audit_revision_history.revision_date 
1 'Structure model' 1 0 2018-12-19 
2 'Structure model' 1 1 2024-10-16 
# 
_pdbx_audit_revision_details.ordinal             1 
_pdbx_audit_revision_details.revision_ordinal    1 
_pdbx_audit_revision_details.data_content_type   'Structure model' 
_pdbx_audit_revision_details.provider            repository 
_pdbx_audit_revision_details.type                'Initial release' 
_pdbx_audit_revision_details.description         ? 
_pdbx_audit_revision_details.details             ? 
# 
loop_
_pdbx_audit_revision_group.ordinal 
_pdbx_audit_revision_group.revision_ordinal 
_pdbx_audit_revision_group.data_content_type 
_pdbx_audit_revision_group.group 
1 2 'Structure model' 'Data collection'     
2 2 'Structure model' 'Database references' 
3 2 'Structure model' 'Structure summary'   
# 
loop_
_pdbx_audit_revision_category.ordinal 
_pdbx_audit_revision_category.revision_ordinal 
_pdbx_audit_revision_category.data_content_type 
_pdbx_audit_revision_category.category 
1 2 'Structure model' chem_comp_atom            
2 2 'Structure model' chem_comp_bond            
3 2 'Structure model' database_2                
4 2 'Structure model' pdbx_entry_details        
5 2 'Structure model' pdbx_modification_feature 
# 
loop_
_pdbx_audit_revision_item.ordinal 
_pdbx_audit_revision_item.revision_ordinal 
_pdbx_audit_revision_item.data_content_type 
_pdbx_audit_revision_item.item 
1 2 'Structure model' '_database_2.pdbx_DOI'                
2 2 'Structure model' '_database_2.pdbx_database_accession' 
# 
_pdbx_database_status.entry_id                        5QHO 
_pdbx_database_status.status_code                     REL 
_pdbx_database_status.status_code_sf                  REL 
_pdbx_database_status.status_code_mr                  ? 
_pdbx_database_status.status_code_cs                  ? 
_pdbx_database_status.recvd_initial_deposition_date   2018-05-18 
_pdbx_database_status.deposit_site                    RCSB 
_pdbx_database_status.process_site                    RCSB 
_pdbx_database_status.SG_entry                        ? 
_pdbx_database_status.pdb_format_compatible           Y 
_pdbx_database_status.methods_development_category    ? 
_pdbx_database_status.status_code_nmr_data            ? 
# 
loop_
_audit_author.name 
_audit_author.pdbx_ordinal 
_audit_author.identifier_ORCID 
'Pinkas, D.M.'     1  ? 
'Bufton, J.C.'     2  ? 
'Fox, A.E.'        3  ? 
'Talon, R.'        4  ? 
'Krojer, T.'       5  ? 
'Douangamath, A.'  6  ? 
'Collins, P.'      7  ? 
'Zhang, R.'        8  ? 
'von Delft, F.'    9  ? 
'Bountra, C.'      10 ? 
'Arrowsmith, C.H.' 11 ? 
'Edwards, A.'      12 ? 
'Bullock, A.N.'    13 ? 
# 
_citation.id                        primary 
_citation.title                     'PanDDA analysis group deposition of models with modelled events (e.g. bound ligands)' 
_citation.journal_abbrev            'To Be Published' 
_citation.journal_volume            ? 
_citation.page_first                ? 
_citation.page_last                 ? 
_citation.year                      ? 
_citation.journal_id_ASTM           ? 
_citation.country                   ? 
_citation.journal_id_ISSN           ? 
_citation.journal_id_CSD            0353 
_citation.book_publisher            ? 
_citation.pdbx_database_id_PubMed   ? 
_citation.pdbx_database_id_DOI      ? 
# 
loop_
_citation_author.citation_id 
_citation_author.name 
_citation_author.ordinal 
_citation_author.identifier_ORCID 
primary 'Pinkas, D.M.'     1  ? 
primary 'Bufton, J.C.'     2  ? 
primary 'Fox, A.E.'        3  ? 
primary 'Talon, R.'        4  ? 
primary 'Krojer, T.'       5  ? 
primary 'Douangamath, A.'  6  ? 
primary 'Collins, P.'      7  ? 
primary 'Zhang, R.'        8  ? 
primary 'von Delft, F.'    9  ? 
primary 'Bountra, C.'      10 ? 
primary 'Arrowsmith, C.H.' 11 ? 
primary 'Edwards, A.'      12 ? 
primary 'Bullock, A.N.'    13 ? 
# 
loop_
_entity.id 
_entity.type 
_entity.src_method 
_entity.pdbx_description 
_entity.formula_weight 
_entity.pdbx_number_of_molecules 
_entity.pdbx_ec 
_entity.pdbx_mutation 
_entity.pdbx_fragment 
_entity.details 
1 polymer     man 'Protein FAM83B'              20783.109 1  ? ? ? ? 
2 non-polymer syn 1,2-ETHANEDIOL                62.068    2  ? ? ? ? 
3 non-polymer syn 'di(piperidin-1-yl)methanone' 196.289   1  ? ? ? ? 
4 water       nat water                         18.015    88 ? ? ? ? 
# 
_entity_poly.entity_id                      1 
_entity_poly.type                           'polypeptide(L)' 
_entity_poly.nstd_linkage                   no 
_entity_poly.nstd_monomer                   no 
_entity_poly.pdbx_seq_one_letter_code       
;SMGGTHIDLLFHPPRAHLLTIKETIRKMIKEARKVIALVMDIFTDVDIFKEIVEASTRGVSVYILLDESNFNHFLNMTEK
QGCSVQRLRNIRVRTVKGQDYLSKTGAKFHGKMEQKFLLVDCQKVMYGSYSYMWSFEKAHLSMVQIITGQLVESFDEEFR
TLYARSCVPSSFAQEESARV
;
_entity_poly.pdbx_seq_one_letter_code_can   
;SMGGTHIDLLFHPPRAHLLTIKETIRKMIKEARKVIALVMDIFTDVDIFKEIVEASTRGVSVYILLDESNFNHFLNMTEK
QGCSVQRLRNIRVRTVKGQDYLSKTGAKFHGKMEQKFLLVDCQKVMYGSYSYMWSFEKAHLSMVQIITGQLVESFDEEFR
TLYARSCVPSSFAQEESARV
;
_entity_poly.pdbx_strand_id                 A 
_entity_poly.pdbx_target_identifier         ? 
# 
loop_
_pdbx_entity_nonpoly.entity_id 
_pdbx_entity_nonpoly.name 
_pdbx_entity_nonpoly.comp_id 
2 1,2-ETHANEDIOL                EDO 
3 'di(piperidin-1-yl)methanone' GOY 
4 water                         HOH 
# 
loop_
_entity_poly_seq.entity_id 
_entity_poly_seq.num 
_entity_poly_seq.mon_id 
_entity_poly_seq.hetero 
1 1   SER n 
1 2   MET n 
1 3   GLY n 
1 4   GLY n 
1 5   THR n 
1 6   HIS n 
1 7   ILE n 
1 8   ASP n 
1 9   LEU n 
1 10  LEU n 
1 11  PHE n 
1 12  HIS n 
1 13  PRO n 
1 14  PRO n 
1 15  ARG n 
1 16  ALA n 
1 17  HIS n 
1 18  LEU n 
1 19  LEU n 
1 20  THR n 
1 21  ILE n 
1 22  LYS n 
1 23  GLU n 
1 24  THR n 
1 25  ILE n 
1 26  ARG n 
1 27  LYS n 
1 28  MET n 
1 29  ILE n 
1 30  LYS n 
1 31  GLU n 
1 32  ALA n 
1 33  ARG n 
1 34  LYS n 
1 35  VAL n 
1 36  ILE n 
1 37  ALA n 
1 38  LEU n 
1 39  VAL n 
1 40  MET n 
1 41  ASP n 
1 42  ILE n 
1 43  PHE n 
1 44  THR n 
1 45  ASP n 
1 46  VAL n 
1 47  ASP n 
1 48  ILE n 
1 49  PHE n 
1 50  LYS n 
1 51  GLU n 
1 52  ILE n 
1 53  VAL n 
1 54  GLU n 
1 55  ALA n 
1 56  SER n 
1 57  THR n 
1 58  ARG n 
1 59  GLY n 
1 60  VAL n 
1 61  SER n 
1 62  VAL n 
1 63  TYR n 
1 64  ILE n 
1 65  LEU n 
1 66  LEU n 
1 67  ASP n 
1 68  GLU n 
1 69  SER n 
1 70  ASN n 
1 71  PHE n 
1 72  ASN n 
1 73  HIS n 
1 74  PHE n 
1 75  LEU n 
1 76  ASN n 
1 77  MET n 
1 78  THR n 
1 79  GLU n 
1 80  LYS n 
1 81  GLN n 
1 82  GLY n 
1 83  CYS n 
1 84  SER n 
1 85  VAL n 
1 86  GLN n 
1 87  ARG n 
1 88  LEU n 
1 89  ARG n 
1 90  ASN n 
1 91  ILE n 
1 92  ARG n 
1 93  VAL n 
1 94  ARG n 
1 95  THR n 
1 96  VAL n 
1 97  LYS n 
1 98  GLY n 
1 99  GLN n 
1 100 ASP n 
1 101 TYR n 
1 102 LEU n 
1 103 SER n 
1 104 LYS n 
1 105 THR n 
1 106 GLY n 
1 107 ALA n 
1 108 LYS n 
1 109 PHE n 
1 110 HIS n 
1 111 GLY n 
1 112 LYS n 
1 113 MET n 
1 114 GLU n 
1 115 GLN n 
1 116 LYS n 
1 117 PHE n 
1 118 LEU n 
1 119 LEU n 
1 120 VAL n 
1 121 ASP n 
1 122 CYS n 
1 123 GLN n 
1 124 LYS n 
1 125 VAL n 
1 126 MET n 
1 127 TYR n 
1 128 GLY n 
1 129 SER n 
1 130 TYR n 
1 131 SER n 
1 132 TYR n 
1 133 MET n 
1 134 TRP n 
1 135 SER n 
1 136 PHE n 
1 137 GLU n 
1 138 LYS n 
1 139 ALA n 
1 140 HIS n 
1 141 LEU n 
1 142 SER n 
1 143 MET n 
1 144 VAL n 
1 145 GLN n 
1 146 ILE n 
1 147 ILE n 
1 148 THR n 
1 149 GLY n 
1 150 GLN n 
1 151 LEU n 
1 152 VAL n 
1 153 GLU n 
1 154 SER n 
1 155 PHE n 
1 156 ASP n 
1 157 GLU n 
1 158 GLU n 
1 159 PHE n 
1 160 ARG n 
1 161 THR n 
1 162 LEU n 
1 163 TYR n 
1 164 ALA n 
1 165 ARG n 
1 166 SER n 
1 167 CYS n 
1 168 VAL n 
1 169 PRO n 
1 170 SER n 
1 171 SER n 
1 172 PHE n 
1 173 ALA n 
1 174 GLN n 
1 175 GLU n 
1 176 GLU n 
1 177 SER n 
1 178 ALA n 
1 179 ARG n 
1 180 VAL n 
# 
_entity_src_gen.entity_id                          1 
_entity_src_gen.pdbx_src_id                        1 
_entity_src_gen.pdbx_alt_source_flag               sample 
_entity_src_gen.pdbx_seq_type                      'Biological sequence' 
_entity_src_gen.pdbx_beg_seq_num                   1 
_entity_src_gen.pdbx_end_seq_num                   180 
_entity_src_gen.gene_src_common_name               Human 
_entity_src_gen.gene_src_genus                     ? 
_entity_src_gen.pdbx_gene_src_gene                 'FAM83B, C6orf143' 
_entity_src_gen.gene_src_species                   ? 
_entity_src_gen.gene_src_strain                    ? 
_entity_src_gen.gene_src_tissue                    ? 
_entity_src_gen.gene_src_tissue_fraction           ? 
_entity_src_gen.gene_src_details                   ? 
_entity_src_gen.pdbx_gene_src_fragment             ? 
_entity_src_gen.pdbx_gene_src_scientific_name      'Homo sapiens' 
_entity_src_gen.pdbx_gene_src_ncbi_taxonomy_id     9606 
_entity_src_gen.pdbx_gene_src_variant              ? 
_entity_src_gen.pdbx_gene_src_cell_line            ? 
_entity_src_gen.pdbx_gene_src_atcc                 ? 
_entity_src_gen.pdbx_gene_src_organ                ? 
_entity_src_gen.pdbx_gene_src_organelle            ? 
_entity_src_gen.pdbx_gene_src_cell                 ? 
_entity_src_gen.pdbx_gene_src_cellular_location    ? 
_entity_src_gen.host_org_common_name               ? 
_entity_src_gen.pdbx_host_org_scientific_name      'Escherichia coli' 
_entity_src_gen.pdbx_host_org_ncbi_taxonomy_id     562 
_entity_src_gen.host_org_genus                     ? 
_entity_src_gen.pdbx_host_org_gene                 ? 
_entity_src_gen.pdbx_host_org_organ                ? 
_entity_src_gen.host_org_species                   ? 
_entity_src_gen.pdbx_host_org_tissue               ? 
_entity_src_gen.pdbx_host_org_tissue_fraction      ? 
_entity_src_gen.pdbx_host_org_strain               ? 
_entity_src_gen.pdbx_host_org_variant              ? 
_entity_src_gen.pdbx_host_org_cell_line            ? 
_entity_src_gen.pdbx_host_org_atcc                 ? 
_entity_src_gen.pdbx_host_org_culture_collection   ? 
_entity_src_gen.pdbx_host_org_cell                 ? 
_entity_src_gen.pdbx_host_org_organelle            ? 
_entity_src_gen.pdbx_host_org_cellular_location    ? 
_entity_src_gen.pdbx_host_org_vector_type          ? 
_entity_src_gen.pdbx_host_org_vector               ? 
_entity_src_gen.host_org_details                   ? 
_entity_src_gen.expression_system_id               ? 
_entity_src_gen.plasmid_name                       ? 
_entity_src_gen.plasmid_details                    ? 
_entity_src_gen.pdbx_description                   ? 
# 
loop_
_chem_comp.id 
_chem_comp.type 
_chem_comp.mon_nstd_flag 
_chem_comp.name 
_chem_comp.pdbx_synonyms 
_chem_comp.formula 
_chem_comp.formula_weight 
ALA 'L-peptide linking' y ALANINE                       ?                 'C3 H7 N O2'     89.093  
ARG 'L-peptide linking' y ARGININE                      ?                 'C6 H15 N4 O2 1' 175.209 
ASN 'L-peptide linking' y ASPARAGINE                    ?                 'C4 H8 N2 O3'    132.118 
ASP 'L-peptide linking' y 'ASPARTIC ACID'               ?                 'C4 H7 N O4'     133.103 
CYS 'L-peptide linking' y CYSTEINE                      ?                 'C3 H7 N O2 S'   121.158 
EDO non-polymer         . 1,2-ETHANEDIOL                'ETHYLENE GLYCOL' 'C2 H6 O2'       62.068  
GLN 'L-peptide linking' y GLUTAMINE                     ?                 'C5 H10 N2 O3'   146.144 
GLU 'L-peptide linking' y 'GLUTAMIC ACID'               ?                 'C5 H9 N O4'     147.129 
GLY 'peptide linking'   y GLYCINE                       ?                 'C2 H5 N O2'     75.067  
GOY non-polymer         . 'di(piperidin-1-yl)methanone' ?                 'C11 H20 N2 O'   196.289 
HIS 'L-peptide linking' y HISTIDINE                     ?                 'C6 H10 N3 O2 1' 156.162 
HOH non-polymer         . WATER                         ?                 'H2 O'           18.015  
ILE 'L-peptide linking' y ISOLEUCINE                    ?                 'C6 H13 N O2'    131.173 
LEU 'L-peptide linking' y LEUCINE                       ?                 'C6 H13 N O2'    131.173 
LYS 'L-peptide linking' y LYSINE                        ?                 'C6 H15 N2 O2 1' 147.195 
MET 'L-peptide linking' y METHIONINE                    ?                 'C5 H11 N O2 S'  149.211 
PHE 'L-peptide linking' y PHENYLALANINE                 ?                 'C9 H11 N O2'    165.189 
PRO 'L-peptide linking' y PROLINE                       ?                 'C5 H9 N O2'     115.130 
SER 'L-peptide linking' y SERINE                        ?                 'C3 H7 N O3'     105.093 
THR 'L-peptide linking' y THREONINE                     ?                 'C4 H9 N O3'     119.119 
TRP 'L-peptide linking' y TRYPTOPHAN                    ?                 'C11 H12 N2 O2'  204.225 
TYR 'L-peptide linking' y TYROSINE                      ?                 'C9 H11 N O3'    181.189 
VAL 'L-peptide linking' y VALINE                        ?                 'C5 H11 N O2'    117.146 
# 
loop_
_pdbx_poly_seq_scheme.asym_id 
_pdbx_poly_seq_scheme.entity_id 
_pdbx_poly_seq_scheme.seq_id 
_pdbx_poly_seq_scheme.mon_id 
_pdbx_poly_seq_scheme.ndb_seq_num 
_pdbx_poly_seq_scheme.pdb_seq_num 
_pdbx_poly_seq_scheme.auth_seq_num 
_pdbx_poly_seq_scheme.pdb_mon_id 
_pdbx_poly_seq_scheme.auth_mon_id 
_pdbx_poly_seq_scheme.pdb_strand_id 
_pdbx_poly_seq_scheme.pdb_ins_code 
_pdbx_poly_seq_scheme.hetero 
A 1 1   SER 1   1   ?   ?   ?   A . n 
A 1 2   MET 2   2   ?   ?   ?   A . n 
A 1 3   GLY 3   3   3   GLY GLY A . n 
A 1 4   GLY 4   4   4   GLY GLY A . n 
A 1 5   THR 5   5   5   THR THR A . n 
A 1 6   HIS 6   6   6   HIS HIS A . n 
A 1 7   ILE 7   7   7   ILE ILE A . n 
A 1 8   ASP 8   8   8   ASP ASP A . n 
A 1 9   LEU 9   9   9   LEU LEU A . n 
A 1 10  LEU 10  10  10  LEU LEU A . n 
A 1 11  PHE 11  11  11  PHE PHE A . n 
A 1 12  HIS 12  12  12  HIS HIS A . n 
A 1 13  PRO 13  13  13  PRO PRO A . n 
A 1 14  PRO 14  14  14  PRO PRO A . n 
A 1 15  ARG 15  15  15  ARG ARG A . n 
A 1 16  ALA 16  16  16  ALA ALA A . n 
A 1 17  HIS 17  17  17  HIS HIS A . n 
A 1 18  LEU 18  18  18  LEU LEU A . n 
A 1 19  LEU 19  19  19  LEU LEU A . n 
A 1 20  THR 20  20  20  THR THR A . n 
A 1 21  ILE 21  21  21  ILE ILE A . n 
A 1 22  LYS 22  22  22  LYS LYS A . n 
A 1 23  GLU 23  23  23  GLU GLU A . n 
A 1 24  THR 24  24  24  THR THR A . n 
A 1 25  ILE 25  25  25  ILE ILE A . n 
A 1 26  ARG 26  26  26  ARG ARG A . n 
A 1 27  LYS 27  27  27  LYS LYS A . n 
A 1 28  MET 28  28  28  MET MET A . n 
A 1 29  ILE 29  29  29  ILE ILE A . n 
A 1 30  LYS 30  30  30  LYS LYS A . n 
A 1 31  GLU 31  31  31  GLU GLU A . n 
A 1 32  ALA 32  32  32  ALA ALA A . n 
A 1 33  ARG 33  33  33  ARG ARG A . n 
A 1 34  LYS 34  34  34  LYS LYS A . n 
A 1 35  VAL 35  35  35  VAL VAL A . n 
A 1 36  ILE 36  36  36  ILE ILE A . n 
A 1 37  ALA 37  37  37  ALA ALA A . n 
A 1 38  LEU 38  38  38  LEU LEU A . n 
A 1 39  VAL 39  39  39  VAL VAL A . n 
A 1 40  MET 40  40  40  MET MET A . n 
A 1 41  ASP 41  41  41  ASP ASP A . n 
A 1 42  ILE 42  42  42  ILE ILE A . n 
A 1 43  PHE 43  43  43  PHE PHE A . n 
A 1 44  THR 44  44  44  THR THR A . n 
A 1 45  ASP 45  45  45  ASP ASP A . n 
A 1 46  VAL 46  46  46  VAL VAL A . n 
A 1 47  ASP 47  47  47  ASP ASP A . n 
A 1 48  ILE 48  48  48  ILE ILE A . n 
A 1 49  PHE 49  49  49  PHE PHE A . n 
A 1 50  LYS 50  50  50  LYS LYS A . n 
A 1 51  GLU 51  51  51  GLU GLU A . n 
A 1 52  ILE 52  52  52  ILE ILE A . n 
A 1 53  VAL 53  53  53  VAL VAL A . n 
A 1 54  GLU 54  54  54  GLU GLU A . n 
A 1 55  ALA 55  55  55  ALA ALA A . n 
A 1 56  SER 56  56  56  SER SER A . n 
A 1 57  THR 57  57  57  THR THR A . n 
A 1 58  ARG 58  58  58  ARG ARG A . n 
A 1 59  GLY 59  59  59  GLY GLY A . n 
A 1 60  VAL 60  60  60  VAL VAL A . n 
A 1 61  SER 61  61  61  SER SER A . n 
A 1 62  VAL 62  62  62  VAL VAL A . n 
A 1 63  TYR 63  63  63  TYR TYR A . n 
A 1 64  ILE 64  64  64  ILE ILE A . n 
A 1 65  LEU 65  65  65  LEU LEU A . n 
A 1 66  LEU 66  66  66  LEU LEU A . n 
A 1 67  ASP 67  67  67  ASP ASP A . n 
A 1 68  GLU 68  68  68  GLU GLU A . n 
A 1 69  SER 69  69  69  SER SER A . n 
A 1 70  ASN 70  70  70  ASN ASN A . n 
A 1 71  PHE 71  71  71  PHE PHE A . n 
A 1 72  ASN 72  72  72  ASN ASN A . n 
A 1 73  HIS 73  73  73  HIS HIS A . n 
A 1 74  PHE 74  74  74  PHE PHE A . n 
A 1 75  LEU 75  75  75  LEU LEU A . n 
A 1 76  ASN 76  76  76  ASN ASN A . n 
A 1 77  MET 77  77  77  MET MET A . n 
A 1 78  THR 78  78  78  THR THR A . n 
A 1 79  GLU 79  79  79  GLU GLU A . n 
A 1 80  LYS 80  80  80  LYS LYS A . n 
A 1 81  GLN 81  81  81  GLN GLN A . n 
A 1 82  GLY 82  82  82  GLY GLY A . n 
A 1 83  CYS 83  83  83  CYS CYS A . n 
A 1 84  SER 84  84  84  SER SER A . n 
A 1 85  VAL 85  85  85  VAL VAL A . n 
A 1 86  GLN 86  86  86  GLN GLN A . n 
A 1 87  ARG 87  87  87  ARG ARG A . n 
A 1 88  LEU 88  88  88  LEU LEU A . n 
A 1 89  ARG 89  89  89  ARG ARG A . n 
A 1 90  ASN 90  90  90  ASN ASN A . n 
A 1 91  ILE 91  91  91  ILE ILE A . n 
A 1 92  ARG 92  92  92  ARG ARG A . n 
A 1 93  VAL 93  93  93  VAL VAL A . n 
A 1 94  ARG 94  94  94  ARG ARG A . n 
A 1 95  THR 95  95  95  THR THR A . n 
A 1 96  VAL 96  96  96  VAL VAL A . n 
A 1 97  LYS 97  97  97  LYS LYS A . n 
A 1 98  GLY 98  98  98  GLY GLY A . n 
A 1 99  GLN 99  99  99  GLN GLN A . n 
A 1 100 ASP 100 100 100 ASP ASP A . n 
A 1 101 TYR 101 101 101 TYR TYR A . n 
A 1 102 LEU 102 102 ?   ?   ?   A . n 
A 1 103 SER 103 103 ?   ?   ?   A . n 
A 1 104 LYS 104 104 ?   ?   ?   A . n 
A 1 105 THR 105 105 ?   ?   ?   A . n 
A 1 106 GLY 106 106 ?   ?   ?   A . n 
A 1 107 ALA 107 107 ?   ?   ?   A . n 
A 1 108 LYS 108 108 ?   ?   ?   A . n 
A 1 109 PHE 109 109 109 PHE PHE A . n 
A 1 110 HIS 110 110 110 HIS HIS A . n 
A 1 111 GLY 111 111 111 GLY GLY A . n 
A 1 112 LYS 112 112 112 LYS LYS A . n 
A 1 113 MET 113 113 113 MET MET A . n 
A 1 114 GLU 114 114 114 GLU GLU A . n 
A 1 115 GLN 115 115 115 GLN GLN A . n 
A 1 116 LYS 116 116 116 LYS LYS A . n 
A 1 117 PHE 117 117 117 PHE PHE A . n 
A 1 118 LEU 118 118 118 LEU LEU A . n 
A 1 119 LEU 119 119 119 LEU LEU A . n 
A 1 120 VAL 120 120 120 VAL VAL A . n 
A 1 121 ASP 121 121 121 ASP ASP A . n 
A 1 122 CYS 122 122 122 CYS CYS A . n 
A 1 123 GLN 123 123 123 GLN GLN A . n 
A 1 124 LYS 124 124 124 LYS LYS A . n 
A 1 125 VAL 125 125 125 VAL VAL A . n 
A 1 126 MET 126 126 126 MET MET A . n 
A 1 127 TYR 127 127 127 TYR TYR A . n 
A 1 128 GLY 128 128 128 GLY GLY A . n 
A 1 129 SER 129 129 129 SER SER A . n 
A 1 130 TYR 130 130 130 TYR TYR A . n 
A 1 131 SER 131 131 131 SER SER A . n 
A 1 132 TYR 132 132 132 TYR TYR A . n 
A 1 133 MET 133 133 133 MET MET A . n 
A 1 134 TRP 134 134 134 TRP TRP A . n 
A 1 135 SER 135 135 135 SER SER A . n 
A 1 136 PHE 136 136 136 PHE PHE A . n 
A 1 137 GLU 137 137 137 GLU GLU A . n 
A 1 138 LYS 138 138 138 LYS LYS A . n 
A 1 139 ALA 139 139 139 ALA ALA A . n 
A 1 140 HIS 140 140 140 HIS HIS A . n 
A 1 141 LEU 141 141 141 LEU LEU A . n 
A 1 142 SER 142 142 142 SER SER A . n 
A 1 143 MET 143 143 143 MET MET A . n 
A 1 144 VAL 144 144 144 VAL VAL A . n 
A 1 145 GLN 145 145 145 GLN GLN A . n 
A 1 146 ILE 146 146 146 ILE ILE A . n 
A 1 147 ILE 147 147 147 ILE ILE A . n 
A 1 148 THR 148 148 148 THR THR A . n 
A 1 149 GLY 149 149 149 GLY GLY A . n 
A 1 150 GLN 150 150 150 GLN GLN A . n 
A 1 151 LEU 151 151 151 LEU LEU A . n 
A 1 152 VAL 152 152 152 VAL VAL A . n 
A 1 153 GLU 153 153 153 GLU GLU A . n 
A 1 154 SER 154 154 154 SER SER A . n 
A 1 155 PHE 155 155 155 PHE PHE A . n 
A 1 156 ASP 156 156 156 ASP ASP A . n 
A 1 157 GLU 157 157 157 GLU GLU A . n 
A 1 158 GLU 158 158 158 GLU GLU A . n 
A 1 159 PHE 159 159 159 PHE PHE A . n 
A 1 160 ARG 160 160 160 ARG ARG A . n 
A 1 161 THR 161 161 161 THR THR A . n 
A 1 162 LEU 162 162 162 LEU LEU A . n 
A 1 163 TYR 163 163 163 TYR TYR A . n 
A 1 164 ALA 164 164 164 ALA ALA A . n 
A 1 165 ARG 165 165 165 ARG ARG A . n 
A 1 166 SER 166 166 166 SER SER A . n 
A 1 167 CYS 167 167 167 CYS CYS A . n 
A 1 168 VAL 168 168 168 VAL VAL A . n 
A 1 169 PRO 169 169 169 PRO PRO A . n 
A 1 170 SER 170 170 170 SER SER A . n 
A 1 171 SER 171 171 171 SER SER A . n 
A 1 172 PHE 172 172 172 PHE PHE A . n 
A 1 173 ALA 173 173 173 ALA ALA A . n 
A 1 174 GLN 174 174 ?   ?   ?   A . n 
A 1 175 GLU 175 175 ?   ?   ?   A . n 
A 1 176 GLU 176 176 ?   ?   ?   A . n 
A 1 177 SER 177 177 ?   ?   ?   A . n 
A 1 178 ALA 178 178 ?   ?   ?   A . n 
A 1 179 ARG 179 179 ?   ?   ?   A . n 
A 1 180 VAL 180 180 ?   ?   ?   A . n 
# 
loop_
_pdbx_nonpoly_scheme.asym_id 
_pdbx_nonpoly_scheme.entity_id 
_pdbx_nonpoly_scheme.mon_id 
_pdbx_nonpoly_scheme.ndb_seq_num 
_pdbx_nonpoly_scheme.pdb_seq_num 
_pdbx_nonpoly_scheme.auth_seq_num 
_pdbx_nonpoly_scheme.pdb_mon_id 
_pdbx_nonpoly_scheme.auth_mon_id 
_pdbx_nonpoly_scheme.pdb_strand_id 
_pdbx_nonpoly_scheme.pdb_ins_code 
B 2 EDO 1  201 1  EDO EDO A . 
C 2 EDO 1  202 2  EDO EDO A . 
D 3 GOY 1  203 1  GOY LIG A . 
E 4 HOH 1  301 21 HOH HOH A . 
E 4 HOH 2  302 64 HOH HOH A . 
E 4 HOH 3  303 79 HOH HOH A . 
E 4 HOH 4  304 97 HOH HOH A . 
E 4 HOH 5  305 61 HOH HOH A . 
E 4 HOH 6  306 56 HOH HOH A . 
E 4 HOH 7  307 49 HOH HOH A . 
E 4 HOH 8  308 28 HOH HOH A . 
E 4 HOH 9  309 30 HOH HOH A . 
E 4 HOH 10 310 68 HOH HOH A . 
E 4 HOH 11 311 98 HOH HOH A . 
E 4 HOH 12 312 42 HOH HOH A . 
E 4 HOH 13 313 51 HOH HOH A . 
E 4 HOH 14 314 46 HOH HOH A . 
E 4 HOH 15 315 58 HOH HOH A . 
E 4 HOH 16 316 59 HOH HOH A . 
E 4 HOH 17 317 39 HOH HOH A . 
E 4 HOH 18 318 19 HOH HOH A . 
E 4 HOH 19 319 2  HOH HOH A . 
E 4 HOH 20 320 95 HOH HOH A . 
E 4 HOH 21 321 86 HOH HOH A . 
E 4 HOH 22 322 12 HOH HOH A . 
E 4 HOH 23 323 94 HOH HOH A . 
E 4 HOH 24 324 26 HOH HOH A . 
E 4 HOH 25 325 91 HOH HOH A . 
E 4 HOH 26 326 4  HOH HOH A . 
E 4 HOH 27 327 29 HOH HOH A . 
E 4 HOH 28 328 55 HOH HOH A . 
E 4 HOH 29 329 71 HOH HOH A . 
E 4 HOH 30 330 37 HOH HOH A . 
E 4 HOH 31 331 10 HOH HOH A . 
E 4 HOH 32 332 88 HOH HOH A . 
E 4 HOH 33 333 13 HOH HOH A . 
E 4 HOH 34 334 17 HOH HOH A . 
E 4 HOH 35 335 1  HOH HOH A . 
E 4 HOH 36 336 8  HOH HOH A . 
E 4 HOH 37 337 82 HOH HOH A . 
E 4 HOH 38 338 87 HOH HOH A . 
E 4 HOH 39 339 9  HOH HOH A . 
E 4 HOH 40 340 93 HOH HOH A . 
E 4 HOH 41 341 36 HOH HOH A . 
E 4 HOH 42 342 7  HOH HOH A . 
E 4 HOH 43 343 40 HOH HOH A . 
E 4 HOH 44 344 22 HOH HOH A . 
E 4 HOH 45 345 3  HOH HOH A . 
E 4 HOH 46 346 96 HOH HOH A . 
E 4 HOH 47 347 81 HOH HOH A . 
E 4 HOH 48 348 6  HOH HOH A . 
E 4 HOH 49 349 23 HOH HOH A . 
E 4 HOH 50 350 77 HOH HOH A . 
E 4 HOH 51 351 80 HOH HOH A . 
E 4 HOH 52 352 11 HOH HOH A . 
E 4 HOH 53 353 60 HOH HOH A . 
E 4 HOH 54 354 83 HOH HOH A . 
E 4 HOH 55 355 62 HOH HOH A . 
E 4 HOH 56 356 14 HOH HOH A . 
E 4 HOH 57 357 90 HOH HOH A . 
E 4 HOH 58 358 5  HOH HOH A . 
E 4 HOH 59 359 66 HOH HOH A . 
E 4 HOH 60 360 44 HOH HOH A . 
E 4 HOH 61 361 20 HOH HOH A . 
E 4 HOH 62 362 15 HOH HOH A . 
E 4 HOH 63 363 24 HOH HOH A . 
E 4 HOH 64 364 16 HOH HOH A . 
E 4 HOH 65 365 45 HOH HOH A . 
E 4 HOH 66 366 63 HOH HOH A . 
E 4 HOH 67 367 34 HOH HOH A . 
E 4 HOH 68 368 25 HOH HOH A . 
E 4 HOH 69 369 67 HOH HOH A . 
E 4 HOH 70 370 84 HOH HOH A . 
E 4 HOH 71 371 48 HOH HOH A . 
E 4 HOH 72 372 69 HOH HOH A . 
E 4 HOH 73 373 18 HOH HOH A . 
E 4 HOH 74 374 53 HOH HOH A . 
E 4 HOH 75 375 78 HOH HOH A . 
E 4 HOH 76 376 33 HOH HOH A . 
E 4 HOH 77 377 74 HOH HOH A . 
E 4 HOH 78 378 89 HOH HOH A . 
E 4 HOH 79 379 41 HOH HOH A . 
E 4 HOH 80 380 35 HOH HOH A . 
E 4 HOH 81 381 72 HOH HOH A . 
E 4 HOH 82 382 32 HOH HOH A . 
E 4 HOH 83 383 70 HOH HOH A . 
E 4 HOH 84 384 38 HOH HOH A . 
E 4 HOH 85 385 52 HOH HOH A . 
E 4 HOH 86 386 85 HOH HOH A . 
E 4 HOH 87 387 73 HOH HOH A . 
E 4 HOH 88 388 92 HOH HOH A . 
# 
loop_
_pdbx_unobs_or_zero_occ_atoms.id 
_pdbx_unobs_or_zero_occ_atoms.PDB_model_num 
_pdbx_unobs_or_zero_occ_atoms.polymer_flag 
_pdbx_unobs_or_zero_occ_atoms.occupancy_flag 
_pdbx_unobs_or_zero_occ_atoms.auth_asym_id 
_pdbx_unobs_or_zero_occ_atoms.auth_comp_id 
_pdbx_unobs_or_zero_occ_atoms.auth_seq_id 
_pdbx_unobs_or_zero_occ_atoms.PDB_ins_code 
_pdbx_unobs_or_zero_occ_atoms.auth_atom_id 
_pdbx_unobs_or_zero_occ_atoms.label_alt_id 
_pdbx_unobs_or_zero_occ_atoms.label_asym_id 
_pdbx_unobs_or_zero_occ_atoms.label_comp_id 
_pdbx_unobs_or_zero_occ_atoms.label_seq_id 
_pdbx_unobs_or_zero_occ_atoms.label_atom_id 
1 1 Y 1 A ARG 89 ? CG  ? A ARG 89 CG  
2 1 Y 1 A ARG 89 ? CD  ? A ARG 89 CD  
3 1 Y 1 A ARG 89 ? NE  ? A ARG 89 NE  
4 1 Y 1 A ARG 89 ? CZ  ? A ARG 89 CZ  
5 1 Y 1 A ARG 89 ? NH1 ? A ARG 89 NH1 
6 1 Y 1 A ARG 89 ? NH2 ? A ARG 89 NH2 
# 
loop_
_software.pdbx_ordinal 
_software.name 
_software.version 
_software.date 
_software.type 
_software.contact_author 
_software.contact_author_email 
_software.classification 
_software.location 
_software.language 
_software.citation_id 
1 REFMAC      5.8.0189 ?               program 'Garib N. Murshudov' garib@ysbl.york.ac.uk    refinement        
http://www.ccp4.ac.uk/dist/html/refmac5.html        Fortran_77 ? 
2 Aimless     0.5.32   29/03/17        program 'Phil Evans'         ?                        'data scaling'    
http://www.mrc-lmb.cam.ac.uk/harry/pre/aimless.html ?          ? 
3 PDB_EXTRACT 3.23     'SEP. 23, 2016' package PDB                  deposit@deposit.rcsb.org 'data extraction' 
http://sw-tools.pdb.org/apps/PDB_EXTRACT/           C++        ? 
4 XDS         .        ?               program ?                    ?                        'data reduction'  ? ?          ? 
5 REFMAC      .        ?               program ?                    ?                        phasing           ? ?          ? 
# 
_cell.entry_id           5QHO 
_cell.length_a           50.520 
_cell.length_b           50.520 
_cell.length_c           152.856 
_cell.angle_alpha        90.000 
_cell.angle_beta         90.000 
_cell.angle_gamma        90.000 
_cell.Z_PDB              8 
_cell.pdbx_unique_axis   ? 
# 
_symmetry.entry_id                         5QHO 
_symmetry.Int_Tables_number                91 
_symmetry.space_group_name_H-M             'P 41 2 2' 
_symmetry.pdbx_full_space_group_name_H-M   ? 
_symmetry.cell_setting                     ? 
# 
_exptl.crystals_number   1 
_exptl.entry_id          5QHO 
_exptl.method            'X-RAY DIFFRACTION' 
# 
_exptl_crystal.id                    1 
_exptl_crystal.pdbx_mosaicity        0.000 
_exptl_crystal.pdbx_mosaicity_esd    ? 
_exptl_crystal.density_Matthews      2.35 
_exptl_crystal.density_diffrn        ? 
_exptl_crystal.density_meas          ? 
_exptl_crystal.density_meas_temp     ? 
_exptl_crystal.density_percent_sol   47.58 
_exptl_crystal.size_max              ? 
_exptl_crystal.size_mid              ? 
_exptl_crystal.size_min              ? 
_exptl_crystal.size_rad              ? 
_exptl_crystal.description           ? 
# 
_exptl_crystal_grow.crystal_id      1 
_exptl_crystal_grow.method          'VAPOR DIFFUSION, SITTING DROP' 
_exptl_crystal_grow.pH              7.0 
_exptl_crystal_grow.temp            293 
_exptl_crystal_grow.pdbx_details    '27.3% Tacsimate pH 7.0, 0.15 M NaCl' 
_exptl_crystal_grow.temp_details    ? 
_exptl_crystal_grow.pdbx_pH_range   ? 
# 
_diffrn.id                     1 
_diffrn.ambient_temp           100 
_diffrn.crystal_id             1 
_diffrn.ambient_temp_details   ? 
# 
_diffrn_detector.detector               PIXEL 
_diffrn_detector.type                   'DECTRIS PILATUS 6M' 
_diffrn_detector.pdbx_collection_date   2017-08-04 
_diffrn_detector.diffrn_id              1 
_diffrn_detector.details                ? 
# 
_diffrn_radiation.diffrn_id                        1 
_diffrn_radiation.wavelength_id                    1 
_diffrn_radiation.pdbx_diffrn_protocol             'SINGLE WAVELENGTH' 
_diffrn_radiation.pdbx_monochromatic_or_laue_m_l   ? 
_diffrn_radiation.monochromator                    ? 
_diffrn_radiation.pdbx_scattering_type             x-ray 
# 
_diffrn_radiation_wavelength.id           1 
_diffrn_radiation_wavelength.wavelength   0.91587 
_diffrn_radiation_wavelength.wt           1.0 
# 
_diffrn_source.diffrn_id                   1 
_diffrn_source.source                      SYNCHROTRON 
_diffrn_source.type                        'DIAMOND BEAMLINE I04-1' 
_diffrn_source.pdbx_wavelength_list        0.91587 
_diffrn_source.pdbx_synchrotron_site       Diamond 
_diffrn_source.pdbx_synchrotron_beamline   I04-1 
_diffrn_source.pdbx_wavelength             ? 
# 
_reflns.entry_id                     5QHO 
_reflns.pdbx_diffrn_id               1 
_reflns.pdbx_ordinal                 1 
_reflns.observed_criterion_sigma_I   ? 
_reflns.observed_criterion_sigma_F   ? 
_reflns.d_resolution_low             50.480 
_reflns.d_resolution_high            1.660 
_reflns.number_obs                   24132 
_reflns.number_all                   ? 
_reflns.percent_possible_obs         99.500 
_reflns.pdbx_Rmerge_I_obs            0.055 
_reflns.pdbx_Rsym_value              ? 
_reflns.pdbx_netI_over_sigmaI        13.700 
_reflns.B_iso_Wilson_estimate        ? 
_reflns.pdbx_redundancy              8.100 
_reflns.pdbx_Rrim_I_all              0.059 
_reflns.pdbx_Rpim_I_all              0.020 
_reflns.pdbx_CC_half                 1.000 
_reflns.pdbx_netI_over_av_sigmaI     ? 
_reflns.pdbx_number_measured_all     195256 
_reflns.pdbx_scaling_rejects         22 
_reflns.pdbx_chi_squared             ? 
_reflns.Rmerge_F_all                 ? 
_reflns.Rmerge_F_obs                 ? 
_reflns.observed_criterion_F_max     ? 
_reflns.observed_criterion_F_min     ? 
_reflns.observed_criterion_I_max     ? 
_reflns.observed_criterion_I_min     ? 
_reflns.pdbx_d_res_high_opt          ? 
_reflns.pdbx_d_res_low_opt           ? 
_reflns.details                      ? 
# 
loop_
_reflns_shell.pdbx_diffrn_id 
_reflns_shell.pdbx_ordinal 
_reflns_shell.d_res_high 
_reflns_shell.d_res_low 
_reflns_shell.number_measured_obs 
_reflns_shell.number_measured_all 
_reflns_shell.number_unique_obs 
_reflns_shell.pdbx_rejects 
_reflns_shell.Rmerge_I_obs 
_reflns_shell.meanI_over_sigI_obs 
_reflns_shell.pdbx_Rsym_value 
_reflns_shell.pdbx_chi_squared 
_reflns_shell.pdbx_redundancy 
_reflns_shell.percent_possible_obs 
_reflns_shell.pdbx_netI_over_sigmaI_obs 
_reflns_shell.number_possible 
_reflns_shell.number_unique_all 
_reflns_shell.Rmerge_F_all 
_reflns_shell.Rmerge_F_obs 
_reflns_shell.Rmerge_I_all 
_reflns_shell.meanI_over_sigI_all 
_reflns_shell.percent_possible_all 
_reflns_shell.pdbx_Rrim_I_all 
_reflns_shell.pdbx_Rpim_I_all 
_reflns_shell.pdbx_CC_half 
1 1 1.660 1.700  ? 11894 ? ? 2.061 ? ? ? 6.800 ? 1.000  ? 1744 ? ? ? ? 100.000 2.227 0.824 0.506 
1 2 7.420 50.480 ? 2376  ? ? 0.022 ? ? ? 7.200 ? 53.300 ? 328  ? ? ? ? 97.100  0.024 0.009 1.000 
# 
_refine.entry_id                                 5QHO 
_refine.pdbx_refine_id                           'X-RAY DIFFRACTION' 
_refine.ls_d_res_high                            1.6600 
_refine.ls_d_res_low                             50.5200 
_refine.pdbx_ls_sigma_F                          0.000 
_refine.pdbx_data_cutoff_high_absF               ? 
_refine.pdbx_data_cutoff_low_absF                ? 
_refine.ls_percent_reflns_obs                    97.5600 
_refine.ls_number_reflns_obs                     22596 
_refine.ls_number_reflns_all                     ? 
_refine.pdbx_ls_cross_valid_method               THROUGHOUT 
_refine.ls_matrix_type                           ? 
_refine.pdbx_R_Free_selection_details            RANDOM 
_refine.details                                  
'HYDROGENS HAVE BEEN ADDED IN THE RIDING POSITIONS U VALUES      : REFINED INDIVIDUALLY' 
_refine.ls_R_factor_all                          ? 
_refine.ls_R_factor_obs                          0.1998 
_refine.ls_R_factor_R_work                       0.1978 
_refine.ls_wR_factor_R_work                      ? 
_refine.ls_R_factor_R_free                       0.2353 
_refine.ls_wR_factor_R_free                      ? 
_refine.ls_percent_reflns_R_free                 5.3000 
_refine.ls_number_reflns_R_free                  1256 
_refine.ls_number_reflns_R_work                  ? 
_refine.ls_R_factor_R_free_error                 ? 
_refine.B_iso_mean                               33.5980 
_refine.solvent_model_param_bsol                 ? 
_refine.solvent_model_param_ksol                 ? 
_refine.pdbx_isotropic_thermal_model             ? 
_refine.aniso_B[1][1]                            0.5600 
_refine.aniso_B[2][2]                            0.5600 
_refine.aniso_B[3][3]                            -1.1300 
_refine.aniso_B[1][2]                            -0.0000 
_refine.aniso_B[1][3]                            -0.0000 
_refine.aniso_B[2][3]                            -0.0000 
_refine.correlation_coeff_Fo_to_Fc               0.9640 
_refine.correlation_coeff_Fo_to_Fc_free          0.9540 
_refine.overall_SU_R_Cruickshank_DPI             ? 
_refine.pdbx_overall_SU_R_free_Cruickshank_DPI   ? 
_refine.pdbx_overall_SU_R_Blow_DPI               ? 
_refine.pdbx_overall_SU_R_free_Blow_DPI          ? 
_refine.overall_SU_R_free                        ? 
_refine.pdbx_overall_ESU_R                       0.0990 
_refine.pdbx_overall_ESU_R_Free                  0.1020 
_refine.overall_SU_ML                            0.0820 
_refine.overall_SU_B                             2.6490 
_refine.solvent_model_details                    MASK 
_refine.pdbx_solvent_vdw_probe_radii             1.2000 
_refine.pdbx_solvent_ion_probe_radii             0.8000 
_refine.pdbx_solvent_shrinkage_radii             0.8000 
_refine.ls_number_parameters                     ? 
_refine.ls_number_restraints                     ? 
_refine.pdbx_starting_model                      5LZK 
_refine.pdbx_method_to_determine_struct          'FOURIER SYNTHESIS' 
_refine.pdbx_stereochemistry_target_values       'MAXIMUM LIKELIHOOD' 
_refine.pdbx_stereochem_target_val_spec_case     ? 
_refine.overall_FOM_work_R_set                   ? 
_refine.B_iso_max                                112.090 
_refine.B_iso_min                                18.850 
_refine.pdbx_overall_phase_error                 ? 
_refine.occupancy_max                            ? 
_refine.occupancy_min                            ? 
_refine.pdbx_diffrn_id                           1 
_refine.pdbx_TLS_residual_ADP_flag               ? 
_refine.pdbx_ls_sigma_I                          ? 
_refine.pdbx_data_cutoff_high_rms_absF           ? 
_refine.ls_R_factor_R_free_error_details         ? 
# 
_refine_hist.cycle_id                         final 
_refine_hist.pdbx_refine_id                   'X-RAY DIFFRACTION' 
_refine_hist.d_res_high                       1.6600 
_refine_hist.d_res_low                        50.5200 
_refine_hist.pdbx_number_atoms_ligand         22 
_refine_hist.number_atoms_solvent             88 
_refine_hist.number_atoms_total               1441 
_refine_hist.pdbx_number_residues_total       164 
_refine_hist.pdbx_B_iso_mean_ligand           41.66 
_refine_hist.pdbx_B_iso_mean_solvent          45.99 
_refine_hist.pdbx_number_atoms_protein        1331 
_refine_hist.pdbx_number_atoms_nucleic_acid   0 
# 
loop_
_refine_ls_restr.pdbx_refine_id 
_refine_ls_restr.type 
_refine_ls_restr.number 
_refine_ls_restr.dev_ideal 
_refine_ls_restr.dev_ideal_target 
_refine_ls_restr.weight 
_refine_ls_restr.pdbx_restraint_function 
'X-RAY DIFFRACTION' r_bond_refined_d       1395 0.017  0.019  ? ? 
'X-RAY DIFFRACTION' r_bond_other_d         1333 0.002  0.020  ? ? 
'X-RAY DIFFRACTION' r_angle_refined_deg    1874 1.782  1.951  ? ? 
'X-RAY DIFFRACTION' r_angle_other_deg      3085 1.014  2.976  ? ? 
'X-RAY DIFFRACTION' r_dihedral_angle_1_deg 166  6.534  5.000  ? ? 
'X-RAY DIFFRACTION' r_dihedral_angle_2_deg 65   37.384 22.923 ? ? 
'X-RAY DIFFRACTION' r_dihedral_angle_3_deg 257  15.927 15.000 ? ? 
'X-RAY DIFFRACTION' r_dihedral_angle_4_deg 9    17.776 15.000 ? ? 
'X-RAY DIFFRACTION' r_chiral_restr         209  0.113  0.200  ? ? 
'X-RAY DIFFRACTION' r_gen_planes_refined   1513 0.009  0.020  ? ? 
'X-RAY DIFFRACTION' r_gen_planes_other     296  0.002  0.020  ? ? 
'X-RAY DIFFRACTION' r_mcbond_it            664  2.872  3.026  ? ? 
'X-RAY DIFFRACTION' r_mcbond_other         663  2.852  3.016  ? ? 
'X-RAY DIFFRACTION' r_mcangle_it           830  4.055  4.508  ? ? 
# 
_refine_ls_shell.d_res_high                       1.6580 
_refine_ls_shell.d_res_low                        1.7010 
_refine_ls_shell.pdbx_total_number_of_bins_used   20 
_refine_ls_shell.percent_reflns_obs               91.2200 
_refine_ls_shell.number_reflns_R_work             1525 
_refine_ls_shell.R_factor_all                     ? 
_refine_ls_shell.R_factor_R_work                  0.3970 
_refine_ls_shell.R_factor_R_free                  0.4300 
_refine_ls_shell.percent_reflns_R_free            ? 
_refine_ls_shell.number_reflns_R_free             85 
_refine_ls_shell.R_factor_R_free_error            ? 
_refine_ls_shell.number_reflns_all                1610 
_refine_ls_shell.number_reflns_obs                ? 
_refine_ls_shell.pdbx_refine_id                   'X-RAY DIFFRACTION' 
_refine_ls_shell.R_factor_obs                     ? 
# 
_struct.entry_id                  5QHO 
_struct.title                     
;PanDDA analysis group deposition of models with modelled events (e.g. bound ligands) -- Crystal Structure of human FAM83B in complex with FMOPL000010a
;
_struct.pdbx_model_details        ? 
_struct.pdbx_CASP_flag            ? 
_struct.pdbx_model_type_details   ? 
# 
_struct_keywords.entry_id        5QHO 
_struct_keywords.text            'PanDDA, SGC - Diamond I04-1 fragment screening, DUF1669 domain, XChemExplorer, PROTEIN BINDING' 
_struct_keywords.pdbx_keywords   'PROTEIN BINDING' 
# 
loop_
_struct_asym.id 
_struct_asym.pdbx_blank_PDB_chainid_flag 
_struct_asym.pdbx_modified 
_struct_asym.entity_id 
_struct_asym.details 
A N N 1 ? 
B N N 2 ? 
C N N 2 ? 
D N N 3 ? 
E N N 4 ? 
# 
_struct_ref.id                         1 
_struct_ref.db_name                    UNP 
_struct_ref.db_code                    FA83B_HUMAN 
_struct_ref.pdbx_db_accession          Q5T0W9 
_struct_ref.pdbx_db_isoform            ? 
_struct_ref.entity_id                  1 
_struct_ref.pdbx_seq_one_letter_code   
;GGTHIDLLFHPPRAHLLTIKETIRKMIKEARKVIALVMDIFTDVDIFKEIVEASTRGVSVYILLDESNFNHFLNMTEKQG
CSVQRLRNIRVRTVKGQDYLSKTGAKFHGKMEQKFLLVDCQKVMYGSYSYMWSFEKAHLSMVQIITGQLVESFDEEFRTL
YARSCVPSSFAQEESARV
;
_struct_ref.pdbx_align_begin           117 
# 
_struct_ref_seq.align_id                      1 
_struct_ref_seq.ref_id                        1 
_struct_ref_seq.pdbx_PDB_id_code              5QHO 
_struct_ref_seq.pdbx_strand_id                A 
_struct_ref_seq.seq_align_beg                 3 
_struct_ref_seq.pdbx_seq_align_beg_ins_code   ? 
_struct_ref_seq.seq_align_end                 180 
_struct_ref_seq.pdbx_seq_align_end_ins_code   ? 
_struct_ref_seq.pdbx_db_accession             Q5T0W9 
_struct_ref_seq.db_align_beg                  117 
_struct_ref_seq.pdbx_db_align_beg_ins_code    ? 
_struct_ref_seq.db_align_end                  294 
_struct_ref_seq.pdbx_db_align_end_ins_code    ? 
_struct_ref_seq.pdbx_auth_seq_align_beg       3 
_struct_ref_seq.pdbx_auth_seq_align_end       180 
# 
loop_
_struct_ref_seq_dif.align_id 
_struct_ref_seq_dif.pdbx_pdb_id_code 
_struct_ref_seq_dif.mon_id 
_struct_ref_seq_dif.pdbx_pdb_strand_id 
_struct_ref_seq_dif.seq_num 
_struct_ref_seq_dif.pdbx_pdb_ins_code 
_struct_ref_seq_dif.pdbx_seq_db_name 
_struct_ref_seq_dif.pdbx_seq_db_accession_code 
_struct_ref_seq_dif.db_mon_id 
_struct_ref_seq_dif.pdbx_seq_db_seq_num 
_struct_ref_seq_dif.details 
_struct_ref_seq_dif.pdbx_auth_seq_num 
_struct_ref_seq_dif.pdbx_ordinal 
1 5QHO SER A 1 ? UNP Q5T0W9 ? ? 'expression tag' 1 1 
1 5QHO MET A 2 ? UNP Q5T0W9 ? ? 'expression tag' 2 2 
# 
_pdbx_struct_assembly.id                   1 
_pdbx_struct_assembly.details              author_and_software_defined_assembly 
_pdbx_struct_assembly.method_details       PISA 
_pdbx_struct_assembly.oligomeric_details   dimeric 
_pdbx_struct_assembly.oligomeric_count     2 
# 
loop_
_pdbx_struct_assembly_prop.biol_id 
_pdbx_struct_assembly_prop.type 
_pdbx_struct_assembly_prop.value 
_pdbx_struct_assembly_prop.details 
1 'ABSA (A^2)' 3890  ? 
1 MORE         -8    ? 
1 'SSA (A^2)'  14630 ? 
# 
_pdbx_struct_assembly_gen.assembly_id       1 
_pdbx_struct_assembly_gen.oper_expression   1,2 
_pdbx_struct_assembly_gen.asym_id_list      A,B,C,D,E 
# 
loop_
_pdbx_struct_oper_list.id 
_pdbx_struct_oper_list.type 
_pdbx_struct_oper_list.name 
_pdbx_struct_oper_list.symmetry_operation 
_pdbx_struct_oper_list.matrix[1][1] 
_pdbx_struct_oper_list.matrix[1][2] 
_pdbx_struct_oper_list.matrix[1][3] 
_pdbx_struct_oper_list.vector[1] 
_pdbx_struct_oper_list.matrix[2][1] 
_pdbx_struct_oper_list.matrix[2][2] 
_pdbx_struct_oper_list.matrix[2][3] 
_pdbx_struct_oper_list.vector[2] 
_pdbx_struct_oper_list.matrix[3][1] 
_pdbx_struct_oper_list.matrix[3][2] 
_pdbx_struct_oper_list.matrix[3][3] 
_pdbx_struct_oper_list.vector[3] 
1 'identity operation'         1_555 x,y,z          1.0000000000  0.0000000000 0.0000000000  0.0000000000   0.0000000000 1.0000000000  0.0000000000  0.0000000000  0.0000000000  0.0000000000  1.0000000000  0.0000000000   
2 'crystal symmetry operation' 7_465 y-1,x+1,-z+3/4 -0.7691718410 0.4406769348 -0.4627942503 -20.7996493185 0.4406769348 -0.1586981340 -0.8835263105 -3.7043822628 -0.4627942503 -0.8835263105 -0.0721300250 -13.9016000658 
# 
loop_
_struct_conf.conf_type_id 
_struct_conf.id 
_struct_conf.pdbx_PDB_helix_id 
_struct_conf.beg_label_comp_id 
_struct_conf.beg_label_asym_id 
_struct_conf.beg_label_seq_id 
_struct_conf.pdbx_beg_PDB_ins_code 
_struct_conf.end_label_comp_id 
_struct_conf.end_label_asym_id 
_struct_conf.end_label_seq_id 
_struct_conf.pdbx_end_PDB_ins_code 
_struct_conf.beg_auth_comp_id 
_struct_conf.beg_auth_asym_id 
_struct_conf.beg_auth_seq_id 
_struct_conf.end_auth_comp_id 
_struct_conf.end_auth_asym_id 
_struct_conf.end_auth_seq_id 
_struct_conf.pdbx_PDB_helix_class 
_struct_conf.details 
_struct_conf.pdbx_PDB_helix_length 
HELX_P HELX_P1 AA1 THR A 20  ? GLU A 31  ? THR A 20  GLU A 31  1 ? 12 
HELX_P HELX_P2 AA2 ASP A 45  ? ARG A 58  ? ASP A 45  ARG A 58  1 ? 14 
HELX_P HELX_P3 AA3 ASN A 70  ? GLN A 81  ? ASN A 70  GLN A 81  1 ? 12 
HELX_P HELX_P4 AA4 SER A 84  ? LEU A 88  ? SER A 84  LEU A 88  5 ? 5  
HELX_P HELX_P5 AA5 MET A 133 ? ALA A 139 ? MET A 133 ALA A 139 1 ? 7  
HELX_P HELX_P6 AA6 GLN A 150 ? ARG A 165 ? GLN A 150 ARG A 165 1 ? 16 
# 
_struct_conf_type.id          HELX_P 
_struct_conf_type.criteria    ? 
_struct_conf_type.reference   ? 
# 
_struct_conn.id                            disulf1 
_struct_conn.conn_type_id                  disulf 
_struct_conn.pdbx_leaving_atom_flag        ? 
_struct_conn.pdbx_PDB_id                   ? 
_struct_conn.ptnr1_label_asym_id           A 
_struct_conn.ptnr1_label_comp_id           CYS 
_struct_conn.ptnr1_label_seq_id            167 
_struct_conn.ptnr1_label_atom_id           SG 
_struct_conn.pdbx_ptnr1_label_alt_id       ? 
_struct_conn.pdbx_ptnr1_PDB_ins_code       ? 
_struct_conn.pdbx_ptnr1_standard_comp_id   ? 
_struct_conn.ptnr1_symmetry                1_555 
_struct_conn.ptnr2_label_asym_id           A 
_struct_conn.ptnr2_label_comp_id           CYS 
_struct_conn.ptnr2_label_seq_id            167 
_struct_conn.ptnr2_label_atom_id           SG 
_struct_conn.pdbx_ptnr2_label_alt_id       ? 
_struct_conn.pdbx_ptnr2_PDB_ins_code       ? 
_struct_conn.ptnr1_auth_asym_id            A 
_struct_conn.ptnr1_auth_comp_id            CYS 
_struct_conn.ptnr1_auth_seq_id             167 
_struct_conn.ptnr2_auth_asym_id            A 
_struct_conn.ptnr2_auth_comp_id            CYS 
_struct_conn.ptnr2_auth_seq_id             167 
_struct_conn.ptnr2_symmetry                5_556 
_struct_conn.pdbx_ptnr3_label_atom_id      ? 
_struct_conn.pdbx_ptnr3_label_seq_id       ? 
_struct_conn.pdbx_ptnr3_label_comp_id      ? 
_struct_conn.pdbx_ptnr3_label_asym_id      ? 
_struct_conn.pdbx_ptnr3_label_alt_id       ? 
_struct_conn.pdbx_ptnr3_PDB_ins_code       ? 
_struct_conn.details                       ? 
_struct_conn.pdbx_dist_value               2.003 
_struct_conn.pdbx_value_order              ? 
_struct_conn.pdbx_role                     ? 
# 
_struct_conn_type.id          disulf 
_struct_conn_type.criteria    ? 
_struct_conn_type.reference   ? 
# 
_pdbx_modification_feature.ordinal                            1 
_pdbx_modification_feature.label_comp_id                      CYS 
_pdbx_modification_feature.label_asym_id                      A 
_pdbx_modification_feature.label_seq_id                       167 
_pdbx_modification_feature.label_alt_id                       ? 
_pdbx_modification_feature.modified_residue_label_comp_id     CYS 
_pdbx_modification_feature.modified_residue_label_asym_id     A 
_pdbx_modification_feature.modified_residue_label_seq_id      167 
_pdbx_modification_feature.modified_residue_label_alt_id      ? 
_pdbx_modification_feature.auth_comp_id                       CYS 
_pdbx_modification_feature.auth_asym_id                       A 
_pdbx_modification_feature.auth_seq_id                        167 
_pdbx_modification_feature.PDB_ins_code                       ? 
_pdbx_modification_feature.symmetry                           1_555 
_pdbx_modification_feature.modified_residue_auth_comp_id      CYS 
_pdbx_modification_feature.modified_residue_auth_asym_id      A 
_pdbx_modification_feature.modified_residue_auth_seq_id       167 
_pdbx_modification_feature.modified_residue_PDB_ins_code      ? 
_pdbx_modification_feature.modified_residue_symmetry          5_556 
_pdbx_modification_feature.comp_id_linking_atom               SG 
_pdbx_modification_feature.modified_residue_id_linking_atom   SG 
_pdbx_modification_feature.modified_residue_id                . 
_pdbx_modification_feature.ref_pcm_id                         . 
_pdbx_modification_feature.ref_comp_id                        . 
_pdbx_modification_feature.type                               None 
_pdbx_modification_feature.category                           'Disulfide bridge' 
# 
_struct_mon_prot_cis.pdbx_id                1 
_struct_mon_prot_cis.label_comp_id          HIS 
_struct_mon_prot_cis.label_seq_id           12 
_struct_mon_prot_cis.label_asym_id          A 
_struct_mon_prot_cis.label_alt_id           . 
_struct_mon_prot_cis.pdbx_PDB_ins_code      ? 
_struct_mon_prot_cis.auth_comp_id           HIS 
_struct_mon_prot_cis.auth_seq_id            12 
_struct_mon_prot_cis.auth_asym_id           A 
_struct_mon_prot_cis.pdbx_label_comp_id_2   PRO 
_struct_mon_prot_cis.pdbx_label_seq_id_2    13 
_struct_mon_prot_cis.pdbx_label_asym_id_2   A 
_struct_mon_prot_cis.pdbx_PDB_ins_code_2    ? 
_struct_mon_prot_cis.pdbx_auth_comp_id_2    PRO 
_struct_mon_prot_cis.pdbx_auth_seq_id_2     13 
_struct_mon_prot_cis.pdbx_auth_asym_id_2    A 
_struct_mon_prot_cis.pdbx_PDB_model_num     1 
_struct_mon_prot_cis.pdbx_omega_angle       3.99 
# 
_struct_sheet.id               AA1 
_struct_sheet.type             ? 
_struct_sheet.number_strands   7 
_struct_sheet.details          ? 
# 
loop_
_struct_sheet_order.sheet_id 
_struct_sheet_order.range_id_1 
_struct_sheet_order.range_id_2 
_struct_sheet_order.offset 
_struct_sheet_order.sense 
AA1 1 2 ? anti-parallel 
AA1 2 3 ? anti-parallel 
AA1 3 4 ? anti-parallel 
AA1 4 5 ? anti-parallel 
AA1 5 6 ? parallel      
AA1 6 7 ? parallel      
# 
loop_
_struct_sheet_range.sheet_id 
_struct_sheet_range.id 
_struct_sheet_range.beg_label_comp_id 
_struct_sheet_range.beg_label_asym_id 
_struct_sheet_range.beg_label_seq_id 
_struct_sheet_range.pdbx_beg_PDB_ins_code 
_struct_sheet_range.end_label_comp_id 
_struct_sheet_range.end_label_asym_id 
_struct_sheet_range.end_label_seq_id 
_struct_sheet_range.pdbx_end_PDB_ins_code 
_struct_sheet_range.beg_auth_comp_id 
_struct_sheet_range.beg_auth_asym_id 
_struct_sheet_range.beg_auth_seq_id 
_struct_sheet_range.end_auth_comp_id 
_struct_sheet_range.end_auth_asym_id 
_struct_sheet_range.end_auth_seq_id 
AA1 1 THR A 5   ? HIS A 12  ? THR A 5   HIS A 12  
AA1 2 SER A 142 ? GLY A 149 ? SER A 142 GLY A 149 
AA1 3 LYS A 124 ? GLY A 128 ? LYS A 124 GLY A 128 
AA1 4 PHE A 117 ? VAL A 120 ? PHE A 117 VAL A 120 
AA1 5 VAL A 35  ? MET A 40  ? VAL A 35  MET A 40  
AA1 6 SER A 61  ? ASP A 67  ? SER A 61  ASP A 67  
AA1 7 ILE A 91  ? VAL A 96  ? ILE A 91  VAL A 96  
# 
loop_
_pdbx_struct_sheet_hbond.sheet_id 
_pdbx_struct_sheet_hbond.range_id_1 
_pdbx_struct_sheet_hbond.range_id_2 
_pdbx_struct_sheet_hbond.range_1_label_atom_id 
_pdbx_struct_sheet_hbond.range_1_label_comp_id 
_pdbx_struct_sheet_hbond.range_1_label_asym_id 
_pdbx_struct_sheet_hbond.range_1_label_seq_id 
_pdbx_struct_sheet_hbond.range_1_PDB_ins_code 
_pdbx_struct_sheet_hbond.range_1_auth_atom_id 
_pdbx_struct_sheet_hbond.range_1_auth_comp_id 
_pdbx_struct_sheet_hbond.range_1_auth_asym_id 
_pdbx_struct_sheet_hbond.range_1_auth_seq_id 
_pdbx_struct_sheet_hbond.range_2_label_atom_id 
_pdbx_struct_sheet_hbond.range_2_label_comp_id 
_pdbx_struct_sheet_hbond.range_2_label_asym_id 
_pdbx_struct_sheet_hbond.range_2_label_seq_id 
_pdbx_struct_sheet_hbond.range_2_PDB_ins_code 
_pdbx_struct_sheet_hbond.range_2_auth_atom_id 
_pdbx_struct_sheet_hbond.range_2_auth_comp_id 
_pdbx_struct_sheet_hbond.range_2_auth_asym_id 
_pdbx_struct_sheet_hbond.range_2_auth_seq_id 
AA1 1 2 N ASP A 8   ? N ASP A 8   O ILE A 146 ? O ILE A 146 
AA1 2 3 O ILE A 147 ? O ILE A 147 N VAL A 125 ? N VAL A 125 
AA1 3 4 O LYS A 124 ? O LYS A 124 N VAL A 120 ? N VAL A 120 
AA1 4 5 O PHE A 117 ? O PHE A 117 N VAL A 39  ? N VAL A 39  
AA1 5 6 N LEU A 38  ? N LEU A 38  O TYR A 63  ? O TYR A 63  
AA1 6 7 N VAL A 62  ? N VAL A 62  O ARG A 92  ? O ARG A 92  
# 
loop_
_struct_site.id 
_struct_site.pdbx_evidence_code 
_struct_site.pdbx_auth_asym_id 
_struct_site.pdbx_auth_comp_id 
_struct_site.pdbx_auth_seq_id 
_struct_site.pdbx_auth_ins_code 
_struct_site.pdbx_num_residues 
_struct_site.details 
AC1 Software A EDO 201 ? 4 'binding site for residue EDO A 201' 
AC2 Software A EDO 202 ? 6 'binding site for residue EDO A 202' 
AC3 Software A GOY 203 ? 4 'binding site for residue GOY A 203' 
# 
loop_
_struct_site_gen.id 
_struct_site_gen.site_id 
_struct_site_gen.pdbx_num_res 
_struct_site_gen.label_comp_id 
_struct_site_gen.label_asym_id 
_struct_site_gen.label_seq_id 
_struct_site_gen.pdbx_auth_ins_code 
_struct_site_gen.auth_comp_id 
_struct_site_gen.auth_asym_id 
_struct_site_gen.auth_seq_id 
_struct_site_gen.label_atom_id 
_struct_site_gen.label_alt_id 
_struct_site_gen.symmetry 
_struct_site_gen.details 
1  AC1 4 ILE A 7   ? ILE A 7   . ? 1_555 ? 
2  AC1 4 ASP A 8   ? ASP A 8   . ? 1_555 ? 
3  AC1 4 LEU A 9   ? LEU A 9   . ? 1_555 ? 
4  AC1 4 SER A 154 ? SER A 154 . ? 7_465 ? 
5  AC2 6 THR A 24  ? THR A 24  . ? 1_555 ? 
6  AC2 6 LYS A 27  ? LYS A 27  . ? 1_555 ? 
7  AC2 6 MET A 28  ? MET A 28  . ? 1_555 ? 
8  AC2 6 LYS A 124 ? LYS A 124 . ? 1_555 ? 
9  AC2 6 HOH E .   ? HOH A 307 . ? 1_555 ? 
10 AC2 6 HOH E .   ? HOH A 371 . ? 1_555 ? 
11 AC3 4 LEU A 119 ? LEU A 119 . ? 1_555 ? 
12 AC3 4 ASP A 156 ? ASP A 156 . ? 1_555 ? 
13 AC3 4 ARG A 160 ? ARG A 160 . ? 1_555 ? 
14 AC3 4 HOH E .   ? HOH A 311 . ? 1_555 ? 
# 
_pdbx_entry_details.entry_id                   5QHO 
_pdbx_entry_details.compound_details           ? 
_pdbx_entry_details.source_details             ? 
_pdbx_entry_details.nonpolymer_details         ? 
_pdbx_entry_details.sequence_details           ? 
_pdbx_entry_details.has_ligand_of_interest     ? 
_pdbx_entry_details.has_protein_modification   Y 
# 
_pdbx_validate_close_contact.id               1 
_pdbx_validate_close_contact.PDB_model_num    1 
_pdbx_validate_close_contact.auth_atom_id_1   O 
_pdbx_validate_close_contact.auth_asym_id_1   A 
_pdbx_validate_close_contact.auth_comp_id_1   HOH 
_pdbx_validate_close_contact.auth_seq_id_1    372 
_pdbx_validate_close_contact.PDB_ins_code_1   ? 
_pdbx_validate_close_contact.label_alt_id_1   ? 
_pdbx_validate_close_contact.auth_atom_id_2   O 
_pdbx_validate_close_contact.auth_asym_id_2   A 
_pdbx_validate_close_contact.auth_comp_id_2   HOH 
_pdbx_validate_close_contact.auth_seq_id_2    383 
_pdbx_validate_close_contact.PDB_ins_code_2   ? 
_pdbx_validate_close_contact.label_alt_id_2   ? 
_pdbx_validate_close_contact.dist             1.61 
# 
loop_
_pdbx_validate_symm_contact.id 
_pdbx_validate_symm_contact.PDB_model_num 
_pdbx_validate_symm_contact.auth_atom_id_1 
_pdbx_validate_symm_contact.auth_asym_id_1 
_pdbx_validate_symm_contact.auth_comp_id_1 
_pdbx_validate_symm_contact.auth_seq_id_1 
_pdbx_validate_symm_contact.PDB_ins_code_1 
_pdbx_validate_symm_contact.label_alt_id_1 
_pdbx_validate_symm_contact.site_symmetry_1 
_pdbx_validate_symm_contact.auth_atom_id_2 
_pdbx_validate_symm_contact.auth_asym_id_2 
_pdbx_validate_symm_contact.auth_comp_id_2 
_pdbx_validate_symm_contact.auth_seq_id_2 
_pdbx_validate_symm_contact.PDB_ins_code_2 
_pdbx_validate_symm_contact.label_alt_id_2 
_pdbx_validate_symm_contact.site_symmetry_2 
_pdbx_validate_symm_contact.dist 
1 1 O A HOH 387 ? ? 1_555 O A HOH 387 ? ? 7_465 0.69 
2 1 O A HOH 367 ? ? 1_555 O A HOH 367 ? ? 7_465 0.72 
3 1 O A HOH 377 ? ? 1_555 O A HOH 377 ? ? 7_465 1.39 
# 
loop_
_pdbx_validate_rmsd_angle.id 
_pdbx_validate_rmsd_angle.PDB_model_num 
_pdbx_validate_rmsd_angle.auth_atom_id_1 
_pdbx_validate_rmsd_angle.auth_asym_id_1 
_pdbx_validate_rmsd_angle.auth_comp_id_1 
_pdbx_validate_rmsd_angle.auth_seq_id_1 
_pdbx_validate_rmsd_angle.PDB_ins_code_1 
_pdbx_validate_rmsd_angle.label_alt_id_1 
_pdbx_validate_rmsd_angle.auth_atom_id_2 
_pdbx_validate_rmsd_angle.auth_asym_id_2 
_pdbx_validate_rmsd_angle.auth_comp_id_2 
_pdbx_validate_rmsd_angle.auth_seq_id_2 
_pdbx_validate_rmsd_angle.PDB_ins_code_2 
_pdbx_validate_rmsd_angle.label_alt_id_2 
_pdbx_validate_rmsd_angle.auth_atom_id_3 
_pdbx_validate_rmsd_angle.auth_asym_id_3 
_pdbx_validate_rmsd_angle.auth_comp_id_3 
_pdbx_validate_rmsd_angle.auth_seq_id_3 
_pdbx_validate_rmsd_angle.PDB_ins_code_3 
_pdbx_validate_rmsd_angle.label_alt_id_3 
_pdbx_validate_rmsd_angle.angle_value 
_pdbx_validate_rmsd_angle.angle_target_value 
_pdbx_validate_rmsd_angle.angle_deviation 
_pdbx_validate_rmsd_angle.angle_standard_deviation 
_pdbx_validate_rmsd_angle.linker_flag 
1 1 NE A ARG 160 ? ? CZ A ARG 160 ? ? NH2 A ARG 160 ? ? 124.08 120.30 3.78  0.50 N 
2 1 NE A ARG 165 ? ? CZ A ARG 165 ? ? NH1 A ARG 165 ? ? 124.59 120.30 4.29  0.50 N 
3 1 NE A ARG 165 ? ? CZ A ARG 165 ? ? NH2 A ARG 165 ? ? 116.18 120.30 -4.12 0.50 N 
# 
loop_
_pdbx_validate_torsion.id 
_pdbx_validate_torsion.PDB_model_num 
_pdbx_validate_torsion.auth_comp_id 
_pdbx_validate_torsion.auth_asym_id 
_pdbx_validate_torsion.auth_seq_id 
_pdbx_validate_torsion.PDB_ins_code 
_pdbx_validate_torsion.label_alt_id 
_pdbx_validate_torsion.phi 
_pdbx_validate_torsion.psi 
1 1 LYS A 34  ? ? -131.40 -51.37 
2 1 GLU A 114 ? ? -104.89 69.92  
# 
_phasing.method   MR 
# 
loop_
_pdbx_unobs_or_zero_occ_residues.id 
_pdbx_unobs_or_zero_occ_residues.PDB_model_num 
_pdbx_unobs_or_zero_occ_residues.polymer_flag 
_pdbx_unobs_or_zero_occ_residues.occupancy_flag 
_pdbx_unobs_or_zero_occ_residues.auth_asym_id 
_pdbx_unobs_or_zero_occ_residues.auth_comp_id 
_pdbx_unobs_or_zero_occ_residues.auth_seq_id 
_pdbx_unobs_or_zero_occ_residues.PDB_ins_code 
_pdbx_unobs_or_zero_occ_residues.label_asym_id 
_pdbx_unobs_or_zero_occ_residues.label_comp_id 
_pdbx_unobs_or_zero_occ_residues.label_seq_id 
1  1 Y 1 A SER 1   ? A SER 1   
2  1 Y 1 A MET 2   ? A MET 2   
3  1 Y 1 A LEU 102 ? A LEU 102 
4  1 Y 1 A SER 103 ? A SER 103 
5  1 Y 1 A LYS 104 ? A LYS 104 
6  1 Y 1 A THR 105 ? A THR 105 
7  1 Y 1 A GLY 106 ? A GLY 106 
8  1 Y 1 A ALA 107 ? A ALA 107 
9  1 Y 1 A LYS 108 ? A LYS 108 
10 1 Y 1 A GLN 174 ? A GLN 174 
11 1 Y 1 A GLU 175 ? A GLU 175 
12 1 Y 1 A GLU 176 ? A GLU 176 
13 1 Y 1 A SER 177 ? A SER 177 
14 1 Y 1 A ALA 178 ? A ALA 178 
15 1 Y 1 A ARG 179 ? A ARG 179 
16 1 Y 1 A VAL 180 ? A VAL 180 
# 
loop_
_chem_comp_atom.comp_id 
_chem_comp_atom.atom_id 
_chem_comp_atom.type_symbol 
_chem_comp_atom.pdbx_aromatic_flag 
_chem_comp_atom.pdbx_stereo_config 
_chem_comp_atom.pdbx_ordinal 
ALA N    N N N 1   
ALA CA   C N S 2   
ALA C    C N N 3   
ALA O    O N N 4   
ALA CB   C N N 5   
ALA OXT  O N N 6   
ALA H    H N N 7   
ALA H2   H N N 8   
ALA HA   H N N 9   
ALA HB1  H N N 10  
ALA HB2  H N N 11  
ALA HB3  H N N 12  
ALA HXT  H N N 13  
ARG N    N N N 14  
ARG CA   C N S 15  
ARG C    C N N 16  
ARG O    O N N 17  
ARG CB   C N N 18  
ARG CG   C N N 19  
ARG CD   C N N 20  
ARG NE   N N N 21  
ARG CZ   C N N 22  
ARG NH1  N N N 23  
ARG NH2  N N N 24  
ARG OXT  O N N 25  
ARG H    H N N 26  
ARG H2   H N N 27  
ARG HA   H N N 28  
ARG HB2  H N N 29  
ARG HB3  H N N 30  
ARG HG2  H N N 31  
ARG HG3  H N N 32  
ARG HD2  H N N 33  
ARG HD3  H N N 34  
ARG HE   H N N 35  
ARG HH11 H N N 36  
ARG HH12 H N N 37  
ARG HH21 H N N 38  
ARG HH22 H N N 39  
ARG HXT  H N N 40  
ASN N    N N N 41  
ASN CA   C N S 42  
ASN C    C N N 43  
ASN O    O N N 44  
ASN CB   C N N 45  
ASN CG   C N N 46  
ASN OD1  O N N 47  
ASN ND2  N N N 48  
ASN OXT  O N N 49  
ASN H    H N N 50  
ASN H2   H N N 51  
ASN HA   H N N 52  
ASN HB2  H N N 53  
ASN HB3  H N N 54  
ASN HD21 H N N 55  
ASN HD22 H N N 56  
ASN HXT  H N N 57  
ASP N    N N N 58  
ASP CA   C N S 59  
ASP C    C N N 60  
ASP O    O N N 61  
ASP CB   C N N 62  
ASP CG   C N N 63  
ASP OD1  O N N 64  
ASP OD2  O N N 65  
ASP OXT  O N N 66  
ASP H    H N N 67  
ASP H2   H N N 68  
ASP HA   H N N 69  
ASP HB2  H N N 70  
ASP HB3  H N N 71  
ASP HD2  H N N 72  
ASP HXT  H N N 73  
CYS N    N N N 74  
CYS CA   C N R 75  
CYS C    C N N 76  
CYS O    O N N 77  
CYS CB   C N N 78  
CYS SG   S N N 79  
CYS OXT  O N N 80  
CYS H    H N N 81  
CYS H2   H N N 82  
CYS HA   H N N 83  
CYS HB2  H N N 84  
CYS HB3  H N N 85  
CYS HG   H N N 86  
CYS HXT  H N N 87  
EDO C1   C N N 88  
EDO O1   O N N 89  
EDO C2   C N N 90  
EDO O2   O N N 91  
EDO H11  H N N 92  
EDO H12  H N N 93  
EDO HO1  H N N 94  
EDO H21  H N N 95  
EDO H22  H N N 96  
EDO HO2  H N N 97  
GLN N    N N N 98  
GLN CA   C N S 99  
GLN C    C N N 100 
GLN O    O N N 101 
GLN CB   C N N 102 
GLN CG   C N N 103 
GLN CD   C N N 104 
GLN OE1  O N N 105 
GLN NE2  N N N 106 
GLN OXT  O N N 107 
GLN H    H N N 108 
GLN H2   H N N 109 
GLN HA   H N N 110 
GLN HB2  H N N 111 
GLN HB3  H N N 112 
GLN HG2  H N N 113 
GLN HG3  H N N 114 
GLN HE21 H N N 115 
GLN HE22 H N N 116 
GLN HXT  H N N 117 
GLU N    N N N 118 
GLU CA   C N S 119 
GLU C    C N N 120 
GLU O    O N N 121 
GLU CB   C N N 122 
GLU CG   C N N 123 
GLU CD   C N N 124 
GLU OE1  O N N 125 
GLU OE2  O N N 126 
GLU OXT  O N N 127 
GLU H    H N N 128 
GLU H2   H N N 129 
GLU HA   H N N 130 
GLU HB2  H N N 131 
GLU HB3  H N N 132 
GLU HG2  H N N 133 
GLU HG3  H N N 134 
GLU HE2  H N N 135 
GLU HXT  H N N 136 
GLY N    N N N 137 
GLY CA   C N N 138 
GLY C    C N N 139 
GLY O    O N N 140 
GLY OXT  O N N 141 
GLY H    H N N 142 
GLY H2   H N N 143 
GLY HA2  H N N 144 
GLY HA3  H N N 145 
GLY HXT  H N N 146 
GOY N1   N N N 147 
GOY C4   C N N 148 
GOY C5   C N N 149 
GOY C6   C N N 150 
GOY C7   C N N 151 
GOY C8   C N N 152 
GOY C10  C N N 153 
GOY N    N N N 154 
GOY C    C N N 155 
GOY O    O N N 156 
GOY C1   C N N 157 
GOY C2   C N N 158 
GOY C3   C N N 159 
GOY C9   C N N 160 
GOY H1   H N N 161 
GOY H2   H N N 162 
GOY H3   H N N 163 
GOY H4   H N N 164 
GOY H5   H N N 165 
GOY H6   H N N 166 
GOY H7   H N N 167 
GOY H8   H N N 168 
GOY H9   H N N 169 
GOY H10  H N N 170 
GOY H11  H N N 171 
GOY H12  H N N 172 
GOY H13  H N N 173 
GOY H14  H N N 174 
GOY H15  H N N 175 
GOY H16  H N N 176 
GOY H17  H N N 177 
GOY H18  H N N 178 
GOY H19  H N N 179 
GOY H20  H N N 180 
HIS N    N N N 181 
HIS CA   C N S 182 
HIS C    C N N 183 
HIS O    O N N 184 
HIS CB   C N N 185 
HIS CG   C Y N 186 
HIS ND1  N Y N 187 
HIS CD2  C Y N 188 
HIS CE1  C Y N 189 
HIS NE2  N Y N 190 
HIS OXT  O N N 191 
HIS H    H N N 192 
HIS H2   H N N 193 
HIS HA   H N N 194 
HIS HB2  H N N 195 
HIS HB3  H N N 196 
HIS HD1  H N N 197 
HIS HD2  H N N 198 
HIS HE1  H N N 199 
HIS HE2  H N N 200 
HIS HXT  H N N 201 
HOH O    O N N 202 
HOH H1   H N N 203 
HOH H2   H N N 204 
ILE N    N N N 205 
ILE CA   C N S 206 
ILE C    C N N 207 
ILE O    O N N 208 
ILE CB   C N S 209 
ILE CG1  C N N 210 
ILE CG2  C N N 211 
ILE CD1  C N N 212 
ILE OXT  O N N 213 
ILE H    H N N 214 
ILE H2   H N N 215 
ILE HA   H N N 216 
ILE HB   H N N 217 
ILE HG12 H N N 218 
ILE HG13 H N N 219 
ILE HG21 H N N 220 
ILE HG22 H N N 221 
ILE HG23 H N N 222 
ILE HD11 H N N 223 
ILE HD12 H N N 224 
ILE HD13 H N N 225 
ILE HXT  H N N 226 
LEU N    N N N 227 
LEU CA   C N S 228 
LEU C    C N N 229 
LEU O    O N N 230 
LEU CB   C N N 231 
LEU CG   C N N 232 
LEU CD1  C N N 233 
LEU CD2  C N N 234 
LEU OXT  O N N 235 
LEU H    H N N 236 
LEU H2   H N N 237 
LEU HA   H N N 238 
LEU HB2  H N N 239 
LEU HB3  H N N 240 
LEU HG   H N N 241 
LEU HD11 H N N 242 
LEU HD12 H N N 243 
LEU HD13 H N N 244 
LEU HD21 H N N 245 
LEU HD22 H N N 246 
LEU HD23 H N N 247 
LEU HXT  H N N 248 
LYS N    N N N 249 
LYS CA   C N S 250 
LYS C    C N N 251 
LYS O    O N N 252 
LYS CB   C N N 253 
LYS CG   C N N 254 
LYS CD   C N N 255 
LYS CE   C N N 256 
LYS NZ   N N N 257 
LYS OXT  O N N 258 
LYS H    H N N 259 
LYS H2   H N N 260 
LYS HA   H N N 261 
LYS HB2  H N N 262 
LYS HB3  H N N 263 
LYS HG2  H N N 264 
LYS HG3  H N N 265 
LYS HD2  H N N 266 
LYS HD3  H N N 267 
LYS HE2  H N N 268 
LYS HE3  H N N 269 
LYS HZ1  H N N 270 
LYS HZ2  H N N 271 
LYS HZ3  H N N 272 
LYS HXT  H N N 273 
MET N    N N N 274 
MET CA   C N S 275 
MET C    C N N 276 
MET O    O N N 277 
MET CB   C N N 278 
MET CG   C N N 279 
MET SD   S N N 280 
MET CE   C N N 281 
MET OXT  O N N 282 
MET H    H N N 283 
MET H2   H N N 284 
MET HA   H N N 285 
MET HB2  H N N 286 
MET HB3  H N N 287 
MET HG2  H N N 288 
MET HG3  H N N 289 
MET HE1  H N N 290 
MET HE2  H N N 291 
MET HE3  H N N 292 
MET HXT  H N N 293 
PHE N    N N N 294 
PHE CA   C N S 295 
PHE C    C N N 296 
PHE O    O N N 297 
PHE CB   C N N 298 
PHE CG   C Y N 299 
PHE CD1  C Y N 300 
PHE CD2  C Y N 301 
PHE CE1  C Y N 302 
PHE CE2  C Y N 303 
PHE CZ   C Y N 304 
PHE OXT  O N N 305 
PHE H    H N N 306 
PHE H2   H N N 307 
PHE HA   H N N 308 
PHE HB2  H N N 309 
PHE HB3  H N N 310 
PHE HD1  H N N 311 
PHE HD2  H N N 312 
PHE HE1  H N N 313 
PHE HE2  H N N 314 
PHE HZ   H N N 315 
PHE HXT  H N N 316 
PRO N    N N N 317 
PRO CA   C N S 318 
PRO C    C N N 319 
PRO O    O N N 320 
PRO CB   C N N 321 
PRO CG   C N N 322 
PRO CD   C N N 323 
PRO OXT  O N N 324 
PRO H    H N N 325 
PRO HA   H N N 326 
PRO HB2  H N N 327 
PRO HB3  H N N 328 
PRO HG2  H N N 329 
PRO HG3  H N N 330 
PRO HD2  H N N 331 
PRO HD3  H N N 332 
PRO HXT  H N N 333 
SER N    N N N 334 
SER CA   C N S 335 
SER C    C N N 336 
SER O    O N N 337 
SER CB   C N N 338 
SER OG   O N N 339 
SER OXT  O N N 340 
SER H    H N N 341 
SER H2   H N N 342 
SER HA   H N N 343 
SER HB2  H N N 344 
SER HB3  H N N 345 
SER HG   H N N 346 
SER HXT  H N N 347 
THR N    N N N 348 
THR CA   C N S 349 
THR C    C N N 350 
THR O    O N N 351 
THR CB   C N R 352 
THR OG1  O N N 353 
THR CG2  C N N 354 
THR OXT  O N N 355 
THR H    H N N 356 
THR H2   H N N 357 
THR HA   H N N 358 
THR HB   H N N 359 
THR HG1  H N N 360 
THR HG21 H N N 361 
THR HG22 H N N 362 
THR HG23 H N N 363 
THR HXT  H N N 364 
TRP N    N N N 365 
TRP CA   C N S 366 
TRP C    C N N 367 
TRP O    O N N 368 
TRP CB   C N N 369 
TRP CG   C Y N 370 
TRP CD1  C Y N 371 
TRP CD2  C Y N 372 
TRP NE1  N Y N 373 
TRP CE2  C Y N 374 
TRP CE3  C Y N 375 
TRP CZ2  C Y N 376 
TRP CZ3  C Y N 377 
TRP CH2  C Y N 378 
TRP OXT  O N N 379 
TRP H    H N N 380 
TRP H2   H N N 381 
TRP HA   H N N 382 
TRP HB2  H N N 383 
TRP HB3  H N N 384 
TRP HD1  H N N 385 
TRP HE1  H N N 386 
TRP HE3  H N N 387 
TRP HZ2  H N N 388 
TRP HZ3  H N N 389 
TRP HH2  H N N 390 
TRP HXT  H N N 391 
TYR N    N N N 392 
TYR CA   C N S 393 
TYR C    C N N 394 
TYR O    O N N 395 
TYR CB   C N N 396 
TYR CG   C Y N 397 
TYR CD1  C Y N 398 
TYR CD2  C Y N 399 
TYR CE1  C Y N 400 
TYR CE2  C Y N 401 
TYR CZ   C Y N 402 
TYR OH   O N N 403 
TYR OXT  O N N 404 
TYR H    H N N 405 
TYR H2   H N N 406 
TYR HA   H N N 407 
TYR HB2  H N N 408 
TYR HB3  H N N 409 
TYR HD1  H N N 410 
TYR HD2  H N N 411 
TYR HE1  H N N 412 
TYR HE2  H N N 413 
TYR HH   H N N 414 
TYR HXT  H N N 415 
VAL N    N N N 416 
VAL CA   C N S 417 
VAL C    C N N 418 
VAL O    O N N 419 
VAL CB   C N N 420 
VAL CG1  C N N 421 
VAL CG2  C N N 422 
VAL OXT  O N N 423 
VAL H    H N N 424 
VAL H2   H N N 425 
VAL HA   H N N 426 
VAL HB   H N N 427 
VAL HG11 H N N 428 
VAL HG12 H N N 429 
VAL HG13 H N N 430 
VAL HG21 H N N 431 
VAL HG22 H N N 432 
VAL HG23 H N N 433 
VAL HXT  H N N 434 
# 
loop_
_chem_comp_bond.comp_id 
_chem_comp_bond.atom_id_1 
_chem_comp_bond.atom_id_2 
_chem_comp_bond.value_order 
_chem_comp_bond.pdbx_aromatic_flag 
_chem_comp_bond.pdbx_stereo_config 
_chem_comp_bond.pdbx_ordinal 
ALA N   CA   sing N N 1   
ALA N   H    sing N N 2   
ALA N   H2   sing N N 3   
ALA CA  C    sing N N 4   
ALA CA  CB   sing N N 5   
ALA CA  HA   sing N N 6   
ALA C   O    doub N N 7   
ALA C   OXT  sing N N 8   
ALA CB  HB1  sing N N 9   
ALA CB  HB2  sing N N 10  
ALA CB  HB3  sing N N 11  
ALA OXT HXT  sing N N 12  
ARG N   CA   sing N N 13  
ARG N   H    sing N N 14  
ARG N   H2   sing N N 15  
ARG CA  C    sing N N 16  
ARG CA  CB   sing N N 17  
ARG CA  HA   sing N N 18  
ARG C   O    doub N N 19  
ARG C   OXT  sing N N 20  
ARG CB  CG   sing N N 21  
ARG CB  HB2  sing N N 22  
ARG CB  HB3  sing N N 23  
ARG CG  CD   sing N N 24  
ARG CG  HG2  sing N N 25  
ARG CG  HG3  sing N N 26  
ARG CD  NE   sing N N 27  
ARG CD  HD2  sing N N 28  
ARG CD  HD3  sing N N 29  
ARG NE  CZ   sing N N 30  
ARG NE  HE   sing N N 31  
ARG CZ  NH1  sing N N 32  
ARG CZ  NH2  doub N N 33  
ARG NH1 HH11 sing N N 34  
ARG NH1 HH12 sing N N 35  
ARG NH2 HH21 sing N N 36  
ARG NH2 HH22 sing N N 37  
ARG OXT HXT  sing N N 38  
ASN N   CA   sing N N 39  
ASN N   H    sing N N 40  
ASN N   H2   sing N N 41  
ASN CA  C    sing N N 42  
ASN CA  CB   sing N N 43  
ASN CA  HA   sing N N 44  
ASN C   O    doub N N 45  
ASN C   OXT  sing N N 46  
ASN CB  CG   sing N N 47  
ASN CB  HB2  sing N N 48  
ASN CB  HB3  sing N N 49  
ASN CG  OD1  doub N N 50  
ASN CG  ND2  sing N N 51  
ASN ND2 HD21 sing N N 52  
ASN ND2 HD22 sing N N 53  
ASN OXT HXT  sing N N 54  
ASP N   CA   sing N N 55  
ASP N   H    sing N N 56  
ASP N   H2   sing N N 57  
ASP CA  C    sing N N 58  
ASP CA  CB   sing N N 59  
ASP CA  HA   sing N N 60  
ASP C   O    doub N N 61  
ASP C   OXT  sing N N 62  
ASP CB  CG   sing N N 63  
ASP CB  HB2  sing N N 64  
ASP CB  HB3  sing N N 65  
ASP CG  OD1  doub N N 66  
ASP CG  OD2  sing N N 67  
ASP OD2 HD2  sing N N 68  
ASP OXT HXT  sing N N 69  
CYS N   CA   sing N N 70  
CYS N   H    sing N N 71  
CYS N   H2   sing N N 72  
CYS CA  C    sing N N 73  
CYS CA  CB   sing N N 74  
CYS CA  HA   sing N N 75  
CYS C   O    doub N N 76  
CYS C   OXT  sing N N 77  
CYS CB  SG   sing N N 78  
CYS CB  HB2  sing N N 79  
CYS CB  HB3  sing N N 80  
CYS SG  HG   sing N N 81  
CYS OXT HXT  sing N N 82  
EDO C1  O1   sing N N 83  
EDO C1  C2   sing N N 84  
EDO C1  H11  sing N N 85  
EDO C1  H12  sing N N 86  
EDO O1  HO1  sing N N 87  
EDO C2  O2   sing N N 88  
EDO C2  H21  sing N N 89  
EDO C2  H22  sing N N 90  
EDO O2  HO2  sing N N 91  
GLN N   CA   sing N N 92  
GLN N   H    sing N N 93  
GLN N   H2   sing N N 94  
GLN CA  C    sing N N 95  
GLN CA  CB   sing N N 96  
GLN CA  HA   sing N N 97  
GLN C   O    doub N N 98  
GLN C   OXT  sing N N 99  
GLN CB  CG   sing N N 100 
GLN CB  HB2  sing N N 101 
GLN CB  HB3  sing N N 102 
GLN CG  CD   sing N N 103 
GLN CG  HG2  sing N N 104 
GLN CG  HG3  sing N N 105 
GLN CD  OE1  doub N N 106 
GLN CD  NE2  sing N N 107 
GLN NE2 HE21 sing N N 108 
GLN NE2 HE22 sing N N 109 
GLN OXT HXT  sing N N 110 
GLU N   CA   sing N N 111 
GLU N   H    sing N N 112 
GLU N   H2   sing N N 113 
GLU CA  C    sing N N 114 
GLU CA  CB   sing N N 115 
GLU CA  HA   sing N N 116 
GLU C   O    doub N N 117 
GLU C   OXT  sing N N 118 
GLU CB  CG   sing N N 119 
GLU CB  HB2  sing N N 120 
GLU CB  HB3  sing N N 121 
GLU CG  CD   sing N N 122 
GLU CG  HG2  sing N N 123 
GLU CG  HG3  sing N N 124 
GLU CD  OE1  doub N N 125 
GLU CD  OE2  sing N N 126 
GLU OE2 HE2  sing N N 127 
GLU OXT HXT  sing N N 128 
GLY N   CA   sing N N 129 
GLY N   H    sing N N 130 
GLY N   H2   sing N N 131 
GLY CA  C    sing N N 132 
GLY CA  HA2  sing N N 133 
GLY CA  HA3  sing N N 134 
GLY C   O    doub N N 135 
GLY C   OXT  sing N N 136 
GLY OXT HXT  sing N N 137 
GOY C1  C    sing N N 138 
GOY C1  C2   sing N N 139 
GOY C   C4   sing N N 140 
GOY C2  N    sing N N 141 
GOY C4  C3   sing N N 142 
GOY N   C3   sing N N 143 
GOY N   C5   sing N N 144 
GOY O   C5   doub N N 145 
GOY C5  N1   sing N N 146 
GOY C10 N1   sing N N 147 
GOY C10 C9   sing N N 148 
GOY N1  C6   sing N N 149 
GOY C9  C8   sing N N 150 
GOY C6  C7   sing N N 151 
GOY C8  C7   sing N N 152 
GOY C4  H1   sing N N 153 
GOY C4  H2   sing N N 154 
GOY C6  H3   sing N N 155 
GOY C6  H4   sing N N 156 
GOY C7  H5   sing N N 157 
GOY C7  H6   sing N N 158 
GOY C8  H7   sing N N 159 
GOY C8  H8   sing N N 160 
GOY C10 H9   sing N N 161 
GOY C10 H10  sing N N 162 
GOY C   H11  sing N N 163 
GOY C   H12  sing N N 164 
GOY C1  H13  sing N N 165 
GOY C1  H14  sing N N 166 
GOY C2  H15  sing N N 167 
GOY C2  H16  sing N N 168 
GOY C3  H17  sing N N 169 
GOY C3  H18  sing N N 170 
GOY C9  H19  sing N N 171 
GOY C9  H20  sing N N 172 
HIS N   CA   sing N N 173 
HIS N   H    sing N N 174 
HIS N   H2   sing N N 175 
HIS CA  C    sing N N 176 
HIS CA  CB   sing N N 177 
HIS CA  HA   sing N N 178 
HIS C   O    doub N N 179 
HIS C   OXT  sing N N 180 
HIS CB  CG   sing N N 181 
HIS CB  HB2  sing N N 182 
HIS CB  HB3  sing N N 183 
HIS CG  ND1  sing Y N 184 
HIS CG  CD2  doub Y N 185 
HIS ND1 CE1  doub Y N 186 
HIS ND1 HD1  sing N N 187 
HIS CD2 NE2  sing Y N 188 
HIS CD2 HD2  sing N N 189 
HIS CE1 NE2  sing Y N 190 
HIS CE1 HE1  sing N N 191 
HIS NE2 HE2  sing N N 192 
HIS OXT HXT  sing N N 193 
HOH O   H1   sing N N 194 
HOH O   H2   sing N N 195 
ILE N   CA   sing N N 196 
ILE N   H    sing N N 197 
ILE N   H2   sing N N 198 
ILE CA  C    sing N N 199 
ILE CA  CB   sing N N 200 
ILE CA  HA   sing N N 201 
ILE C   O    doub N N 202 
ILE C   OXT  sing N N 203 
ILE CB  CG1  sing N N 204 
ILE CB  CG2  sing N N 205 
ILE CB  HB   sing N N 206 
ILE CG1 CD1  sing N N 207 
ILE CG1 HG12 sing N N 208 
ILE CG1 HG13 sing N N 209 
ILE CG2 HG21 sing N N 210 
ILE CG2 HG22 sing N N 211 
ILE CG2 HG23 sing N N 212 
ILE CD1 HD11 sing N N 213 
ILE CD1 HD12 sing N N 214 
ILE CD1 HD13 sing N N 215 
ILE OXT HXT  sing N N 216 
LEU N   CA   sing N N 217 
LEU N   H    sing N N 218 
LEU N   H2   sing N N 219 
LEU CA  C    sing N N 220 
LEU CA  CB   sing N N 221 
LEU CA  HA   sing N N 222 
LEU C   O    doub N N 223 
LEU C   OXT  sing N N 224 
LEU CB  CG   sing N N 225 
LEU CB  HB2  sing N N 226 
LEU CB  HB3  sing N N 227 
LEU CG  CD1  sing N N 228 
LEU CG  CD2  sing N N 229 
LEU CG  HG   sing N N 230 
LEU CD1 HD11 sing N N 231 
LEU CD1 HD12 sing N N 232 
LEU CD1 HD13 sing N N 233 
LEU CD2 HD21 sing N N 234 
LEU CD2 HD22 sing N N 235 
LEU CD2 HD23 sing N N 236 
LEU OXT HXT  sing N N 237 
LYS N   CA   sing N N 238 
LYS N   H    sing N N 239 
LYS N   H2   sing N N 240 
LYS CA  C    sing N N 241 
LYS CA  CB   sing N N 242 
LYS CA  HA   sing N N 243 
LYS C   O    doub N N 244 
LYS C   OXT  sing N N 245 
LYS CB  CG   sing N N 246 
LYS CB  HB2  sing N N 247 
LYS CB  HB3  sing N N 248 
LYS CG  CD   sing N N 249 
LYS CG  HG2  sing N N 250 
LYS CG  HG3  sing N N 251 
LYS CD  CE   sing N N 252 
LYS CD  HD2  sing N N 253 
LYS CD  HD3  sing N N 254 
LYS CE  NZ   sing N N 255 
LYS CE  HE2  sing N N 256 
LYS CE  HE3  sing N N 257 
LYS NZ  HZ1  sing N N 258 
LYS NZ  HZ2  sing N N 259 
LYS NZ  HZ3  sing N N 260 
LYS OXT HXT  sing N N 261 
MET N   CA   sing N N 262 
MET N   H    sing N N 263 
MET N   H2   sing N N 264 
MET CA  C    sing N N 265 
MET CA  CB   sing N N 266 
MET CA  HA   sing N N 267 
MET C   O    doub N N 268 
MET C   OXT  sing N N 269 
MET CB  CG   sing N N 270 
MET CB  HB2  sing N N 271 
MET CB  HB3  sing N N 272 
MET CG  SD   sing N N 273 
MET CG  HG2  sing N N 274 
MET CG  HG3  sing N N 275 
MET SD  CE   sing N N 276 
MET CE  HE1  sing N N 277 
MET CE  HE2  sing N N 278 
MET CE  HE3  sing N N 279 
MET OXT HXT  sing N N 280 
PHE N   CA   sing N N 281 
PHE N   H    sing N N 282 
PHE N   H2   sing N N 283 
PHE CA  C    sing N N 284 
PHE CA  CB   sing N N 285 
PHE CA  HA   sing N N 286 
PHE C   O    doub N N 287 
PHE C   OXT  sing N N 288 
PHE CB  CG   sing N N 289 
PHE CB  HB2  sing N N 290 
PHE CB  HB3  sing N N 291 
PHE CG  CD1  doub Y N 292 
PHE CG  CD2  sing Y N 293 
PHE CD1 CE1  sing Y N 294 
PHE CD1 HD1  sing N N 295 
PHE CD2 CE2  doub Y N 296 
PHE CD2 HD2  sing N N 297 
PHE CE1 CZ   doub Y N 298 
PHE CE1 HE1  sing N N 299 
PHE CE2 CZ   sing Y N 300 
PHE CE2 HE2  sing N N 301 
PHE CZ  HZ   sing N N 302 
PHE OXT HXT  sing N N 303 
PRO N   CA   sing N N 304 
PRO N   CD   sing N N 305 
PRO N   H    sing N N 306 
PRO CA  C    sing N N 307 
PRO CA  CB   sing N N 308 
PRO CA  HA   sing N N 309 
PRO C   O    doub N N 310 
PRO C   OXT  sing N N 311 
PRO CB  CG   sing N N 312 
PRO CB  HB2  sing N N 313 
PRO CB  HB3  sing N N 314 
PRO CG  CD   sing N N 315 
PRO CG  HG2  sing N N 316 
PRO CG  HG3  sing N N 317 
PRO CD  HD2  sing N N 318 
PRO CD  HD3  sing N N 319 
PRO OXT HXT  sing N N 320 
SER N   CA   sing N N 321 
SER N   H    sing N N 322 
SER N   H2   sing N N 323 
SER CA  C    sing N N 324 
SER CA  CB   sing N N 325 
SER CA  HA   sing N N 326 
SER C   O    doub N N 327 
SER C   OXT  sing N N 328 
SER CB  OG   sing N N 329 
SER CB  HB2  sing N N 330 
SER CB  HB3  sing N N 331 
SER OG  HG   sing N N 332 
SER OXT HXT  sing N N 333 
THR N   CA   sing N N 334 
THR N   H    sing N N 335 
THR N   H2   sing N N 336 
THR CA  C    sing N N 337 
THR CA  CB   sing N N 338 
THR CA  HA   sing N N 339 
THR C   O    doub N N 340 
THR C   OXT  sing N N 341 
THR CB  OG1  sing N N 342 
THR CB  CG2  sing N N 343 
THR CB  HB   sing N N 344 
THR OG1 HG1  sing N N 345 
THR CG2 HG21 sing N N 346 
THR CG2 HG22 sing N N 347 
THR CG2 HG23 sing N N 348 
THR OXT HXT  sing N N 349 
TRP N   CA   sing N N 350 
TRP N   H    sing N N 351 
TRP N   H2   sing N N 352 
TRP CA  C    sing N N 353 
TRP CA  CB   sing N N 354 
TRP CA  HA   sing N N 355 
TRP C   O    doub N N 356 
TRP C   OXT  sing N N 357 
TRP CB  CG   sing N N 358 
TRP CB  HB2  sing N N 359 
TRP CB  HB3  sing N N 360 
TRP CG  CD1  doub Y N 361 
TRP CG  CD2  sing Y N 362 
TRP CD1 NE1  sing Y N 363 
TRP CD1 HD1  sing N N 364 
TRP CD2 CE2  doub Y N 365 
TRP CD2 CE3  sing Y N 366 
TRP NE1 CE2  sing Y N 367 
TRP NE1 HE1  sing N N 368 
TRP CE2 CZ2  sing Y N 369 
TRP CE3 CZ3  doub Y N 370 
TRP CE3 HE3  sing N N 371 
TRP CZ2 CH2  doub Y N 372 
TRP CZ2 HZ2  sing N N 373 
TRP CZ3 CH2  sing Y N 374 
TRP CZ3 HZ3  sing N N 375 
TRP CH2 HH2  sing N N 376 
TRP OXT HXT  sing N N 377 
TYR N   CA   sing N N 378 
TYR N   H    sing N N 379 
TYR N   H2   sing N N 380 
TYR CA  C    sing N N 381 
TYR CA  CB   sing N N 382 
TYR CA  HA   sing N N 383 
TYR C   O    doub N N 384 
TYR C   OXT  sing N N 385 
TYR CB  CG   sing N N 386 
TYR CB  HB2  sing N N 387 
TYR CB  HB3  sing N N 388 
TYR CG  CD1  doub Y N 389 
TYR CG  CD2  sing Y N 390 
TYR CD1 CE1  sing Y N 391 
TYR CD1 HD1  sing N N 392 
TYR CD2 CE2  doub Y N 393 
TYR CD2 HD2  sing N N 394 
TYR CE1 CZ   doub Y N 395 
TYR CE1 HE1  sing N N 396 
TYR CE2 CZ   sing Y N 397 
TYR CE2 HE2  sing N N 398 
TYR CZ  OH   sing N N 399 
TYR OH  HH   sing N N 400 
TYR OXT HXT  sing N N 401 
VAL N   CA   sing N N 402 
VAL N   H    sing N N 403 
VAL N   H2   sing N N 404 
VAL CA  C    sing N N 405 
VAL CA  CB   sing N N 406 
VAL CA  HA   sing N N 407 
VAL C   O    doub N N 408 
VAL C   OXT  sing N N 409 
VAL CB  CG1  sing N N 410 
VAL CB  CG2  sing N N 411 
VAL CB  HB   sing N N 412 
VAL CG1 HG11 sing N N 413 
VAL CG1 HG12 sing N N 414 
VAL CG1 HG13 sing N N 415 
VAL CG2 HG21 sing N N 416 
VAL CG2 HG22 sing N N 417 
VAL CG2 HG23 sing N N 418 
VAL OXT HXT  sing N N 419 
# 
_pdbx_deposit_group.group_id            G_1002046 
_pdbx_deposit_group.group_description   
;Human FAM83B DUF1669 domain screened against DSPL and OxXChem Libraries by X-ray Crystallography at the XChem facility of Diamond Light Source beamline I04-1
;
_pdbx_deposit_group.group_title         'PanDDA analysis group deposition of models with modelled events (e.g. bound ligands)' 
_pdbx_deposit_group.group_type          'changed state' 
# 
_pdbx_related_exp_data_set.ordinal              1 
_pdbx_related_exp_data_set.data_reference       . 
_pdbx_related_exp_data_set.metadata_reference   10.5281/zenodo.1247291 
_pdbx_related_exp_data_set.data_set_type        'other data' 
_pdbx_related_exp_data_set.details              'Complete PanDDA analysis' 
# 
_atom_sites.entry_id                    5QHO 
_atom_sites.fract_transf_matrix[1][1]   0.00577063 
_atom_sites.fract_transf_matrix[1][2]   -0.00561206 
_atom_sites.fract_transf_matrix[1][3]   0.01808333 
_atom_sites.fract_transf_matrix[2][1]   -0.01528058 
_atom_sites.fract_transf_matrix[2][2]   -0.01254349 
_atom_sites.fract_transf_matrix[2][3]   0.00098344 
_atom_sites.fract_transf_matrix[3][1]   0.00369524 
_atom_sites.fract_transf_matrix[3][2]   -0.00470859 
_atom_sites.fract_transf_matrix[3][3]   -0.00264048 
_atom_sites.fract_transf_vector[1]      0.125232 
_atom_sites.fract_transf_vector[2]      0.774600 
_atom_sites.fract_transf_vector[3]      0.386349 
# 
loop_
_atom_type.symbol 
C 
N 
O 
S 
# 
loop_
_atom_site.group_PDB 
_atom_site.id 
_atom_site.type_symbol 
_atom_site.label_atom_id 
_atom_site.label_alt_id 
_atom_site.label_comp_id 
_atom_site.label_asym_id 
_atom_site.label_entity_id 
_atom_site.label_seq_id 
_atom_site.pdbx_PDB_ins_code 
_atom_site.Cartn_x 
_atom_site.Cartn_y 
_atom_site.Cartn_z 
_atom_site.occupancy 
_atom_site.B_iso_or_equiv 
_atom_site.pdbx_formal_charge 
_atom_site.auth_seq_id 
_atom_site.auth_comp_id 
_atom_site.auth_asym_id 
_atom_site.auth_atom_id 
_atom_site.pdbx_PDB_model_num 
ATOM   1    N N   . GLY A 1 3   ? -12.036 -20.830 12.914  1.00 59.49  ? 3   GLY A N   1 
ATOM   2    C CA  . GLY A 1 3   ? -11.516 -19.496 12.450  1.00 57.81  ? 3   GLY A CA  1 
ATOM   3    C C   . GLY A 1 3   ? -12.144 -19.002 11.133  1.00 53.47  ? 3   GLY A C   1 
ATOM   4    O O   . GLY A 1 3   ? -11.796 -19.485 10.054  1.00 58.33  ? 3   GLY A O   1 
ATOM   5    N N   . GLY A 1 4   ? -13.084 -18.064 11.243  1.00 42.16  ? 4   GLY A N   1 
ATOM   6    C CA  . GLY A 1 4   ? -13.749 -17.466 10.100  1.00 45.40  ? 4   GLY A CA  1 
ATOM   7    C C   . GLY A 1 4   ? -13.025 -16.188 9.625   1.00 39.08  ? 4   GLY A C   1 
ATOM   8    O O   . GLY A 1 4   ? -11.838 -15.942 9.968   1.00 32.27  ? 4   GLY A O   1 
ATOM   9    N N   . THR A 1 5   ? -13.770 -15.410 8.845   1.00 34.35  ? 5   THR A N   1 
ATOM   10   C CA  . THR A 1 5   ? -13.350 -14.076 8.323   1.00 34.91  ? 5   THR A CA  1 
ATOM   11   C C   . THR A 1 5   ? -14.359 -13.023 8.734   1.00 33.47  ? 5   THR A C   1 
ATOM   12   O O   . THR A 1 5   ? -15.526 -13.264 8.726   1.00 31.53  ? 5   THR A O   1 
ATOM   13   C CB  . THR A 1 5   ? -13.230 -14.142 6.796   1.00 32.09  ? 5   THR A CB  1 
ATOM   14   O OG1 . THR A 1 5   ? -12.186 -15.037 6.510   1.00 31.33  ? 5   THR A OG1 1 
ATOM   15   C CG2 . THR A 1 5   ? -12.946 -12.764 6.124   1.00 32.28  ? 5   THR A CG2 1 
ATOM   16   N N   . HIS A 1 6   ? -13.892 -11.844 9.099   1.00 26.34  ? 6   HIS A N   1 
ATOM   17   C CA  . HIS A 1 6   ? -14.751 -10.734 9.404   1.00 28.67  ? 6   HIS A CA  1 
ATOM   18   C C   . HIS A 1 6   ? -14.436 -9.609  8.374   1.00 30.80  ? 6   HIS A C   1 
ATOM   19   O O   . HIS A 1 6   ? -13.249 -9.374  8.074   1.00 24.82  ? 6   HIS A O   1 
ATOM   20   C CB  . HIS A 1 6   ? -14.582 -10.243 10.843  1.00 32.13  ? 6   HIS A CB  1 
ATOM   21   C CG  . HIS A 1 6   ? -15.523 -9.131  11.163  1.00 41.57  ? 6   HIS A CG  1 
ATOM   22   N ND1 . HIS A 1 6   ? -16.866 -9.347  11.412  1.00 53.10  ? 6   HIS A ND1 1 
ATOM   23   C CD2 . HIS A 1 6   ? -15.363 -7.788  11.111  1.00 46.43  ? 6   HIS A CD2 1 
ATOM   24   C CE1 . HIS A 1 6   ? -17.477 -8.183  11.562  1.00 53.33  ? 6   HIS A CE1 1 
ATOM   25   N NE2 . HIS A 1 6   ? -16.588 -7.221  11.379  1.00 50.18  ? 6   HIS A NE2 1 
ATOM   26   N N   . ILE A 1 7   ? -15.489 -9.004  7.820   1.00 28.82  ? 7   ILE A N   1 
ATOM   27   C CA  . ILE A 1 7   ? -15.348 -7.840  6.871   1.00 26.52  ? 7   ILE A CA  1 
ATOM   28   C C   . ILE A 1 7   ? -16.211 -6.674  7.307   1.00 28.32  ? 7   ILE A C   1 
ATOM   29   O O   . ILE A 1 7   ? -17.411 -6.829  7.570   1.00 29.34  ? 7   ILE A O   1 
ATOM   30   C CB  . ILE A 1 7   ? -15.698 -8.249  5.460   1.00 29.87  ? 7   ILE A CB  1 
ATOM   31   C CG1 . ILE A 1 7   ? -14.769 -9.352  5.015   1.00 33.05  ? 7   ILE A CG1 1 
ATOM   32   C CG2 . ILE A 1 7   ? -15.630 -7.017  4.523   1.00 29.36  ? 7   ILE A CG2 1 
ATOM   33   C CD1 . ILE A 1 7   ? -15.161 -9.989  3.711   1.00 41.81  ? 7   ILE A CD1 1 
ATOM   34   N N   . ASP A 1 8   ? -15.621 -5.491  7.372   1.00 24.06  ? 8   ASP A N   1 
ATOM   35   C CA  . ASP A 1 8   ? -16.328 -4.238  7.545   1.00 27.31  ? 8   ASP A CA  1 
ATOM   36   C C   . ASP A 1 8   ? -16.044 -3.423  6.268   1.00 27.95  ? 8   ASP A C   1 
ATOM   37   O O   . ASP A 1 8   ? -14.942 -3.510  5.693   1.00 27.36  ? 8   ASP A O   1 
ATOM   38   C CB  . ASP A 1 8   ? -15.808 -3.450  8.757   1.00 30.94  ? 8   ASP A CB  1 
ATOM   39   C CG  . ASP A 1 8   ? -16.192 -4.096  10.069  1.00 38.55  ? 8   ASP A CG  1 
ATOM   40   O OD1 . ASP A 1 8   ? -17.359 -4.489  10.193  1.00 41.29  ? 8   ASP A OD1 1 
ATOM   41   O OD2 . ASP A 1 8   ? -15.337 -4.252  10.926  1.00 42.10  ? 8   ASP A OD2 1 
ATOM   42   N N   . LEU A 1 9   ? -17.022 -2.630  5.867   1.00 25.82  ? 9   LEU A N   1 
ATOM   43   C CA  . LEU A 1 9   ? -16.876 -1.748  4.728   1.00 24.97  ? 9   LEU A CA  1 
ATOM   44   C C   . LEU A 1 9   ? -16.675 -0.352  5.208   1.00 26.66  ? 9   LEU A C   1 
ATOM   45   O O   . LEU A 1 9   ? -17.274 0.106   6.196   1.00 26.45  ? 9   LEU A O   1 
ATOM   46   C CB  . LEU A 1 9   ? -18.089 -1.816  3.803   1.00 26.12  ? 9   LEU A CB  1 
ATOM   47   C CG  . LEU A 1 9   ? -18.427 -3.181  3.234   1.00 28.96  ? 9   LEU A CG  1 
ATOM   48   C CD1 . LEU A 1 9   ? -19.711 -3.110  2.425   1.00 32.68  ? 9   LEU A CD1 1 
ATOM   49   C CD2 . LEU A 1 9   ? -17.308 -3.700  2.359   1.00 29.85  ? 9   LEU A CD2 1 
ATOM   50   N N   . LEU A 1 10  ? -15.782 0.356   4.519   1.00 25.02  ? 10  LEU A N   1 
ATOM   51   C CA  . LEU A 1 10  ? -15.644 1.802   4.700   1.00 22.25  ? 10  LEU A CA  1 
ATOM   52   C C   . LEU A 1 10  ? -15.761 2.486   3.336   1.00 22.05  ? 10  LEU A C   1 
ATOM   53   O O   . LEU A 1 10  ? -15.409 1.922   2.283   1.00 20.97  ? 10  LEU A O   1 
ATOM   54   C CB  . LEU A 1 10  ? -14.260 2.131   5.285   1.00 23.97  ? 10  LEU A CB  1 
ATOM   55   C CG  . LEU A 1 10  ? -13.866 1.456   6.632   1.00 25.32  ? 10  LEU A CG  1 
ATOM   56   C CD1 . LEU A 1 10  ? -12.424 1.854   6.943   1.00 25.41  ? 10  LEU A CD1 1 
ATOM   57   C CD2 . LEU A 1 10  ? -14.752 1.909   7.742   1.00 26.29  ? 10  LEU A CD2 1 
ATOM   58   N N   . PHE A 1 11  ? -16.253 3.714   3.382   1.00 24.05  ? 11  PHE A N   1 
ATOM   59   C CA  . PHE A 1 11  ? -16.499 4.525   2.199   1.00 23.97  ? 11  PHE A CA  1 
ATOM   60   C C   . PHE A 1 11  ? -15.826 5.839   2.297   1.00 24.89  ? 11  PHE A C   1 
ATOM   61   O O   . PHE A 1 11  ? -15.543 6.319   3.375   1.00 26.18  ? 11  PHE A O   1 
ATOM   62   C CB  . PHE A 1 11  ? -18.004 4.727   2.019   1.00 25.75  ? 11  PHE A CB  1 
ATOM   63   C CG  . PHE A 1 11  ? -18.747 3.440   2.013   1.00 25.65  ? 11  PHE A CG  1 
ATOM   64   C CD1 . PHE A 1 11  ? -19.138 2.889   3.196   1.00 25.24  ? 11  PHE A CD1 1 
ATOM   65   C CD2 . PHE A 1 11  ? -19.025 2.786   0.826   1.00 26.77  ? 11  PHE A CD2 1 
ATOM   66   C CE1 . PHE A 1 11  ? -19.797 1.669   3.241   1.00 30.03  ? 11  PHE A CE1 1 
ATOM   67   C CE2 . PHE A 1 11  ? -19.654 1.538   0.846   1.00 28.80  ? 11  PHE A CE2 1 
ATOM   68   C CZ  . PHE A 1 11  ? -20.044 1.000   2.073   1.00 27.80  ? 11  PHE A CZ  1 
ATOM   69   N N   . HIS A 1 12  ? -15.586 6.432   1.109   1.00 24.88  ? 12  HIS A N   1 
ATOM   70   C CA  . HIS A 1 12  ? -15.202 7.813   1.001   1.00 26.95  ? 12  HIS A CA  1 
ATOM   71   C C   . HIS A 1 12  ? -16.156 8.419   -0.016  1.00 25.09  ? 12  HIS A C   1 
ATOM   72   O O   . HIS A 1 12  ? -16.171 8.039   -1.194  1.00 26.22  ? 12  HIS A O   1 
ATOM   73   C CB  . HIS A 1 12  ? -13.709 8.010   0.626   1.00 25.40  ? 12  HIS A CB  1 
ATOM   74   C CG  . HIS A 1 12  ? -13.246 9.405   0.836   1.00 30.28  ? 12  HIS A CG  1 
ATOM   75   N ND1 . HIS A 1 12  ? -13.009 9.937   2.085   1.00 37.77  ? 12  HIS A ND1 1 
ATOM   76   C CD2 . HIS A 1 12  ? -13.120 10.437  -0.033  1.00 34.36  ? 12  HIS A CD2 1 
ATOM   77   C CE1 . HIS A 1 12  ? -12.640 11.197  1.969   1.00 34.96  ? 12  HIS A CE1 1 
ATOM   78   N NE2 . HIS A 1 12  ? -12.678 11.517  0.694   1.00 33.72  ? 12  HIS A NE2 1 
ATOM   79   N N   . PRO A 1 13  ? -17.007 9.388   0.420   1.00 28.76  ? 13  PRO A N   1 
ATOM   80   C CA  . PRO A 1 13  ? -16.985 9.919   1.773   1.00 27.14  ? 13  PRO A CA  1 
ATOM   81   C C   . PRO A 1 13  ? -17.496 8.905   2.768   1.00 24.27  ? 13  PRO A C   1 
ATOM   82   O O   . PRO A 1 13  ? -18.242 7.989   2.386   1.00 26.52  ? 13  PRO A O   1 
ATOM   83   C CB  . PRO A 1 13  ? -17.869 11.175  1.712   1.00 30.91  ? 13  PRO A CB  1 
ATOM   84   C CG  . PRO A 1 13  ? -18.702 10.984  0.581   1.00 31.36  ? 13  PRO A CG  1 
ATOM   85   C CD  . PRO A 1 13  ? -17.957 10.106  -0.430  1.00 30.03  ? 13  PRO A CD  1 
ATOM   86   N N   . PRO A 1 14  ? -17.172 9.116   4.041   1.00 26.34  ? 14  PRO A N   1 
ATOM   87   C CA  . PRO A 1 14  ? -17.628 8.182   5.079   1.00 26.64  ? 14  PRO A CA  1 
ATOM   88   C C   . PRO A 1 14  ? -19.128 8.000   5.144   1.00 26.75  ? 14  PRO A C   1 
ATOM   89   O O   . PRO A 1 14  ? -19.878 8.961   4.894   1.00 26.55  ? 14  PRO A O   1 
ATOM   90   C CB  . PRO A 1 14  ? -17.055 8.755   6.378   1.00 29.31  ? 14  PRO A CB  1 
ATOM   91   C CG  . PRO A 1 14  ? -16.297 9.973   6.055   1.00 30.44  ? 14  PRO A CG  1 
ATOM   92   C CD  . PRO A 1 14  ? -16.316 10.204  4.577   1.00 27.29  ? 14  PRO A CD  1 
ATOM   93   N N   . ARG A 1 15  ? -19.557 6.785   5.464   1.00 26.12  ? 15  ARG A N   1 
ATOM   94   C CA  . ARG A 1 15  ? -20.911 6.395   5.719   1.00 30.36  ? 15  ARG A CA  1 
ATOM   95   C C   . ARG A 1 15  ? -21.065 5.417   6.883   1.00 33.28  ? 15  ARG A C   1 
ATOM   96   O O   . ARG A 1 15  ? -20.861 4.200   6.740   1.00 38.43  ? 15  ARG A O   1 
ATOM   97   C CB  . ARG A 1 15  ? -21.480 5.629   4.535   1.00 36.12  ? 15  ARG A CB  1 
ATOM   98   C CG  . ARG A 1 15  ? -22.338 6.458   3.659   1.00 48.44  ? 15  ARG A CG  1 
ATOM   99   C CD  . ARG A 1 15  ? -23.739 5.833   3.495   1.00 54.48  ? 15  ARG A CD  1 
ATOM   100  N NE  . ARG A 1 15  ? -23.766 4.401   3.138   1.00 47.35  ? 15  ARG A NE  1 
ATOM   101  C CZ  . ARG A 1 15  ? -23.194 3.841   2.096   1.00 48.58  ? 15  ARG A CZ  1 
ATOM   102  N NH1 . ARG A 1 15  ? -22.451 4.560   1.237   1.00 52.96  ? 15  ARG A NH1 1 
ATOM   103  N NH2 . ARG A 1 15  ? -23.349 2.502   1.918   1.00 49.17  ? 15  ARG A NH2 1 
ATOM   104  N N   . ALA A 1 16  ? -21.473 5.931   7.999   1.00 30.04  ? 16  ALA A N   1 
ATOM   105  C CA  . ALA A 1 16  ? -21.737 5.177   9.230   1.00 25.61  ? 16  ALA A CA  1 
ATOM   106  C C   . ALA A 1 16  ? -20.493 4.578   9.869   1.00 27.13  ? 16  ALA A C   1 
ATOM   107  O O   . ALA A 1 16  ? -20.518 3.497   10.493  1.00 24.09  ? 16  ALA A O   1 
ATOM   108  C CB  . ALA A 1 16  ? -22.899 4.164   9.083   1.00 28.66  ? 16  ALA A CB  1 
ATOM   109  N N   . HIS A 1 17  ? -19.412 5.338   9.802   1.00 24.13  ? 17  HIS A N   1 
ATOM   110  C CA  . HIS A 1 17  ? -18.188 4.979   10.480  1.00 25.07  ? 17  HIS A CA  1 
ATOM   111  C C   . HIS A 1 17  ? -17.469 6.234   10.853  1.00 25.73  ? 17  HIS A C   1 
ATOM   112  O O   . HIS A 1 17  ? -17.626 7.224   10.193  1.00 24.22  ? 17  HIS A O   1 
ATOM   113  C CB  . HIS A 1 17  ? -17.312 4.004   9.634   1.00 24.79  ? 17  HIS A CB  1 
ATOM   114  C CG  . HIS A 1 17  ? -17.052 4.452   8.237   1.00 23.91  ? 17  HIS A CG  1 
ATOM   115  N ND1 . HIS A 1 17  ? -15.979 5.252   7.918   1.00 22.72  ? 17  HIS A ND1 1 
ATOM   116  C CD2 . HIS A 1 17  ? -17.702 4.203   7.079   1.00 25.42  ? 17  HIS A CD2 1 
ATOM   117  C CE1 . HIS A 1 17  ? -15.996 5.484   6.605   1.00 24.30  ? 17  HIS A CE1 1 
ATOM   118  N NE2 . HIS A 1 17  ? -17.026 4.853   6.075   1.00 23.76  ? 17  HIS A NE2 1 
ATOM   119  N N   . LEU A 1 18  ? -16.676 6.207   11.936  1.00 25.82  ? 18  LEU A N   1 
ATOM   120  C CA  . LEU A 1 18  ? -16.085 7.445   12.449  1.00 26.44  ? 18  LEU A CA  1 
ATOM   121  C C   . LEU A 1 18  ? -14.843 7.976   11.774  1.00 25.99  ? 18  LEU A C   1 
ATOM   122  O O   . LEU A 1 18  ? -14.641 9.184   11.765  1.00 26.11  ? 18  LEU A O   1 
ATOM   123  C CB  . LEU A 1 18  ? -15.715 7.263   13.900  1.00 28.19  ? 18  LEU A CB  1 
ATOM   124  C CG  . LEU A 1 18  ? -16.957 6.923   14.749  1.00 31.01  ? 18  LEU A CG  1 
ATOM   125  C CD1 . LEU A 1 18  ? -16.485 6.738   16.182  1.00 34.30  ? 18  LEU A CD1 1 
ATOM   126  C CD2 . LEU A 1 18  ? -18.013 8.003   14.657  1.00 31.19  ? 18  LEU A CD2 1 
ATOM   127  N N   . LEU A 1 19  ? -14.022 7.080   11.232  1.00 27.16  ? 19  LEU A N   1 
ATOM   128  C CA  . LEU A 1 19  ? -12.812 7.471   10.522  1.00 26.73  ? 19  LEU A CA  1 
ATOM   129  C C   . LEU A 1 19  ? -12.991 7.437   8.990   1.00 23.35  ? 19  LEU A C   1 
ATOM   130  O O   . LEU A 1 19  ? -13.676 6.613   8.439   1.00 24.62  ? 19  LEU A O   1 
ATOM   131  C CB  . LEU A 1 19  ? -11.657 6.559   10.902  1.00 26.77  ? 19  LEU A CB  1 
ATOM   132  C CG  . LEU A 1 19  ? -11.275 6.441   12.378  1.00 30.26  ? 19  LEU A CG  1 
ATOM   133  C CD1 . LEU A 1 19  ? -10.075 5.551   12.537  1.00 34.82  ? 19  LEU A CD1 1 
ATOM   134  C CD2 . LEU A 1 19  ? -11.050 7.787   13.054  1.00 31.94  ? 19  LEU A CD2 1 
ATOM   135  N N   . THR A 1 20  ? -12.349 8.376   8.322   1.00 23.73  ? 20  THR A N   1 
ATOM   136  C CA  . THR A 1 20  ? -12.173 8.260   6.888   1.00 24.67  ? 20  THR A CA  1 
ATOM   137  C C   . THR A 1 20  ? -11.244 7.063   6.589   1.00 23.35  ? 20  THR A C   1 
ATOM   138  O O   . THR A 1 20  ? -10.482 6.547   7.446   1.00 22.91  ? 20  THR A O   1 
ATOM   139  C CB  . THR A 1 20  ? -11.527 9.519   6.289   1.00 26.08  ? 20  THR A CB  1 
ATOM   140  O OG1 . THR A 1 20  ? -10.223 9.661   6.843   1.00 24.37  ? 20  THR A OG1 1 
ATOM   141  C CG2 . THR A 1 20  ? -12.381 10.738  6.616   1.00 30.00  ? 20  THR A CG2 1 
ATOM   142  N N   . ILE A 1 21  ? -11.282 6.695   5.332   1.00 22.31  ? 21  ILE A N   1 
ATOM   143  C CA  . ILE A 1 21  ? -10.354 5.682   4.835   1.00 20.28  ? 21  ILE A CA  1 
ATOM   144  C C   . ILE A 1 21  ? -8.886  6.070   5.041   1.00 20.80  ? 21  ILE A C   1 
ATOM   145  O O   . ILE A 1 21  ? -8.074  5.260   5.480   1.00 21.45  ? 21  ILE A O   1 
ATOM   146  C CB  . ILE A 1 21  ? -10.691 5.348   3.374   1.00 21.09  ? 21  ILE A CB  1 
ATOM   147  C CG1 . ILE A 1 21  ? -12.107 4.713   3.250   1.00 22.48  ? 21  ILE A CG1 1 
ATOM   148  C CG2 . ILE A 1 21  ? -9.582  4.454   2.794   1.00 22.37  ? 21  ILE A CG2 1 
ATOM   149  C CD1 . ILE A 1 21  ? -12.518 4.368   1.817   1.00 26.05  ? 21  ILE A CD1 1 
ATOM   150  N N   . LYS A 1 22  ? -8.537  7.330   4.752   1.00 22.06  ? 22  LYS A N   1 
ATOM   151  C CA  . LYS A 1 22  ? -7.171  7.777   5.026   1.00 23.42  ? 22  LYS A CA  1 
ATOM   152  C C   . LYS A 1 22  ? -6.752  7.710   6.456   1.00 22.01  ? 22  LYS A C   1 
ATOM   153  O O   . LYS A 1 22  ? -5.641  7.297   6.789   1.00 24.10  ? 22  LYS A O   1 
ATOM   154  C CB  . LYS A 1 22  ? -6.931  9.171   4.435   1.00 24.27  ? 22  LYS A CB  1 
ATOM   155  C CG  . LYS A 1 22  ? -5.494  9.633   4.574   1.00 25.34  ? 22  LYS A CG  1 
ATOM   156  C CD  . LYS A 1 22  ? -5.281  10.871  3.723   1.00 27.24  ? 22  LYS A CD  1 
ATOM   157  C CE  . LYS A 1 22  ? -3.901  11.434  4.049   1.00 28.99  ? 22  LYS A CE  1 
ATOM   158  N NZ  . LYS A 1 22  ? -3.502  12.473  3.088   1.00 30.50  ? 22  LYS A NZ  1 
ATOM   159  N N   . GLU A 1 23  ? -7.640  8.106   7.356   1.00 22.29  ? 23  GLU A N   1 
ATOM   160  C CA  . GLU A 1 23  ? -7.330  7.973   8.740   1.00 24.21  ? 23  GLU A CA  1 
ATOM   161  C C   . GLU A 1 23  ? -7.132  6.550   9.156   1.00 24.35  ? 23  GLU A C   1 
ATOM   162  O O   . GLU A 1 23  ? -6.268  6.244   9.979   1.00 23.97  ? 23  GLU A O   1 
ATOM   163  C CB  . GLU A 1 23  ? -8.429  8.629   9.570   1.00 27.63  ? 23  GLU A CB  1 
ATOM   164  C CG  . GLU A 1 23  ? -8.456  10.141  9.431   1.00 31.00  ? 23  GLU A CG  1 
ATOM   165  C CD  . GLU A 1 23  ? -9.745  10.780  9.951   1.00 34.97  ? 23  GLU A CD  1 
ATOM   166  O OE1 . GLU A 1 23  ? -10.778 10.123  10.158  1.00 31.95  ? 23  GLU A OE1 1 
ATOM   167  O OE2 . GLU A 1 23  ? -9.710  11.993  10.142  1.00 38.95  ? 23  GLU A OE2 1 
ATOM   168  N N   . THR A 1 24  ? -7.933  5.633   8.594   1.00 23.27  ? 24  THR A N   1 
ATOM   169  C CA  . THR A 1 24  ? -7.869  4.246   8.895   1.00 21.96  ? 24  THR A CA  1 
ATOM   170  C C   . THR A 1 24  ? -6.528  3.644   8.386   1.00 22.07  ? 24  THR A C   1 
ATOM   171  O O   . THR A 1 24  ? -5.865  2.888   9.091   1.00 22.50  ? 24  THR A O   1 
ATOM   172  C CB  . THR A 1 24  ? -9.056  3.494   8.327   1.00 24.40  ? 24  THR A CB  1 
ATOM   173  O OG1 . THR A 1 24  ? -10.229 4.077   8.860   1.00 25.69  ? 24  THR A OG1 1 
ATOM   174  C CG2 . THR A 1 24  ? -9.009  2.000   8.650   1.00 23.61  ? 24  THR A CG2 1 
ATOM   175  N N   . ILE A 1 25  ? -6.139  4.022   7.188   1.00 20.96  ? 25  ILE A N   1 
ATOM   176  C CA  . ILE A 1 25  ? -4.818  3.626   6.639   1.00 21.23  ? 25  ILE A CA  1 
ATOM   177  C C   . ILE A 1 25  ? -3.727  4.062   7.598   1.00 21.09  ? 25  ILE A C   1 
ATOM   178  O O   . ILE A 1 25  ? -2.854  3.285   7.968   1.00 24.34  ? 25  ILE A O   1 
ATOM   179  C CB  . ILE A 1 25  ? -4.565  4.287   5.267   1.00 22.72  ? 25  ILE A CB  1 
ATOM   180  C CG1 . ILE A 1 25  ? -5.491  3.658   4.218   1.00 20.83  ? 25  ILE A CG1 1 
ATOM   181  C CG2 . ILE A 1 25  ? -3.141  4.136   4.818   1.00 24.33  ? 25  ILE A CG2 1 
ATOM   182  C CD1 . ILE A 1 25  ? -5.598  4.513   2.980   1.00 21.43  ? 25  ILE A CD1 1 
ATOM   183  N N   . ARG A 1 26  ? -3.788  5.311   8.037   1.00 24.07  ? 26  ARG A N   1 
ATOM   184  C CA  . ARG A 1 26  ? -2.697  5.859   8.892   1.00 26.28  ? 26  ARG A CA  1 
ATOM   185  C C   . ARG A 1 26  ? -2.699  5.121   10.217  1.00 25.81  ? 26  ARG A C   1 
ATOM   186  O O   . ARG A 1 26  ? -1.625  4.756   10.710  1.00 25.43  ? 26  ARG A O   1 
ATOM   187  C CB  . ARG A 1 26  ? -2.849  7.369   9.070   1.00 28.49  ? 26  ARG A CB  1 
ATOM   188  C CG  . ARG A 1 26  ? -2.659  8.117   7.749   1.00 32.85  ? 26  ARG A CG  1 
ATOM   189  C CD  . ARG A 1 26  ? -2.577  9.643   7.874   1.00 33.56  ? 26  ARG A CD  1 
ATOM   190  N NE  . ARG A 1 26  ? -1.316  9.966   8.531   1.00 38.06  ? 26  ARG A NE  1 
ATOM   191  C CZ  . ARG A 1 26  ? -0.875  11.194  8.839   1.00 51.62  ? 26  ARG A CZ  1 
ATOM   192  N NH1 . ARG A 1 26  ? -1.595  12.265  8.552   1.00 47.66  ? 26  ARG A NH1 1 
ATOM   193  N NH2 . ARG A 1 26  ? 0.320   11.339  9.429   1.00 50.30  ? 26  ARG A NH2 1 
ATOM   194  N N   . LYS A 1 27  ? -3.893  4.803   10.742  1.00 24.92  ? 27  LYS A N   1 
ATOM   195  C CA  . LYS A 1 27  ? -4.004  4.063   12.005  1.00 27.04  ? 27  LYS A CA  1 
ATOM   196  C C   . LYS A 1 27  ? -3.448  2.662   11.874  1.00 24.49  ? 27  LYS A C   1 
ATOM   197  O O   . LYS A 1 27  ? -2.724  2.175   12.752  1.00 26.46  ? 27  LYS A O   1 
ATOM   198  C CB  . LYS A 1 27  ? -5.469  4.024   12.460  1.00 29.47  ? 27  LYS A CB  1 
ATOM   199  C CG  . LYS A 1 27  ? -5.714  3.256   13.757  1.00 31.91  ? 27  LYS A CG  1 
ATOM   200  C CD  . LYS A 1 27  ? -7.200  3.432   14.112  1.00 38.59  ? 27  LYS A CD  1 
ATOM   201  C CE  . LYS A 1 27  ? -7.629  2.548   15.299  1.00 41.90  ? 27  LYS A CE  1 
ATOM   202  N NZ  . LYS A 1 27  ? -7.042  3.040   16.551  1.00 48.16  ? 27  LYS A NZ  1 
ATOM   203  N N   . MET A 1 28  ? -3.843  1.948   10.804  1.00 24.05  ? 28  MET A N   1 
ATOM   204  C CA  . MET A 1 28  ? -3.263  0.656   10.544  1.00 23.29  ? 28  MET A CA  1 
ATOM   205  C C   . MET A 1 28  ? -1.740  0.624   10.505  1.00 26.40  ? 28  MET A C   1 
ATOM   206  O O   . MET A 1 28  ? -1.129  -0.279  11.027  1.00 25.22  ? 28  MET A O   1 
ATOM   207  C CB  . MET A 1 28  ? -3.873  0.033   9.272   1.00 23.81  ? 28  MET A CB  1 
ATOM   208  C CG  . MET A 1 28  ? -5.283  -0.451  9.494   1.00 24.93  ? 28  MET A CG  1 
ATOM   209  S SD  . MET A 1 28  ? -5.946  -1.005  7.865   1.00 25.71  ? 28  MET A SD  1 
ATOM   210  C CE  . MET A 1 28  ? -4.857  -2.329  7.416   1.00 24.05  ? 28  MET A CE  1 
ATOM   211  N N   . ILE A 1 29  ? -1.133  1.633   9.854   1.00 24.21  ? 29  ILE A N   1 
ATOM   212  C CA  . ILE A 1 29  ? 0.279   1.684   9.720   1.00 24.55  ? 29  ILE A CA  1 
ATOM   213  C C   . ILE A 1 29  ? 0.901   2.028   11.078  1.00 28.11  ? 29  ILE A C   1 
ATOM   214  O O   . ILE A 1 29  ? 1.884   1.370   11.473  1.00 26.11  ? 29  ILE A O   1 
ATOM   215  C CB  . ILE A 1 29  ? 0.678   2.688   8.646   1.00 24.56  ? 29  ILE A CB  1 
ATOM   216  C CG1 . ILE A 1 29  ? 0.233   2.125   7.295   1.00 25.21  ? 29  ILE A CG1 1 
ATOM   217  C CG2 . ILE A 1 29  ? 2.216   2.953   8.682   1.00 25.80  ? 29  ILE A CG2 1 
ATOM   218  C CD1 . ILE A 1 29  ? 0.206   3.170   6.210   1.00 27.50  ? 29  ILE A CD1 1 
ATOM   219  N N   . LYS A 1 30  ? 0.304   3.015   11.759  1.00 26.26  ? 30  LYS A N   1 
ATOM   220  C CA  . LYS A 1 30  ? 0.786   3.410   13.121  1.00 31.76  ? 30  LYS A CA  1 
ATOM   221  C C   . LYS A 1 30  ? 0.834   2.238   14.067  1.00 32.46  ? 30  LYS A C   1 
ATOM   222  O O   . LYS A 1 30  ? 1.705   2.204   14.909  1.00 33.42  ? 30  LYS A O   1 
ATOM   223  C CB  . LYS A 1 30  ? -0.080  4.488   13.742  1.00 36.11  ? 30  LYS A CB  1 
ATOM   224  C CG  . LYS A 1 30  ? 0.271   5.882   13.280  1.00 47.84  ? 30  LYS A CG  1 
ATOM   225  C CD  . LYS A 1 30  ? -0.329  6.935   14.215  1.00 60.78  ? 30  LYS A CD  1 
ATOM   226  C CE  . LYS A 1 30  ? -0.205  8.319   13.612  1.00 69.52  ? 30  LYS A CE  1 
ATOM   227  N NZ  . LYS A 1 30  ? -0.972  9.321   14.397  1.00 80.70  ? 30  LYS A NZ  1 
ATOM   228  N N   . GLU A 1 31  ? -0.131  1.312   13.954  1.00 29.59  ? 31  GLU A N   1 
ATOM   229  C CA  . GLU A 1 31  ? -0.309  0.171   14.872  1.00 29.49  ? 31  GLU A CA  1 
ATOM   230  C C   . GLU A 1 31  ? 0.447   -1.044  14.415  1.00 27.81  ? 31  GLU A C   1 
ATOM   231  O O   . GLU A 1 31  ? 0.452   -2.055  15.071  1.00 31.67  ? 31  GLU A O   1 
ATOM   232  C CB  . GLU A 1 31  ? -1.815  -0.150  15.069  1.00 31.59  ? 31  GLU A CB  1 
ATOM   233  C CG  . GLU A 1 31  ? -2.566  0.966   15.804  1.00 34.48  ? 31  GLU A CG  1 
ATOM   234  C CD  . GLU A 1 31  ? -4.074  0.727   16.014  1.00 39.75  ? 31  GLU A CD  1 
ATOM   235  O OE1 . GLU A 1 31  ? -4.655  -0.267  15.520  1.00 42.82  ? 31  GLU A OE1 1 
ATOM   236  O OE2 . GLU A 1 31  ? -4.672  1.586   16.684  1.00 46.30  ? 31  GLU A OE2 1 
ATOM   237  N N   . ALA A 1 32  ? 1.087   -0.972  13.251  1.00 27.46  ? 32  ALA A N   1 
ATOM   238  C CA  . ALA A 1 32  ? 1.904   -2.083  12.807  1.00 26.41  ? 32  ALA A CA  1 
ATOM   239  C C   . ALA A 1 32  ? 3.090   -2.403  13.762  1.00 29.45  ? 32  ALA A C   1 
ATOM   240  O O   . ALA A 1 32  ? 3.772   -1.492  14.190  1.00 31.42  ? 32  ALA A O   1 
ATOM   241  C CB  . ALA A 1 32  ? 2.450   -1.809  11.443  1.00 26.61  ? 32  ALA A CB  1 
ATOM   242  N N   . ARG A 1 33  ? 3.259   -3.674  14.076  1.00 32.17  ? 33  ARG A N   1 
ATOM   243  C CA  . ARG A 1 33  ? 4.285   -4.159  14.990  1.00 37.91  ? 33  ARG A CA  1 
ATOM   244  C C   . ARG A 1 33  ? 5.392   -4.923  14.325  1.00 36.13  ? 33  ARG A C   1 
ATOM   245  O O   . ARG A 1 33  ? 6.526   -4.884  14.834  1.00 41.25  ? 33  ARG A O   1 
ATOM   246  C CB  . ARG A 1 33  ? 3.653   -4.998  16.091  1.00 39.00  ? 33  ARG A CB  1 
ATOM   247  C CG  . ARG A 1 33  ? 2.799   -4.170  17.053  1.00 44.05  ? 33  ARG A CG  1 
ATOM   248  C CD  . ARG A 1 33  ? 1.898   -5.024  17.929  1.00 49.05  ? 33  ARG A CD  1 
ATOM   249  N NE  . ARG A 1 33  ? 2.344   -6.411  18.042  1.00 60.05  ? 33  ARG A NE  1 
ATOM   250  C CZ  . ARG A 1 33  ? 3.427   -6.845  18.715  1.00 69.46  ? 33  ARG A CZ  1 
ATOM   251  N NH1 . ARG A 1 33  ? 3.707   -8.154  18.716  1.00 64.41  ? 33  ARG A NH1 1 
ATOM   252  N NH2 . ARG A 1 33  ? 4.247   -5.992  19.363  1.00 69.60  ? 33  ARG A NH2 1 
ATOM   253  N N   . LYS A 1 34  ? 5.127   -5.587  13.200  1.00 31.27  ? 34  LYS A N   1 
ATOM   254  C CA  . LYS A 1 34  ? 6.077   -6.500  12.606  1.00 31.54  ? 34  LYS A CA  1 
ATOM   255  C C   . LYS A 1 34  ? 6.290   -6.283  11.126  1.00 35.04  ? 34  LYS A C   1 
ATOM   256  O O   . LYS A 1 34  ? 7.429   -6.129  10.676  1.00 31.30  ? 34  LYS A O   1 
ATOM   257  C CB  . LYS A 1 34  ? 5.625   -7.934  12.802  1.00 37.66  ? 34  LYS A CB  1 
ATOM   258  C CG  . LYS A 1 34  ? 5.246   -8.337  14.234  1.00 44.75  ? 34  LYS A CG  1 
ATOM   259  C CD  . LYS A 1 34  ? 6.441   -8.243  15.172  1.00 55.36  ? 34  LYS A CD  1 
ATOM   260  C CE  . LYS A 1 34  ? 6.080   -8.622  16.612  1.00 62.98  ? 34  LYS A CE  1 
ATOM   261  N NZ  . LYS A 1 34  ? 6.874   -7.838  17.609  1.00 62.81  ? 34  LYS A NZ  1 
ATOM   262  N N   . VAL A 1 35  ? 5.197   -6.232  10.355  0.72 28.91  ? 35  VAL A N   1 
ATOM   263  C CA  . VAL A 1 35  ? 5.342   -6.237  8.917   0.72 28.23  ? 35  VAL A CA  1 
ATOM   264  C C   . VAL A 1 35  ? 4.211   -5.489  8.242   0.72 26.34  ? 35  VAL A C   1 
ATOM   265  O O   . VAL A 1 35  ? 3.053   -5.594  8.654   0.72 30.97  ? 35  VAL A O   1 
ATOM   266  C CB  . VAL A 1 35  ? 5.478   -7.670  8.373   0.72 28.38  ? 35  VAL A CB  1 
ATOM   267  C CG1 . VAL A 1 35  ? 4.165   -8.466  8.498   0.72 27.69  ? 35  VAL A CG1 1 
ATOM   268  C CG2 . VAL A 1 35  ? 6.021   -7.679  6.962   0.72 27.79  ? 35  VAL A CG2 1 
ATOM   269  N N   . ILE A 1 36  ? 4.568   -4.752  7.198   1.00 26.33  ? 36  ILE A N   1 
ATOM   270  C CA  . ILE A 1 36  ? 3.588   -4.064  6.317   1.00 29.40  ? 36  ILE A CA  1 
ATOM   271  C C   . ILE A 1 36  ? 3.891   -4.531  4.912   1.00 27.55  ? 36  ILE A C   1 
ATOM   272  O O   . ILE A 1 36  ? 5.023   -4.464  4.463   1.00 26.10  ? 36  ILE A O   1 
ATOM   273  C CB  . ILE A 1 36  ? 3.712   -2.540  6.361   1.00 28.82  ? 36  ILE A CB  1 
ATOM   274  C CG1 . ILE A 1 36  ? 3.336   -2.007  7.738   1.00 27.47  ? 36  ILE A CG1 1 
ATOM   275  C CG2 . ILE A 1 36  ? 2.845   -1.922  5.267   1.00 29.64  ? 36  ILE A CG2 1 
ATOM   276  C CD1 . ILE A 1 36  ? 3.791   -0.583  7.965   1.00 26.22  ? 36  ILE A CD1 1 
ATOM   277  N N   . ALA A 1 37  ? 2.876   -5.019  4.206   1.00 23.82  ? 37  ALA A N   1 
ATOM   278  C CA  . ALA A 1 37  ? 3.013   -5.423  2.821   1.00 23.26  ? 37  ALA A CA  1 
ATOM   279  C C   . ALA A 1 37  ? 1.986   -4.607  2.070   1.00 24.23  ? 37  ALA A C   1 
ATOM   280  O O   . ALA A 1 37  ? 0.784   -4.732  2.342   1.00 23.88  ? 37  ALA A O   1 
ATOM   281  C CB  . ALA A 1 37  ? 2.712   -6.915  2.683   1.00 22.48  ? 37  ALA A CB  1 
ATOM   282  N N   . LEU A 1 38  ? 2.442   -3.773  1.129   1.00 21.07  ? 38  LEU A N   1 
ATOM   283  C CA  . LEU A 1 38  ? 1.557   -2.835  0.429   1.00 21.44  ? 38  LEU A CA  1 
ATOM   284  C C   . LEU A 1 38  ? 1.672   -3.147  -1.042  1.00 20.45  ? 38  LEU A C   1 
ATOM   285  O O   . LEU A 1 38  ? 2.773   -3.246  -1.587  1.00 21.22  ? 38  LEU A O   1 
ATOM   286  C CB  . LEU A 1 38  ? 2.013   -1.391  0.652   1.00 23.11  ? 38  LEU A CB  1 
ATOM   287  C CG  . LEU A 1 38  ? 1.278   -0.331  -0.170  1.00 23.56  ? 38  LEU A CG  1 
ATOM   288  C CD1 . LEU A 1 38  ? -0.200  -0.298  0.192   1.00 22.91  ? 38  LEU A CD1 1 
ATOM   289  C CD2 . LEU A 1 38  ? 1.896   1.043   0.137   1.00 26.46  ? 38  LEU A CD2 1 
ATOM   290  N N   . VAL A 1 39  ? 0.546   -3.275  -1.714  1.00 19.60  ? 39  VAL A N   1 
ATOM   291  C CA  . VAL A 1 39  ? 0.429   -3.342  -3.132  1.00 22.25  ? 39  VAL A CA  1 
ATOM   292  C C   . VAL A 1 39  ? -0.376  -2.122  -3.591  1.00 23.62  ? 39  VAL A C   1 
ATOM   293  O O   . VAL A 1 39  ? -1.497  -1.929  -3.111  1.00 22.61  ? 39  VAL A O   1 
ATOM   294  C CB  . VAL A 1 39  ? -0.343  -4.595  -3.555  1.00 23.38  ? 39  VAL A CB  1 
ATOM   295  C CG1 . VAL A 1 39  ? -0.389  -4.675  -5.048  1.00 24.83  ? 39  VAL A CG1 1 
ATOM   296  C CG2 . VAL A 1 39  ? 0.321   -5.798  -2.975  1.00 23.33  ? 39  VAL A CG2 1 
ATOM   297  N N   . MET A 1 40  ? 0.189   -1.292  -4.474  1.00 21.91  ? 40  MET A N   1 
ATOM   298  C CA  . MET A 1 40  ? -0.426  0.016   -4.761  1.00 20.27  ? 40  MET A CA  1 
ATOM   299  C C   . MET A 1 40  ? -0.157  0.405   -6.217  1.00 23.53  ? 40  MET A C   1 
ATOM   300  O O   . MET A 1 40  ? 0.934   0.138   -6.759  1.00 23.17  ? 40  MET A O   1 
ATOM   301  C CB  . MET A 1 40  ? 0.085   1.035   -3.773  1.00 21.14  ? 40  MET A CB  1 
ATOM   302  C CG  . MET A 1 40  ? -0.548  2.427   -3.876  1.00 23.18  ? 40  MET A CG  1 
ATOM   303  S SD  . MET A 1 40  ? -2.387  2.431   -3.952  1.00 22.23  ? 40  MET A SD  1 
ATOM   304  C CE  . MET A 1 40  ? -2.775  1.522   -2.471  1.00 23.60  ? 40  MET A CE  1 
ATOM   305  N N   . ASP A 1 41  ? -1.164  0.980   -6.856  1.00 21.86  ? 41  ASP A N   1 
ATOM   306  C CA  . ASP A 1 41  ? -1.055  1.361   -8.259  1.00 21.35  ? 41  ASP A CA  1 
ATOM   307  C C   . ASP A 1 41  ? -0.328  2.680   -8.411  1.00 26.04  ? 41  ASP A C   1 
ATOM   308  O O   . ASP A 1 41  ? 0.515   2.821   -9.298  1.00 25.85  ? 41  ASP A O   1 
ATOM   309  C CB  . ASP A 1 41  ? -2.359  1.319   -8.980  1.00 24.30  ? 41  ASP A CB  1 
ATOM   310  C CG  . ASP A 1 41  ? -3.497  2.084   -8.265  1.00 26.75  ? 41  ASP A CG  1 
ATOM   311  O OD1 . ASP A 1 41  ? -3.332  2.731   -7.222  1.00 24.02  ? 41  ASP A OD1 1 
ATOM   312  O OD2 . ASP A 1 41  ? -4.588  2.101   -8.824  1.00 32.73  ? 41  ASP A OD2 1 
ATOM   313  N N   . ILE A 1 42  ? -0.669  3.656   -7.570  1.00 23.55  ? 42  ILE A N   1 
ATOM   314  C CA  . ILE A 1 42  ? -0.076  5.008   -7.567  1.00 24.64  ? 42  ILE A CA  1 
ATOM   315  C C   . ILE A 1 42  ? 0.082   5.432   -6.124  1.00 22.65  ? 42  ILE A C   1 
ATOM   316  O O   . ILE A 1 42  ? -0.932  5.423   -5.361  1.00 25.57  ? 42  ILE A O   1 
ATOM   317  C CB  . ILE A 1 42  ? -0.910  6.051   -8.354  1.00 29.00  ? 42  ILE A CB  1 
ATOM   318  C CG1 . ILE A 1 42  ? -1.276  5.568   -9.736  1.00 34.75  ? 42  ILE A CG1 1 
ATOM   319  C CG2 . ILE A 1 42  ? -0.114  7.360   -8.521  1.00 31.17  ? 42  ILE A CG2 1 
ATOM   320  C CD1 . ILE A 1 42  ? -1.901  6.612   -10.660 1.00 39.05  ? 42  ILE A CD1 1 
ATOM   321  N N   . PHE A 1 43  ? 1.308   5.825   -5.703  1.00 23.38  ? 43  PHE A N   1 
ATOM   322  C CA  . PHE A 1 43  ? 1.604   6.210   -4.338  1.00 22.77  ? 43  PHE A CA  1 
ATOM   323  C C   . PHE A 1 43  ? 2.302   7.588   -4.326  1.00 27.16  ? 43  PHE A C   1 
ATOM   324  O O   . PHE A 1 43  ? 3.533   7.681   -4.490  1.00 25.96  ? 43  PHE A O   1 
ATOM   325  C CB  . PHE A 1 43  ? 2.411   5.161   -3.673  1.00 24.02  ? 43  PHE A CB  1 
ATOM   326  C CG  . PHE A 1 43  ? 2.581   5.282   -2.203  1.00 20.99  ? 43  PHE A CG  1 
ATOM   327  C CD1 . PHE A 1 43  ? 2.225   6.431   -1.444  1.00 23.97  ? 43  PHE A CD1 1 
ATOM   328  C CD2 . PHE A 1 43  ? 3.174   4.267   -1.539  1.00 21.41  ? 43  PHE A CD2 1 
ATOM   329  C CE1 . PHE A 1 43  ? 2.408   6.485   -0.081  1.00 21.90  ? 43  PHE A CE1 1 
ATOM   330  C CE2 . PHE A 1 43  ? 3.364   4.300   -0.173  1.00 20.67  ? 43  PHE A CE2 1 
ATOM   331  C CZ  . PHE A 1 43  ? 2.976   5.423   0.589   1.00 21.69  ? 43  PHE A CZ  1 
ATOM   332  N N   . THR A 1 44  ? 1.496   8.627   -4.108  1.00 25.02  ? 44  THR A N   1 
ATOM   333  C CA  . THR A 1 44  ? 2.014   10.003  -3.974  1.00 27.30  ? 44  THR A CA  1 
ATOM   334  C C   . THR A 1 44  ? 1.616   10.703  -2.703  1.00 28.52  ? 44  THR A C   1 
ATOM   335  O O   . THR A 1 44  ? 2.023   11.839  -2.494  1.00 25.84  ? 44  THR A O   1 
ATOM   336  C CB  . THR A 1 44  ? 1.590   10.855  -5.176  1.00 26.24  ? 44  THR A CB  1 
ATOM   337  O OG1 . THR A 1 44  ? 0.165   10.971  -5.253  1.00 29.41  ? 44  THR A OG1 1 
ATOM   338  C CG2 . THR A 1 44  ? 2.075   10.231  -6.474  1.00 29.93  ? 44  THR A CG2 1 
ATOM   339  N N   . ASP A 1 45  ? 0.823   10.047  -1.833  1.00 28.39  ? 45  ASP A N   1 
ATOM   340  C CA  . ASP A 1 45  ? 0.316   10.694  -0.657  1.00 26.18  ? 45  ASP A CA  1 
ATOM   341  C C   . ASP A 1 45  ? 1.433   10.772  0.369   1.00 25.23  ? 45  ASP A C   1 
ATOM   342  O O   . ASP A 1 45  ? 1.872   9.777   0.989   1.00 24.12  ? 45  ASP A O   1 
ATOM   343  C CB  . ASP A 1 45  ? -0.901  9.945   -0.040  1.00 26.74  ? 45  ASP A CB  1 
ATOM   344  C CG  . ASP A 1 45  ? -1.513  10.687  1.103   1.00 25.12  ? 45  ASP A CG  1 
ATOM   345  O OD1 . ASP A 1 45  ? -0.872  10.832  2.187   1.00 27.90  ? 45  ASP A OD1 1 
ATOM   346  O OD2 . ASP A 1 45  ? -2.681  11.054  0.898   1.00 28.65  ? 45  ASP A OD2 1 
ATOM   347  N N   . VAL A 1 46  ? 1.842   12.021  0.633   1.00 28.20  ? 46  VAL A N   1 
ATOM   348  C CA  . VAL A 1 46  ? 2.925   12.246  1.563   1.00 28.04  ? 46  VAL A CA  1 
ATOM   349  C C   . VAL A 1 46  ? 2.651   11.868  3.007   1.00 28.27  ? 46  VAL A C   1 
ATOM   350  O O   . VAL A 1 46  ? 3.558   11.421  3.730   1.00 26.10  ? 46  VAL A O   1 
ATOM   351  C CB  . VAL A 1 46  ? 3.401   13.749  1.449   1.00 31.65  ? 46  VAL A CB  1 
ATOM   352  C CG1 . VAL A 1 46  ? 4.455   14.037  2.483   1.00 34.85  ? 46  VAL A CG1 1 
ATOM   353  C CG2 . VAL A 1 46  ? 3.960   14.014  0.068   1.00 30.33  ? 46  VAL A CG2 1 
ATOM   354  N N   . ASP A 1 47  ? 1.408   12.031  3.463   1.00 29.92  ? 47  ASP A N   1 
ATOM   355  C CA  . ASP A 1 47  ? 1.081   11.705  4.833   1.00 28.03  ? 47  ASP A CA  1 
ATOM   356  C C   . ASP A 1 47  ? 1.175   10.191  5.103   1.00 28.36  ? 47  ASP A C   1 
ATOM   357  O O   . ASP A 1 47  ? 1.731   9.713   6.118   1.00 28.17  ? 47  ASP A O   1 
ATOM   358  C CB  . ASP A 1 47  ? -0.346  12.191  5.166   1.00 29.68  ? 47  ASP A CB  1 
ATOM   359  C CG  . ASP A 1 47  ? -0.511  13.706  4.995   1.00 33.90  ? 47  ASP A CG  1 
ATOM   360  O OD1 . ASP A 1 47  ? 0.398   14.434  5.465   1.00 34.81  ? 47  ASP A OD1 1 
ATOM   361  O OD2 . ASP A 1 47  ? -1.428  14.139  4.273   1.00 32.52  ? 47  ASP A OD2 1 
ATOM   362  N N   . ILE A 1 48  ? 0.664   9.439   4.157   1.00 24.59  ? 48  ILE A N   1 
ATOM   363  C CA  . ILE A 1 48  ? 0.777   8.002   4.201   1.00 22.90  ? 48  ILE A CA  1 
ATOM   364  C C   . ILE A 1 48  ? 2.238   7.528   4.102   1.00 25.58  ? 48  ILE A C   1 
ATOM   365  O O   . ILE A 1 48  ? 2.699   6.711   4.926   1.00 27.11  ? 48  ILE A O   1 
ATOM   366  C CB  . ILE A 1 48  ? -0.154  7.290   3.163   1.00 23.26  ? 48  ILE A CB  1 
ATOM   367  C CG1 . ILE A 1 48  ? -1.643  7.675   3.389   1.00 24.37  ? 48  ILE A CG1 1 
ATOM   368  C CG2 . ILE A 1 48  ? 0.089   5.786   3.289   1.00 23.03  ? 48  ILE A CG2 1 
ATOM   369  C CD1 . ILE A 1 48  ? -2.609  7.194   2.340   1.00 27.52  ? 48  ILE A CD1 1 
ATOM   370  N N   . PHE A 1 49  ? 2.995   8.149   3.195   1.00 26.08  ? 49  PHE A N   1 
ATOM   371  C CA  . PHE A 1 49  ? 4.425   7.833   3.086   1.00 26.10  ? 49  PHE A CA  1 
ATOM   372  C C   . PHE A 1 49  ? 5.172   8.044   4.399   1.00 25.21  ? 49  PHE A C   1 
ATOM   373  O O   . PHE A 1 49  ? 5.930   7.188   4.868   1.00 26.77  ? 49  PHE A O   1 
ATOM   374  C CB  . PHE A 1 49  ? 5.053   8.586   1.916   1.00 29.45  ? 49  PHE A CB  1 
ATOM   375  C CG  . PHE A 1 49  ? 6.530   8.249   1.709   1.00 31.28  ? 49  PHE A CG  1 
ATOM   376  C CD1 . PHE A 1 49  ? 6.927   6.917   1.524   1.00 33.62  ? 49  PHE A CD1 1 
ATOM   377  C CD2 . PHE A 1 49  ? 7.507   9.234   1.779   1.00 36.79  ? 49  PHE A CD2 1 
ATOM   378  C CE1 . PHE A 1 49  ? 8.266   6.549   1.394   1.00 35.60  ? 49  PHE A CE1 1 
ATOM   379  C CE2 . PHE A 1 49  ? 8.860   8.878   1.614   1.00 36.79  ? 49  PHE A CE2 1 
ATOM   380  C CZ  . PHE A 1 49  ? 9.235   7.543   1.425   1.00 34.33  ? 49  PHE A CZ  1 
ATOM   381  N N   . LYS A 1 50  ? 4.886   9.185   5.029   1.00 27.17  ? 50  LYS A N   1 
ATOM   382  C CA  . LYS A 1 50  ? 5.497   9.540   6.323   1.00 30.44  ? 50  LYS A CA  1 
ATOM   383  C C   . LYS A 1 50  ? 5.207   8.499   7.359   1.00 28.92  ? 50  LYS A C   1 
ATOM   384  O O   . LYS A 1 50  ? 6.062   8.094   8.105   1.00 27.58  ? 50  LYS A O   1 
ATOM   385  C CB  . LYS A 1 50  ? 5.026   10.927  6.779   1.00 36.00  ? 50  LYS A CB  1 
ATOM   386  C CG  . LYS A 1 50  ? 5.222   11.288  8.247   1.00 49.54  ? 50  LYS A CG  1 
ATOM   387  C CD  . LYS A 1 50  ? 3.883   11.170  9.020   1.00 67.21  ? 50  LYS A CD  1 
ATOM   388  C CE  . LYS A 1 50  ? 3.993   10.601  10.441  1.00 66.71  ? 50  LYS A CE  1 
ATOM   389  N NZ  . LYS A 1 50  ? 4.668   11.555  11.359  1.00 77.13  ? 50  LYS A NZ  1 
ATOM   390  N N   . GLU A 1 51  ? 3.951   8.059   7.412   1.00 29.30  ? 51  GLU A N   1 
ATOM   391  C CA  . GLU A 1 51  ? 3.582   7.021   8.388   1.00 27.23  ? 51  GLU A CA  1 
ATOM   392  C C   . GLU A 1 51  ? 4.354   5.722   8.159   1.00 24.38  ? 51  GLU A C   1 
ATOM   393  O O   . GLU A 1 51  ? 4.781   5.048   9.080   1.00 26.48  ? 51  GLU A O   1 
ATOM   394  C CB  . GLU A 1 51  ? 2.053   6.786   8.283   1.00 33.49  ? 51  GLU A CB  1 
ATOM   395  C CG  . GLU A 1 51  ? 1.381   6.461   9.568   1.00 41.76  ? 51  GLU A CG  1 
ATOM   396  C CD  . GLU A 1 51  ? 1.412   7.660   10.520  1.00 40.76  ? 51  GLU A CD  1 
ATOM   397  O OE1 . GLU A 1 51  ? 0.796   8.712   10.206  1.00 43.79  ? 51  GLU A OE1 1 
ATOM   398  O OE2 . GLU A 1 51  ? 2.072   7.503   11.551  1.00 51.73  ? 51  GLU A OE2 1 
ATOM   399  N N   . ILE A 1 52  ? 4.500   5.355   6.906   1.00 27.45  ? 52  ILE A N   1 
ATOM   400  C CA  . ILE A 1 52  ? 5.248   4.144   6.537   1.00 25.17  ? 52  ILE A CA  1 
ATOM   401  C C   . ILE A 1 52  ? 6.742   4.315   6.901   1.00 27.47  ? 52  ILE A C   1 
ATOM   402  O O   . ILE A 1 52  ? 7.364   3.446   7.529   1.00 27.04  ? 52  ILE A O   1 
ATOM   403  C CB  . ILE A 1 52  ? 5.071   3.901   5.058   1.00 29.02  ? 52  ILE A CB  1 
ATOM   404  C CG1 . ILE A 1 52  ? 3.662   3.313   4.837   1.00 31.42  ? 52  ILE A CG1 1 
ATOM   405  C CG2 . ILE A 1 52  ? 6.126   2.970   4.528   1.00 30.95  ? 52  ILE A CG2 1 
ATOM   406  C CD1 . ILE A 1 52  ? 3.337   3.061   3.398   1.00 34.66  ? 52  ILE A CD1 1 
ATOM   407  N N   . VAL A 1 53  ? 7.311   5.448   6.491   1.00 27.61  ? 53  VAL A N   1 
ATOM   408  C CA  . VAL A 1 53  ? 8.726   5.728   6.928   1.00 31.43  ? 53  VAL A CA  1 
ATOM   409  C C   . VAL A 1 53  ? 8.849   5.585   8.462   1.00 31.06  ? 53  VAL A C   1 
ATOM   410  O O   . VAL A 1 53  ? 9.726   4.876   8.968   1.00 34.43  ? 53  VAL A O   1 
ATOM   411  C CB  . VAL A 1 53  ? 9.191   7.092   6.426   1.00 31.07  ? 53  VAL A CB  1 
ATOM   412  C CG1 . VAL A 1 53  ? 10.520  7.491   7.070   1.00 35.39  ? 53  VAL A CG1 1 
ATOM   413  C CG2 . VAL A 1 53  ? 9.303   7.064   4.908   1.00 34.37  ? 53  VAL A CG2 1 
ATOM   414  N N   . GLU A 1 54  ? 7.925   6.181   9.188   1.00 31.00  ? 54  GLU A N   1 
ATOM   415  C CA  . GLU A 1 54  ? 7.978   6.105   10.652  1.00 32.63  ? 54  GLU A CA  1 
ATOM   416  C C   . GLU A 1 54  ? 7.892   4.694   11.176  1.00 33.33  ? 54  GLU A C   1 
ATOM   417  O O   . GLU A 1 54  ? 8.595   4.299   12.112  1.00 32.02  ? 54  GLU A O   1 
ATOM   418  C CB  . GLU A 1 54  ? 6.843   6.942   11.234  1.00 41.62  ? 54  GLU A CB  1 
ATOM   419  C CG  . GLU A 1 54  ? 7.185   7.761   12.446  1.00 55.21  ? 54  GLU A CG  1 
ATOM   420  C CD  . GLU A 1 54  ? 6.286   8.967   12.494  1.00 62.63  ? 54  GLU A CD  1 
ATOM   421  O OE1 . GLU A 1 54  ? 6.735   10.059  12.061  1.00 68.13  ? 54  GLU A OE1 1 
ATOM   422  O OE2 . GLU A 1 54  ? 5.106   8.781   12.862  1.00 70.15  ? 54  GLU A OE2 1 
ATOM   423  N N   . ALA A 1 55  ? 7.016   3.877   10.566  1.00 30.50  ? 55  ALA A N   1 
ATOM   424  C CA  . ALA A 1 55  ? 6.931   2.495   10.953  1.00 31.63  ? 55  ALA A CA  1 
ATOM   425  C C   . ALA A 1 55  ? 8.253   1.775   10.783  1.00 29.08  ? 55  ALA A C   1 
ATOM   426  O O   . ALA A 1 55  ? 8.643   0.950   11.647  1.00 30.17  ? 55  ALA A O   1 
ATOM   427  C CB  . ALA A 1 55  ? 5.778   1.768   10.179  1.00 31.30  ? 55  ALA A CB  1 
ATOM   428  N N   . SER A 1 56  ? 8.935   2.057   9.668   1.00 29.78  ? 56  SER A N   1 
ATOM   429  C CA  . SER A 1 56  ? 10.177  1.372   9.350   1.00 34.12  ? 56  SER A CA  1 
ATOM   430  C C   . SER A 1 56  ? 11.248  1.738   10.380  1.00 35.33  ? 56  SER A C   1 
ATOM   431  O O   . SER A 1 56  ? 12.021  0.869   10.774  1.00 34.74  ? 56  SER A O   1 
ATOM   432  C CB  . SER A 1 56  ? 10.664  1.637   7.911   1.00 33.64  ? 56  SER A CB  1 
ATOM   433  O OG  . SER A 1 56  ? 11.111  2.955   7.676   1.00 34.34  ? 56  SER A OG  1 
ATOM   434  N N   . THR A 1 57  ? 11.195  2.971   10.876  1.00 37.29  ? 57  THR A N   1 
ATOM   435  C CA  . THR A 1 57  ? 12.175  3.418   11.901  1.00 39.59  ? 57  THR A CA  1 
ATOM   436  C C   . THR A 1 57  ? 11.929  2.821   13.275  1.00 42.34  ? 57  THR A C   1 
ATOM   437  O O   . THR A 1 57  ? 12.831  2.789   14.105  1.00 45.04  ? 57  THR A O   1 
ATOM   438  C CB  . THR A 1 57  ? 12.256  4.947   12.009  1.00 41.32  ? 57  THR A CB  1 
ATOM   439  O OG1 . THR A 1 57  ? 11.098  5.466   12.659  1.00 49.19  ? 57  THR A OG1 1 
ATOM   440  C CG2 . THR A 1 57  ? 12.377  5.583   10.692  1.00 40.77  ? 57  THR A CG2 1 
ATOM   441  N N   . ARG A 1 58  ? 10.711  2.357   13.533  1.00 42.00  ? 58  ARG A N   1 
ATOM   442  C CA  . ARG A 1 58  ? 10.378  1.606   14.734  1.00 39.48  ? 58  ARG A CA  1 
ATOM   443  C C   . ARG A 1 58  ? 10.834  0.195   14.570  1.00 37.05  ? 58  ARG A C   1 
ATOM   444  O O   . ARG A 1 58  ? 10.750  -0.555  15.497  1.00 39.09  ? 58  ARG A O   1 
ATOM   445  C CB  . ARG A 1 58  ? 8.848   1.483   14.961  1.00 44.04  ? 58  ARG A CB  1 
ATOM   446  C CG  . ARG A 1 58  ? 8.072   2.726   15.289  1.00 45.37  ? 58  ARG A CG  1 
ATOM   447  C CD  . ARG A 1 58  ? 6.732   2.349   15.928  1.00 48.09  ? 58  ARG A CD  1 
ATOM   448  N NE  . ARG A 1 58  ? 5.825   1.549   15.056  1.00 41.26  ? 58  ARG A NE  1 
ATOM   449  C CZ  . ARG A 1 58  ? 5.047   2.075   14.109  1.00 38.27  ? 58  ARG A CZ  1 
ATOM   450  N NH1 . ARG A 1 58  ? 5.038   3.382   13.866  1.00 39.67  ? 58  ARG A NH1 1 
ATOM   451  N NH2 . ARG A 1 58  ? 4.248   1.282   13.381  1.00 38.05  ? 58  ARG A NH2 1 
ATOM   452  N N   . GLY A 1 59  ? 11.267  -0.234  13.385  1.00 35.68  ? 59  GLY A N   1 
ATOM   453  C CA  . GLY A 1 59  ? 11.671  -1.647  13.197  1.00 35.48  ? 59  GLY A CA  1 
ATOM   454  C C   . GLY A 1 59  ? 10.695  -2.558  12.441  1.00 37.33  ? 59  GLY A C   1 
ATOM   455  O O   . GLY A 1 59  ? 10.943  -3.746  12.284  1.00 36.16  ? 59  GLY A O   1 
ATOM   456  N N   . VAL A 1 60  ? 9.601   -1.991  11.937  1.00 32.32  ? 60  VAL A N   1 
ATOM   457  C CA  . VAL A 1 60  ? 8.642   -2.752  11.151  1.00 30.39  ? 60  VAL A CA  1 
ATOM   458  C C   . VAL A 1 60  ? 9.242   -2.992  9.746   1.00 28.68  ? 60  VAL A C   1 
ATOM   459  O O   . VAL A 1 60  ? 9.720   -2.062  9.113   1.00 30.31  ? 60  VAL A O   1 
ATOM   460  C CB  . VAL A 1 60  ? 7.305   -1.977  11.059  1.00 31.12  ? 60  VAL A CB  1 
ATOM   461  C CG1 . VAL A 1 60  ? 6.341   -2.737  10.154  1.00 29.99  ? 60  VAL A CG1 1 
ATOM   462  C CG2 . VAL A 1 60  ? 6.701   -1.790  12.445  1.00 32.73  ? 60  VAL A CG2 1 
ATOM   463  N N   . SER A 1 61  ? 9.204   -4.226  9.259   1.00 29.54  ? 61  SER A N   1 
ATOM   464  C CA  . SER A 1 61  ? 9.652   -4.530  7.917   1.00 30.55  ? 61  SER A CA  1 
ATOM   465  C C   . SER A 1 61  ? 8.577   -4.072  6.916   1.00 28.69  ? 61  SER A C   1 
ATOM   466  O O   . SER A 1 61  ? 7.424   -4.511  7.036   1.00 31.32  ? 61  SER A O   1 
ATOM   467  C CB  . SER A 1 61  ? 9.883   -6.022  7.711   1.00 33.92  ? 61  SER A CB  1 
ATOM   468  O OG  . SER A 1 61  ? 10.863  -6.539  8.602   1.00 40.67  ? 61  SER A OG  1 
ATOM   469  N N   . VAL A 1 62  ? 8.963   -3.277  5.938   1.00 30.03  ? 62  VAL A N   1 
ATOM   470  C CA  . VAL A 1 62  ? 8.008   -2.762  4.953   1.00 29.66  ? 62  VAL A CA  1 
ATOM   471  C C   . VAL A 1 62  ? 8.332   -3.257  3.546   1.00 29.85  ? 62  VAL A C   1 
ATOM   472  O O   . VAL A 1 62  ? 9.431   -2.961  3.010   1.00 28.70  ? 62  VAL A O   1 
ATOM   473  C CB  . VAL A 1 62  ? 7.998   -1.249  4.976   1.00 30.12  ? 62  VAL A CB  1 
ATOM   474  C CG1 . VAL A 1 62  ? 6.998   -0.693  3.954   1.00 30.19  ? 62  VAL A CG1 1 
ATOM   475  C CG2 . VAL A 1 62  ? 7.672   -0.743  6.370   1.00 30.10  ? 62  VAL A CG2 1 
ATOM   476  N N   . TYR A 1 63  ? 7.379   -3.977  2.917   1.00 24.44  ? 63  TYR A N   1 
ATOM   477  C CA  . TYR A 1 63  ? 7.521   -4.401  1.531   1.00 24.72  ? 63  TYR A CA  1 
ATOM   478  C C   . TYR A 1 63  ? 6.462   -3.690  0.690   1.00 23.27  ? 63  TYR A C   1 
ATOM   479  O O   . TYR A 1 63  ? 5.254   -3.783  1.040   1.00 24.24  ? 63  TYR A O   1 
ATOM   480  C CB  . TYR A 1 63  ? 7.274   -5.909  1.433   1.00 25.51  ? 63  TYR A CB  1 
ATOM   481  C CG  . TYR A 1 63  ? 8.293   -6.730  2.214   1.00 27.23  ? 63  TYR A CG  1 
ATOM   482  C CD1 . TYR A 1 63  ? 8.020   -7.107  3.526   1.00 29.43  ? 63  TYR A CD1 1 
ATOM   483  C CD2 . TYR A 1 63  ? 9.502   -7.112  1.647   1.00 30.54  ? 63  TYR A CD2 1 
ATOM   484  C CE1 . TYR A 1 63  ? 8.892   -7.839  4.275   1.00 32.78  ? 63  TYR A CE1 1 
ATOM   485  C CE2 . TYR A 1 63  ? 10.428  -7.894  2.407   1.00 32.70  ? 63  TYR A CE2 1 
ATOM   486  C CZ  . TYR A 1 63  ? 10.092  -8.234  3.708   1.00 35.53  ? 63  TYR A CZ  1 
ATOM   487  O OH  . TYR A 1 63  ? 10.887  -8.963  4.520   1.00 45.33  ? 63  TYR A OH  1 
ATOM   488  N N   . ILE A 1 64  ? 6.878   -2.937  -0.315  1.00 23.28  ? 64  ILE A N   1 
ATOM   489  C CA  . ILE A 1 64  ? 5.992   -2.222  -1.200  1.00 25.45  ? 64  ILE A CA  1 
ATOM   490  C C   . ILE A 1 64  ? 6.171   -2.634  -2.642  1.00 25.63  ? 64  ILE A C   1 
ATOM   491  O O   . ILE A 1 64  ? 7.260   -2.632  -3.166  1.00 25.34  ? 64  ILE A O   1 
ATOM   492  C CB  . ILE A 1 64  ? 6.248   -0.714  -1.114  1.00 25.74  ? 64  ILE A CB  1 
ATOM   493  C CG1 . ILE A 1 64  ? 6.192   -0.297  0.354   1.00 24.34  ? 64  ILE A CG1 1 
ATOM   494  C CG2 . ILE A 1 64  ? 5.301   0.034   -2.000  1.00 25.11  ? 64  ILE A CG2 1 
ATOM   495  C CD1 . ILE A 1 64  ? 6.496   1.222   0.551   1.00 28.35  ? 64  ILE A CD1 1 
ATOM   496  N N   . LEU A 1 65  ? 5.056   -3.014  -3.259  1.00 23.46  ? 65  LEU A N   1 
ATOM   497  C CA  . LEU A 1 65  ? 4.961   -3.345  -4.677  1.00 24.34  ? 65  LEU A CA  1 
ATOM   498  C C   . LEU A 1 65  ? 4.118   -2.317  -5.399  1.00 23.19  ? 65  LEU A C   1 
ATOM   499  O O   . LEU A 1 65  ? 2.978   -2.056  -4.997  1.00 23.01  ? 65  LEU A O   1 
ATOM   500  C CB  . LEU A 1 65  ? 4.372   -4.754  -4.812  1.00 23.53  ? 65  LEU A CB  1 
ATOM   501  C CG  . LEU A 1 65  ? 5.146   -5.923  -4.247  1.00 25.72  ? 65  LEU A CG  1 
ATOM   502  C CD1 . LEU A 1 65  ? 4.380   -7.228  -4.552  1.00 27.31  ? 65  LEU A CD1 1 
ATOM   503  C CD2 . LEU A 1 65  ? 6.540   -5.952  -4.875  1.00 26.40  ? 65  LEU A CD2 1 
ATOM   504  N N   . LEU A 1 66  ? 4.698   -1.624  -6.377  1.00 21.93  ? 66  LEU A N   1 
ATOM   505  C CA  . LEU A 1 66  ? 4.068   -0.567  -7.102  1.00 22.43  ? 66  LEU A CA  1 
ATOM   506  C C   . LEU A 1 66  ? 3.956   -0.940  -8.519  1.00 25.12  ? 66  LEU A C   1 
ATOM   507  O O   . LEU A 1 66  ? 4.860   -1.627  -9.056  1.00 26.97  ? 66  LEU A O   1 
ATOM   508  C CB  . LEU A 1 66  ? 4.948   0.707   -6.980  1.00 24.74  ? 66  LEU A CB  1 
ATOM   509  C CG  . LEU A 1 66  ? 5.078   1.311   -5.597  1.00 27.86  ? 66  LEU A CG  1 
ATOM   510  C CD1 . LEU A 1 66  ? 5.911   2.606   -5.599  1.00 30.33  ? 66  LEU A CD1 1 
ATOM   511  C CD2 . LEU A 1 66  ? 3.667   1.563   -5.005  1.00 27.07  ? 66  LEU A CD2 1 
ATOM   512  N N   . ASP A 1 67  ? 2.895   -0.476  -9.175  1.00 22.49  ? 67  ASP A N   1 
ATOM   513  C CA  . ASP A 1 67  ? 2.757   -0.638  -10.618 1.00 24.24  ? 67  ASP A CA  1 
ATOM   514  C C   . ASP A 1 67  ? 3.933   0.068   -11.310 1.00 25.04  ? 67  ASP A C   1 
ATOM   515  O O   . ASP A 1 67  ? 4.295   1.184   -10.959 1.00 25.32  ? 67  ASP A O   1 
ATOM   516  C CB  . ASP A 1 67  ? 1.457   -0.043  -11.136 1.00 26.15  ? 67  ASP A CB  1 
ATOM   517  C CG  . ASP A 1 67  ? 1.422   0.014   -12.629 1.00 30.63  ? 67  ASP A CG  1 
ATOM   518  O OD1 . ASP A 1 67  ? 1.314   -1.077  -13.257 1.00 25.37  ? 67  ASP A OD1 1 
ATOM   519  O OD2 . ASP A 1 67  ? 1.553   1.144   -13.169 1.00 32.71  ? 67  ASP A OD2 1 
ATOM   520  N N   . GLU A 1 68  ? 4.571   -0.623  -12.233 1.00 24.78  ? 68  GLU A N   1 
ATOM   521  C CA  . GLU A 1 68  ? 5.789   -0.108  -12.829 1.00 26.22  ? 68  GLU A CA  1 
ATOM   522  C C   . GLU A 1 68  ? 5.570   1.175   -13.616 1.00 24.61  ? 68  GLU A C   1 
ATOM   523  O O   . GLU A 1 68  ? 6.349   2.134   -13.526 1.00 27.21  ? 68  GLU A O   1 
ATOM   524  C CB  . GLU A 1 68  ? 6.378   -1.179  -13.736 1.00 28.33  ? 68  GLU A CB  1 
ATOM   525  C CG  . GLU A 1 68  ? 7.705   -0.762  -14.344 1.00 32.73  ? 68  GLU A CG  1 
ATOM   526  C CD  . GLU A 1 68  ? 8.088   -1.724  -15.461 1.00 45.66  ? 68  GLU A CD  1 
ATOM   527  O OE1 . GLU A 1 68  ? 8.726   -2.717  -15.124 1.00 47.00  ? 68  GLU A OE1 1 
ATOM   528  O OE2 . GLU A 1 68  ? 7.680   -1.517  -16.637 1.00 53.24  ? 68  GLU A OE2 1 
ATOM   529  N N   . SER A 1 69  ? 4.486   1.245   -14.344 1.00 27.29  ? 69  SER A N   1 
ATOM   530  C CA  . SER A 1 69  ? 4.221   2.413   -15.178 1.00 28.34  ? 69  SER A CA  1 
ATOM   531  C C   . SER A 1 69  ? 3.968   3.697   -14.413 1.00 30.72  ? 69  SER A C   1 
ATOM   532  O O   . SER A 1 69  ? 4.218   4.767   -14.942 1.00 28.56  ? 69  SER A O   1 
ATOM   533  C CB  . SER A 1 69  ? 3.085   2.133   -16.144 1.00 30.12  ? 69  SER A CB  1 
ATOM   534  O OG  . SER A 1 69  ? 1.860   2.220   -15.437 1.00 33.00  ? 69  SER A OG  1 
ATOM   535  N N   . ASN A 1 70  ? 3.580   3.618   -13.144 1.00 28.58  ? 70  ASN A N   1 
ATOM   536  C CA  . ASN A 1 70  ? 3.381   4.824   -12.322 1.00 29.72  ? 70  ASN A CA  1 
ATOM   537  C C   . ASN A 1 70  ? 4.453   4.964   -11.275 1.00 25.99  ? 70  ASN A C   1 
ATOM   538  O O   . ASN A 1 70  ? 4.411   5.851   -10.441 1.00 27.21  ? 70  ASN A O   1 
ATOM   539  C CB  . ASN A 1 70  ? 1.985   4.806   -11.653 1.00 32.59  ? 70  ASN A CB  1 
ATOM   540  C CG  . ASN A 1 70  ? 0.879   5.134   -12.617 1.00 37.50  ? 70  ASN A CG  1 
ATOM   541  O OD1 . ASN A 1 70  ? 0.024   4.294   -12.897 1.00 48.99  ? 70  ASN A OD1 1 
ATOM   542  N ND2 . ASN A 1 70  ? 0.886   6.331   -13.126 1.00 37.60  ? 70  ASN A ND2 1 
ATOM   543  N N   . PHE A 1 71  ? 5.448   4.110   -11.316 1.00 23.36  ? 71  PHE A N   1 
ATOM   544  C CA  . PHE A 1 71  ? 6.496   4.159   -10.288 1.00 26.18  ? 71  PHE A CA  1 
ATOM   545  C C   . PHE A 1 71  ? 7.190   5.538   -10.170 1.00 28.03  ? 71  PHE A C   1 
ATOM   546  O O   . PHE A 1 71  ? 7.483   5.992   -9.054  1.00 26.70  ? 71  PHE A O   1 
ATOM   547  C CB  . PHE A 1 71  ? 7.562   3.078   -10.535 1.00 26.91  ? 71  PHE A CB  1 
ATOM   548  C CG  . PHE A 1 71  ? 8.681   3.136   -9.563  1.00 28.58  ? 71  PHE A CG  1 
ATOM   549  C CD1 . PHE A 1 71  ? 8.535   2.595   -8.328  1.00 28.27  ? 71  PHE A CD1 1 
ATOM   550  C CD2 . PHE A 1 71  ? 9.888   3.795   -9.867  1.00 32.07  ? 71  PHE A CD2 1 
ATOM   551  C CE1 . PHE A 1 71  ? 9.532   2.703   -7.384  1.00 29.52  ? 71  PHE A CE1 1 
ATOM   552  C CE2 . PHE A 1 71  ? 10.917  3.866   -8.913  1.00 30.35  ? 71  PHE A CE2 1 
ATOM   553  C CZ  . PHE A 1 71  ? 10.740  3.302   -7.685  1.00 33.83  ? 71  PHE A CZ  1 
ATOM   554  N N   . ASN A 1 72  ? 7.437   6.199   -11.302 1.00 29.64  ? 72  ASN A N   1 
ATOM   555  C CA  . ASN A 1 72  ? 8.121   7.507   -11.307 1.00 31.09  ? 72  ASN A CA  1 
ATOM   556  C C   . ASN A 1 72  ? 7.372   8.528   -10.411 1.00 28.87  ? 72  ASN A C   1 
ATOM   557  O O   . ASN A 1 72  ? 7.989   9.380   -9.826  1.00 27.87  ? 72  ASN A O   1 
ATOM   558  C CB  . ASN A 1 72  ? 8.214   8.094   -12.723 1.00 31.74  ? 72  ASN A CB  1 
ATOM   559  C CG  . ASN A 1 72  ? 6.837   8.340   -13.363 1.00 39.53  ? 72  ASN A CG  1 
ATOM   560  O OD1 . ASN A 1 72  ? 5.949   7.422   -13.412 1.00 40.34  ? 72  ASN A OD1 1 
ATOM   561  N ND2 . ASN A 1 72  ? 6.624   9.579   -13.877 1.00 43.14  ? 72  ASN A ND2 1 
ATOM   562  N N   . HIS A 1 73  ? 6.066   8.422   -10.309 1.00 29.52  ? 73  HIS A N   1 
ATOM   563  C CA  . HIS A 1 73  ? 5.298   9.313   -9.421  1.00 29.76  ? 73  HIS A CA  1 
ATOM   564  C C   . HIS A 1 73  ? 5.669   9.129   -7.935  1.00 27.01  ? 73  HIS A C   1 
ATOM   565  O O   . HIS A 1 73  ? 5.722   10.106  -7.179  1.00 29.37  ? 73  HIS A O   1 
ATOM   566  C CB  . HIS A 1 73  ? 3.813   9.129   -9.672  1.00 30.02  ? 73  HIS A CB  1 
ATOM   567  C CG  . HIS A 1 73  ? 3.377   9.534   -11.039 1.00 36.02  ? 73  HIS A CG  1 
ATOM   568  N ND1 . HIS A 1 73  ? 3.542   10.804  -11.527 1.00 41.33  ? 73  HIS A ND1 1 
ATOM   569  C CD2 . HIS A 1 73  ? 2.807   8.820   -12.039 1.00 37.15  ? 73  HIS A CD2 1 
ATOM   570  C CE1 . HIS A 1 73  ? 3.105   10.859  -12.771 1.00 42.40  ? 73  HIS A CE1 1 
ATOM   571  N NE2 . HIS A 1 73  ? 2.651   9.665   -13.104 1.00 41.09  ? 73  HIS A NE2 1 
ATOM   572  N N   . PHE A 1 74  ? 5.956   7.885   -7.508  1.00 25.35  ? 74  PHE A N   1 
ATOM   573  C CA  . PHE A 1 74  ? 6.346   7.616   -6.162  1.00 24.28  ? 74  PHE A CA  1 
ATOM   574  C C   . PHE A 1 74  ? 7.766   8.147   -5.972  1.00 26.65  ? 74  PHE A C   1 
ATOM   575  O O   . PHE A 1 74  ? 8.108   8.709   -4.929  1.00 25.47  ? 74  PHE A O   1 
ATOM   576  C CB  . PHE A 1 74  ? 6.280   6.097   -5.903  1.00 24.84  ? 74  PHE A CB  1 
ATOM   577  C CG  . PHE A 1 74  ? 6.871   5.680   -4.638  1.00 24.25  ? 74  PHE A CG  1 
ATOM   578  C CD1 . PHE A 1 74  ? 6.200   5.839   -3.443  1.00 24.54  ? 74  PHE A CD1 1 
ATOM   579  C CD2 . PHE A 1 74  ? 8.145   5.095   -4.627  1.00 25.42  ? 74  PHE A CD2 1 
ATOM   580  C CE1 . PHE A 1 74  ? 6.795   5.447   -2.239  1.00 27.97  ? 74  PHE A CE1 1 
ATOM   581  C CE2 . PHE A 1 74  ? 8.716   4.717   -3.459  1.00 26.18  ? 74  PHE A CE2 1 
ATOM   582  C CZ  . PHE A 1 74  ? 8.055   4.869   -2.275  1.00 28.08  ? 74  PHE A CZ  1 
ATOM   583  N N   . LEU A 1 75  ? 8.637   7.859   -6.960  1.00 27.43  ? 75  LEU A N   1 
ATOM   584  C CA  . LEU A 1 75  ? 10.020  8.329   -6.859  1.00 29.58  ? 75  LEU A CA  1 
ATOM   585  C C   . LEU A 1 75  ? 10.035  9.828   -6.697  1.00 26.73  ? 75  LEU A C   1 
ATOM   586  O O   . LEU A 1 75  ? 10.689  10.320  -5.789  1.00 32.56  ? 75  LEU A O   1 
ATOM   587  C CB  . LEU A 1 75  ? 10.830  7.923   -8.111  1.00 32.44  ? 75  LEU A CB  1 
ATOM   588  C CG  . LEU A 1 75  ? 12.362  7.992   -7.897  1.00 42.47  ? 75  LEU A CG  1 
ATOM   589  C CD1 . LEU A 1 75  ? 12.789  7.073   -6.758  1.00 44.30  ? 75  LEU A CD1 1 
ATOM   590  C CD2 . LEU A 1 75  ? 13.094  7.605   -9.174  1.00 44.67  ? 75  LEU A CD2 1 
ATOM   591  N N   . ASN A 1 76  ? 9.309   10.523  -7.549  1.00 26.70  ? 76  ASN A N   1 
ATOM   592  C CA  . ASN A 1 76  ? 9.203   12.028  -7.481  1.00 26.98  ? 76  ASN A CA  1 
ATOM   593  C C   . ASN A 1 76  ? 8.774   12.458  -6.125  1.00 31.08  ? 76  ASN A C   1 
ATOM   594  O O   . ASN A 1 76  ? 9.335   13.379  -5.555  1.00 29.41  ? 76  ASN A O   1 
ATOM   595  C CB  . ASN A 1 76  ? 8.261   12.614  -8.508  1.00 27.65  ? 76  ASN A CB  1 
ATOM   596  C CG  . ASN A 1 76  ? 8.739   12.409  -9.945  1.00 30.59  ? 76  ASN A CG  1 
ATOM   597  O OD1 . ASN A 1 76  ? 7.946   12.476  -10.923 1.00 34.88  ? 76  ASN A OD1 1 
ATOM   598  N ND2 . ASN A 1 76  ? 10.019  12.202  -10.085 1.00 30.51  ? 76  ASN A ND2 1 
ATOM   599  N N   . MET A 1 77  ? 7.800   11.762  -5.542  1.00 27.72  ? 77  MET A N   1 
ATOM   600  C CA  . MET A 1 77  ? 7.344   12.163  -4.218  1.00 26.86  ? 77  MET A CA  1 
ATOM   601  C C   . MET A 1 77  ? 8.398   11.952  -3.161  1.00 27.48  ? 77  MET A C   1 
ATOM   602  O O   . MET A 1 77  ? 8.574   12.817  -2.270  1.00 33.38  ? 77  MET A O   1 
ATOM   603  C CB  . MET A 1 77  ? 6.036   11.462  -3.836  1.00 31.22  ? 77  MET A CB  1 
ATOM   604  C CG  . MET A 1 77  ? 5.548   11.816  -2.435  1.00 30.97  ? 77  MET A CG  1 
ATOM   605  S SD  . MET A 1 77  ? 6.237   10.780  -1.192  1.00 35.80  ? 77  MET A SD  1 
ATOM   606  C CE  . MET A 1 77  ? 5.386   9.178   -1.574  1.00 32.31  ? 77  MET A CE  1 
ATOM   607  N N   . THR A 1 78  ? 9.112   10.812  -3.208  1.00 28.67  ? 78  THR A N   1 
ATOM   608  C CA  . THR A 1 78  ? 10.142  10.535  -2.229  1.00 30.12  ? 78  THR A CA  1 
ATOM   609  C C   . THR A 1 78  ? 11.302  11.532  -2.357  1.00 34.38  ? 78  THR A C   1 
ATOM   610  O O   . THR A 1 78  ? 11.883  11.935  -1.340  1.00 34.91  ? 78  THR A O   1 
ATOM   611  C CB  . THR A 1 78  ? 10.739  9.130   -2.301  1.00 34.44  ? 78  THR A CB  1 
ATOM   612  O OG1 . THR A 1 78  ? 11.359  8.966   -3.566  1.00 34.68  ? 78  THR A OG1 1 
ATOM   613  C CG2 . THR A 1 78  ? 9.655   8.060   -2.055  1.00 35.24  ? 78  THR A CG2 1 
ATOM   614  N N   . GLU A 1 79  ? 11.593  11.930  -3.584  1.00 33.27  ? 79  GLU A N   1 
ATOM   615  C CA  . GLU A 1 79  ? 12.641  12.946  -3.820  1.00 37.70  ? 79  GLU A CA  1 
ATOM   616  C C   . GLU A 1 79  ? 12.274  14.294  -3.245  1.00 35.42  ? 79  GLU A C   1 
ATOM   617  O O   . GLU A 1 79  ? 13.110  14.911  -2.599  1.00 37.21  ? 79  GLU A O   1 
ATOM   618  C CB  . GLU A 1 79  ? 12.884  13.155  -5.302  1.00 40.79  ? 79  GLU A CB  1 
ATOM   619  C CG  . GLU A 1 79  ? 13.683  12.053  -5.908  1.00 46.15  ? 79  GLU A CG  1 
ATOM   620  C CD  . GLU A 1 79  ? 14.515  12.526  -7.093  1.00 44.80  ? 79  GLU A CD  1 
ATOM   621  O OE1 . GLU A 1 79  ? 15.473  11.799  -7.334  1.00 50.66  ? 79  GLU A OE1 1 
ATOM   622  O OE2 . GLU A 1 79  ? 14.218  13.577  -7.744  1.00 40.16  ? 79  GLU A OE2 1 
ATOM   623  N N   . LYS A 1 80  ? 11.043  14.743  -3.520  1.00 31.58  ? 80  LYS A N   1 
ATOM   624  C CA  . LYS A 1 80  ? 10.478  16.002  -2.983  1.00 36.30  ? 80  LYS A CA  1 
ATOM   625  C C   . LYS A 1 80  ? 10.551  15.987  -1.502  1.00 35.40  ? 80  LYS A C   1 
ATOM   626  O O   . LYS A 1 80  ? 10.806  17.015  -0.892  1.00 38.12  ? 80  LYS A O   1 
ATOM   627  C CB  . LYS A 1 80  ? 9.017   16.268  -3.367  1.00 39.64  ? 80  LYS A CB  1 
ATOM   628  C CG  . LYS A 1 80  ? 8.783   17.160  -4.545  1.00 46.91  ? 80  LYS A CG  1 
ATOM   629  C CD  . LYS A 1 80  ? 7.310   17.275  -4.910  1.00 49.18  ? 80  LYS A CD  1 
ATOM   630  C CE  . LYS A 1 80  ? 7.134   17.917  -6.279  1.00 58.04  ? 80  LYS A CE  1 
ATOM   631  N NZ  . LYS A 1 80  ? 7.382   17.004  -7.453  1.00 63.23  ? 80  LYS A NZ  1 
ATOM   632  N N   . GLN A 1 81  ? 10.318  14.838  -0.890  1.00 38.66  ? 81  GLN A N   1 
ATOM   633  C CA  . GLN A 1 81  ? 10.353  14.740  0.569   1.00 38.64  ? 81  GLN A CA  1 
ATOM   634  C C   . GLN A 1 81  ? 11.730  14.562  1.139   1.00 38.50  ? 81  GLN A C   1 
ATOM   635  O O   . GLN A 1 81  ? 11.878  14.545  2.354   1.00 45.65  ? 81  GLN A O   1 
ATOM   636  C CB  . GLN A 1 81  ? 9.402   13.607  1.046   1.00 39.58  ? 81  GLN A CB  1 
ATOM   637  C CG  . GLN A 1 81  ? 7.974   13.942  0.678   1.00 40.67  ? 81  GLN A CG  1 
ATOM   638  C CD  . GLN A 1 81  ? 7.514   15.236  1.350   1.00 42.85  ? 81  GLN A CD  1 
ATOM   639  O OE1 . GLN A 1 81  ? 7.797   15.440  2.506   1.00 44.35  ? 81  GLN A OE1 1 
ATOM   640  N NE2 . GLN A 1 81  ? 6.838   16.100  0.617   1.00 38.53  ? 81  GLN A NE2 1 
ATOM   641  N N   . GLY A 1 82  ? 12.757  14.421  0.311   1.00 41.69  ? 82  GLY A N   1 
ATOM   642  C CA  . GLY A 1 82  ? 14.102  14.248  0.816   1.00 45.38  ? 82  GLY A CA  1 
ATOM   643  C C   . GLY A 1 82  ? 14.252  12.967  1.614   1.00 48.95  ? 82  GLY A C   1 
ATOM   644  O O   . GLY A 1 82  ? 14.882  12.959  2.664   1.00 47.30  ? 82  GLY A O   1 
ATOM   645  N N   . CYS A 1 83  ? 13.666  11.883  1.109   1.00 48.86  ? 83  CYS A N   1 
ATOM   646  C CA  . CYS A 1 83  ? 13.496  10.684  1.898   1.00 54.82  ? 83  CYS A CA  1 
ATOM   647  C C   . CYS A 1 83  ? 13.633  9.473   1.001   1.00 59.70  ? 83  CYS A C   1 
ATOM   648  O O   . CYS A 1 83  ? 12.697  8.698   0.819   1.00 65.85  ? 83  CYS A O   1 
ATOM   649  C CB  . CYS A 1 83  ? 12.143  10.720  2.626   1.00 59.16  ? 83  CYS A CB  1 
ATOM   650  S SG  . CYS A 1 83  ? 12.158  9.849   4.187   1.00 71.09  ? 83  CYS A SG  1 
ATOM   651  N N   . SER A 1 84  ? 14.829  9.352   0.444   1.00 54.97  ? 84  SER A N   1 
ATOM   652  C CA  . SER A 1 84  ? 15.254  8.211   -0.345  1.00 61.35  ? 84  SER A CA  1 
ATOM   653  C C   . SER A 1 84  ? 14.992  6.831   0.291   1.00 58.44  ? 84  SER A C   1 
ATOM   654  O O   . SER A 1 84  ? 15.503  6.465   1.361   1.00 60.17  ? 84  SER A O   1 
ATOM   655  C CB  . SER A 1 84  ? 16.738  8.322   -0.698  1.00 60.21  ? 84  SER A CB  1 
ATOM   656  O OG  . SER A 1 84  ? 17.173  7.124   -1.294  1.00 64.86  ? 84  SER A OG  1 
ATOM   657  N N   . VAL A 1 85  ? 14.208  6.061   -0.439  1.00 57.38  ? 85  VAL A N   1 
ATOM   658  C CA  . VAL A 1 85  ? 13.733  4.771   0.023   1.00 52.71  ? 85  VAL A CA  1 
ATOM   659  C C   . VAL A 1 85  ? 14.875  3.743   0.012   1.00 41.92  ? 85  VAL A C   1 
ATOM   660  O O   . VAL A 1 85  ? 14.917  2.874   0.869   1.00 41.56  ? 85  VAL A O   1 
ATOM   661  C CB  . VAL A 1 85  ? 12.495  4.361   -0.812  1.00 55.96  ? 85  VAL A CB  1 
ATOM   662  C CG1 . VAL A 1 85  ? 12.835  3.363   -1.915  1.00 57.38  ? 85  VAL A CG1 1 
ATOM   663  C CG2 . VAL A 1 85  ? 11.385  3.879   0.097   1.00 53.76  ? 85  VAL A CG2 1 
ATOM   664  N N   . GLN A 1 86  ? 15.804  3.878   -0.935  1.00 47.62  ? 86  GLN A N   1 
ATOM   665  C CA  . GLN A 1 86  ? 17.030  3.037   -0.981  1.00 56.21  ? 86  GLN A CA  1 
ATOM   666  C C   . GLN A 1 86  ? 17.887  3.130   0.251   1.00 55.53  ? 86  GLN A C   1 
ATOM   667  O O   . GLN A 1 86  ? 18.531  2.151   0.597   1.00 66.93  ? 86  GLN A O   1 
ATOM   668  C CB  . GLN A 1 86  ? 17.941  3.410   -2.142  1.00 62.41  ? 86  GLN A CB  1 
ATOM   669  C CG  . GLN A 1 86  ? 17.360  3.213   -3.519  1.00 65.31  ? 86  GLN A CG  1 
ATOM   670  C CD  . GLN A 1 86  ? 17.739  4.365   -4.410  1.00 72.27  ? 86  GLN A CD  1 
ATOM   671  O OE1 . GLN A 1 86  ? 18.607  4.233   -5.263  1.00 74.31  ? 86  GLN A OE1 1 
ATOM   672  N NE2 . GLN A 1 86  ? 17.119  5.528   -4.180  1.00 69.65  ? 86  GLN A NE2 1 
ATOM   673  N N   . ARG A 1 87  ? 17.926  4.286   0.908   1.00 62.62  ? 87  ARG A N   1 
ATOM   674  C CA  . ARG A 1 87  ? 18.693  4.380   2.170   1.00 64.99  ? 87  ARG A CA  1 
ATOM   675  C C   . ARG A 1 87  ? 17.878  4.073   3.440   1.00 63.58  ? 87  ARG A C   1 
ATOM   676  O O   . ARG A 1 87  ? 18.383  4.240   4.565   1.00 62.24  ? 87  ARG A O   1 
ATOM   677  C CB  . ARG A 1 87  ? 19.543  5.682   2.303   1.00 74.15  ? 87  ARG A CB  1 
ATOM   678  C CG  . ARG A 1 87  ? 19.036  6.981   1.683   1.00 76.39  ? 87  ARG A CG  1 
ATOM   679  C CD  . ARG A 1 87  ? 19.444  8.186   2.530   1.00 80.48  ? 87  ARG A CD  1 
ATOM   680  N NE  . ARG A 1 87  ? 18.527  8.301   3.673   1.00 79.26  ? 87  ARG A NE  1 
ATOM   681  C CZ  . ARG A 1 87  ? 17.390  9.007   3.701   1.00 75.73  ? 87  ARG A CZ  1 
ATOM   682  N NH1 . ARG A 1 87  ? 17.001  9.740   2.666   1.00 69.70  ? 87  ARG A NH1 1 
ATOM   683  N NH2 . ARG A 1 87  ? 16.637  8.999   4.799   1.00 75.52  ? 87  ARG A NH2 1 
ATOM   684  N N   . LEU A 1 88  ? 16.648  3.579   3.297   1.00 52.78  ? 88  LEU A N   1 
ATOM   685  C CA  . LEU A 1 88  ? 15.890  3.203   4.476   1.00 47.66  ? 88  LEU A CA  1 
ATOM   686  C C   . LEU A 1 88  ? 15.919  1.719   4.468   1.00 46.02  ? 88  LEU A C   1 
ATOM   687  O O   . LEU A 1 88  ? 15.321  1.120   3.597   1.00 45.92  ? 88  LEU A O   1 
ATOM   688  C CB  . LEU A 1 88  ? 14.474  3.755   4.403   1.00 48.10  ? 88  LEU A CB  1 
ATOM   689  C CG  . LEU A 1 88  ? 14.402  5.274   4.556   1.00 52.33  ? 88  LEU A CG  1 
ATOM   690  C CD1 . LEU A 1 88  ? 13.094  5.793   3.982   1.00 59.59  ? 88  LEU A CD1 1 
ATOM   691  C CD2 . LEU A 1 88  ? 14.518  5.684   6.015   1.00 51.40  ? 88  LEU A CD2 1 
ATOM   692  N N   . ARG A 1 89  ? 16.647  1.148   5.428   1.00 44.91  ? 89  ARG A N   1 
ATOM   693  C CA  . ARG A 1 89  ? 16.995  -0.272  5.461   1.00 47.23  ? 89  ARG A CA  1 
ATOM   694  C C   . ARG A 1 89  ? 15.833  -1.244  5.743   1.00 43.29  ? 89  ARG A C   1 
ATOM   695  O O   . ARG A 1 89  ? 15.935  -2.447  5.404   1.00 45.84  ? 89  ARG A O   1 
ATOM   696  C CB  . ARG A 1 89  ? 18.101  -0.517  6.527   1.00 49.76  ? 89  ARG A CB  1 
ATOM   697  N N   . ASN A 1 90  ? 14.777  -0.771  6.406   1.00 36.47  ? 90  ASN A N   1 
ATOM   698  C CA  . ASN A 1 90  ? 13.625  -1.645  6.633   1.00 36.82  ? 90  ASN A CA  1 
ATOM   699  C C   . ASN A 1 90  ? 12.552  -1.541  5.534   1.00 38.55  ? 90  ASN A C   1 
ATOM   700  O O   . ASN A 1 90  ? 11.484  -2.107  5.728   1.00 37.11  ? 90  ASN A O   1 
ATOM   701  C CB  . ASN A 1 90  ? 12.991  -1.416  7.998   1.00 36.51  ? 90  ASN A CB  1 
ATOM   702  C CG  . ASN A 1 90  ? 13.857  -1.918  9.146   1.00 40.72  ? 90  ASN A CG  1 
ATOM   703  O OD1 . ASN A 1 90  ? 14.502  -2.955  9.056   1.00 43.19  ? 90  ASN A OD1 1 
ATOM   704  N ND2 . ASN A 1 90  ? 13.851  -1.187  10.244  1.00 40.58  ? 90  ASN A ND2 1 
ATOM   705  N N   . ILE A 1 91  ? 12.807  -0.838  4.425   1.00 34.53  ? 91  ILE A N   1 
ATOM   706  C CA  . ILE A 1 91  ? 11.816  -0.740  3.372   1.00 35.93  ? 91  ILE A CA  1 
ATOM   707  C C   . ILE A 1 91  ? 12.378  -1.341  2.100   1.00 39.52  ? 91  ILE A C   1 
ATOM   708  O O   . ILE A 1 91  ? 13.436  -0.910  1.664   1.00 37.66  ? 91  ILE A O   1 
ATOM   709  C CB  . ILE A 1 91  ? 11.404  0.714   3.108   1.00 33.79  ? 91  ILE A CB  1 
ATOM   710  C CG1 . ILE A 1 91  ? 10.883  1.372   4.387   1.00 30.80  ? 91  ILE A CG1 1 
ATOM   711  C CG2 . ILE A 1 91  ? 10.315  0.842   2.020   1.00 33.39  ? 91  ILE A CG2 1 
ATOM   712  C CD1 . ILE A 1 91  ? 10.313  2.748   4.133   1.00 33.67  ? 91  ILE A CD1 1 
ATOM   713  N N   . ARG A 1 92  ? 11.661  -2.306  1.494   1.00 31.50  ? 92  ARG A N   1 
ATOM   714  C CA  . ARG A 1 92  ? 11.973  -2.754  0.113   1.00 32.78  ? 92  ARG A CA  1 
ATOM   715  C C   . ARG A 1 92  ? 10.873  -2.334  -0.829  1.00 29.71  ? 92  ARG A C   1 
ATOM   716  O O   . ARG A 1 92  ? 9.699   -2.564  -0.526  1.00 28.65  ? 92  ARG A O   1 
ATOM   717  C CB  . ARG A 1 92  ? 12.087  -4.274  -0.010  1.00 35.56  ? 92  ARG A CB  1 
ATOM   718  C CG  . ARG A 1 92  ? 12.858  -4.925  1.100   1.00 46.47  ? 92  ARG A CG  1 
ATOM   719  C CD  . ARG A 1 92  ? 13.925  -5.882  0.605   1.00 61.83  ? 92  ARG A CD  1 
ATOM   720  N NE  . ARG A 1 92  ? 15.202  -5.620  1.286   1.00 78.13  ? 92  ARG A NE  1 
ATOM   721  C CZ  . ARG A 1 92  ? 16.224  -6.467  1.342   1.00 84.48  ? 92  ARG A CZ  1 
ATOM   722  N NH1 . ARG A 1 92  ? 16.175  -7.657  0.731   1.00 88.05  ? 92  ARG A NH1 1 
ATOM   723  N NH2 . ARG A 1 92  ? 17.314  -6.110  2.013   1.00 89.25  ? 92  ARG A NH2 1 
ATOM   724  N N   . VAL A 1 93  ? 11.256  -1.804  -1.971  1.00 25.63  ? 93  VAL A N   1 
ATOM   725  C CA  . VAL A 1 93  ? 10.311  -1.368  -2.972  1.00 25.20  ? 93  VAL A CA  1 
ATOM   726  C C   . VAL A 1 93  ? 10.654  -2.026  -4.289  1.00 30.71  ? 93  VAL A C   1 
ATOM   727  O O   . VAL A 1 93  ? 11.775  -1.888  -4.776  1.00 29.77  ? 93  VAL A O   1 
ATOM   728  C CB  . VAL A 1 93  ? 10.245  0.140   -3.169  1.00 29.51  ? 93  VAL A CB  1 
ATOM   729  C CG1 . VAL A 1 93  ? 9.108   0.516   -4.080  1.00 25.95  ? 93  VAL A CG1 1 
ATOM   730  C CG2 . VAL A 1 93  ? 10.134  0.881   -1.829  1.00 30.68  ? 93  VAL A CG2 1 
ATOM   731  N N   . ARG A 1 94  ? 9.656   -2.694  -4.887  1.00 25.95  ? 94  ARG A N   1 
ATOM   732  C CA  . ARG A 1 94  ? 9.826   -3.388  -6.190  1.00 25.49  ? 94  ARG A CA  1 
ATOM   733  C C   . ARG A 1 94  ? 8.609   -3.100  -7.031  1.00 25.72  ? 94  ARG A C   1 
ATOM   734  O O   . ARG A 1 94  ? 7.617   -2.576  -6.511  1.00 25.08  ? 94  ARG A O   1 
ATOM   735  C CB  . ARG A 1 94  ? 10.045  -4.854  -5.970  1.00 25.90  ? 94  ARG A CB  1 
ATOM   736  C CG  . ARG A 1 94  ? 11.364  -5.194  -5.265  1.00 29.17  ? 94  ARG A CG  1 
ATOM   737  C CD  . ARG A 1 94  ? 11.434  -6.669  -4.954  1.00 29.65  ? 94  ARG A CD  1 
ATOM   738  N NE  . ARG A 1 94  ? 11.681  -7.432  -6.194  1.00 30.72  ? 94  ARG A NE  1 
ATOM   739  C CZ  . ARG A 1 94  ? 12.875  -7.833  -6.640  1.00 34.79  ? 94  ARG A CZ  1 
ATOM   740  N NH1 . ARG A 1 94  ? 14.014  -7.554  -5.944  1.00 34.91  ? 94  ARG A NH1 1 
ATOM   741  N NH2 . ARG A 1 94  ? 12.937  -8.516  -7.805  1.00 30.09  ? 94  ARG A NH2 1 
ATOM   742  N N   . THR A 1 95  ? 8.755   -3.234  -8.333  1.00 24.89  ? 95  THR A N   1 
ATOM   743  C CA  . THR A 1 95  ? 7.722   -2.891  -9.275  1.00 25.02  ? 95  THR A CA  1 
ATOM   744  C C   . THR A 1 95  ? 7.136   -4.154  -9.937  1.00 25.70  ? 95  THR A C   1 
ATOM   745  O O   . THR A 1 95  ? 7.797   -5.181  -10.073 1.00 24.93  ? 95  THR A O   1 
ATOM   746  C CB  . THR A 1 95  ? 8.185   -1.935  -10.380 1.00 30.66  ? 95  THR A CB  1 
ATOM   747  O OG1 . THR A 1 95  ? 9.264   -2.549  -11.090 1.00 30.16  ? 95  THR A OG1 1 
ATOM   748  C CG2 . THR A 1 95  ? 8.653   -0.632  -9.840  1.00 31.33  ? 95  THR A CG2 1 
ATOM   749  N N   . VAL A 1 96  ? 5.870   -4.025  -10.341 1.00 23.44  ? 96  VAL A N   1 
ATOM   750  C CA  . VAL A 1 96  ? 5.163   -5.096  -10.985 1.00 24.59  ? 96  VAL A CA  1 
ATOM   751  C C   . VAL A 1 96  ? 4.477   -4.507  -12.197 1.00 25.38  ? 96  VAL A C   1 
ATOM   752  O O   . VAL A 1 96  ? 3.938   -3.402  -12.154 1.00 24.52  ? 96  VAL A O   1 
ATOM   753  C CB  . VAL A 1 96  ? 4.131   -5.751  -10.021 1.00 27.35  ? 96  VAL A CB  1 
ATOM   754  C CG1 . VAL A 1 96  ? 3.411   -6.885  -10.746 1.00 27.00  ? 96  VAL A CG1 1 
ATOM   755  C CG2 . VAL A 1 96  ? 4.780   -6.257  -8.756  1.00 27.87  ? 96  VAL A CG2 1 
ATOM   756  N N   . LYS A 1 97  ? 4.558   -5.219  -13.302 1.00 28.31  ? 97  LYS A N   1 
ATOM   757  C CA  . LYS A 1 97  ? 3.835   -4.833  -14.515 1.00 28.52  ? 97  LYS A CA  1 
ATOM   758  C C   . LYS A 1 97  ? 3.017   -5.956  -15.098 1.00 31.88  ? 97  LYS A C   1 
ATOM   759  O O   . LYS A 1 97  ? 3.239   -7.126  -14.771 1.00 34.45  ? 97  LYS A O   1 
ATOM   760  C CB  . LYS A 1 97  ? 4.776   -4.231  -15.555 1.00 38.01  ? 97  LYS A CB  1 
ATOM   761  C CG  . LYS A 1 97  ? 5.673   -5.184  -16.287 1.00 44.24  ? 97  LYS A CG  1 
ATOM   762  C CD  . LYS A 1 97  ? 6.324   -4.451  -17.486 1.00 53.71  ? 97  LYS A CD  1 
ATOM   763  C CE  . LYS A 1 97  ? 6.748   -5.436  -18.570 1.00 65.51  ? 97  LYS A CE  1 
ATOM   764  N NZ  . LYS A 1 97  ? 5.616   -6.152  -19.239 1.00 68.78  ? 97  LYS A NZ  1 
ATOM   765  N N   . GLY A 1 98  ? 2.085   -5.586  -15.988 1.00 29.95  ? 98  GLY A N   1 
ATOM   766  C CA  . GLY A 1 98  ? 1.295   -6.552  -16.769 1.00 30.27  ? 98  GLY A CA  1 
ATOM   767  C C   . GLY A 1 98  ? 1.937   -6.781  -18.162 1.00 33.18  ? 98  GLY A C   1 
ATOM   768  O O   . GLY A 1 98  ? 3.099   -6.390  -18.355 1.00 30.20  ? 98  GLY A O   1 
ATOM   769  N N   . GLN A 1 99  ? 1.183   -7.315  -19.131 1.00 37.62  ? 99  GLN A N   1 
ATOM   770  C CA  . GLN A 1 99  ? 1.658   -7.475  -20.569 1.00 35.59  ? 99  GLN A CA  1 
ATOM   771  C C   . GLN A 1 99  ? 1.446   -6.154  -21.345 1.00 45.06  ? 99  GLN A C   1 
ATOM   772  O O   . GLN A 1 99  ? 0.305   -5.686  -21.501 1.00 38.19  ? 99  GLN A O   1 
ATOM   773  C CB  . GLN A 1 99  ? 0.954   -8.652  -21.302 1.00 42.32  ? 99  GLN A CB  1 
ATOM   774  C CG  . GLN A 1 99  ? 1.155   -10.100 -20.767 1.00 46.66  ? 99  GLN A CG  1 
ATOM   775  C CD  . GLN A 1 99  ? 0.477   -11.264 -21.569 1.00 49.07  ? 99  GLN A CD  1 
ATOM   776  O OE1 . GLN A 1 99  ? 0.384   -11.245 -22.804 1.00 50.47  ? 99  GLN A OE1 1 
ATOM   777  N NE2 . GLN A 1 99  ? 0.051   -12.312 -20.843 1.00 45.38  ? 99  GLN A NE2 1 
ATOM   778  N N   . ASP A 1 100 ? 2.509   -5.522  -21.846 1.00 49.62  ? 100 ASP A N   1 
ATOM   779  C CA  . ASP A 1 100 ? 2.368   -4.362  -22.790 1.00 55.56  ? 100 ASP A CA  1 
ATOM   780  C C   . ASP A 1 100 ? 1.756   -4.724  -24.154 1.00 52.38  ? 100 ASP A C   1 
ATOM   781  O O   . ASP A 1 100 ? 1.726   -5.916  -24.514 1.00 49.02  ? 100 ASP A O   1 
ATOM   782  C CB  . ASP A 1 100 ? 3.716   -3.709  -23.046 1.00 62.50  ? 100 ASP A CB  1 
ATOM   783  C CG  . ASP A 1 100 ? 4.341   -3.181  -21.789 1.00 72.35  ? 100 ASP A CG  1 
ATOM   784  O OD1 . ASP A 1 100 ? 3.603   -2.605  -20.937 1.00 67.31  ? 100 ASP A OD1 1 
ATOM   785  O OD2 . ASP A 1 100 ? 5.570   -3.360  -21.653 1.00 79.07  ? 100 ASP A OD2 1 
ATOM   786  N N   . TYR A 1 101 ? 1.200   -3.717  -24.855 1.00 52.89  ? 101 TYR A N   1 
ATOM   787  C CA  . TYR A 1 101 ? 0.630   -3.888  -26.230 1.00 57.81  ? 101 TYR A CA  1 
ATOM   788  C C   . TYR A 1 101 ? 0.724   -2.623  -27.098 1.00 53.45  ? 101 TYR A C   1 
ATOM   789  O O   . TYR A 1 101 ? 1.002   -1.527  -26.593 1.00 50.91  ? 101 TYR A O   1 
ATOM   790  C CB  . TYR A 1 101 ? -0.828  -4.348  -26.193 1.00 60.92  ? 101 TYR A CB  1 
ATOM   791  C CG  . TYR A 1 101 ? -1.026  -5.802  -25.796 1.00 76.82  ? 101 TYR A CG  1 
ATOM   792  C CD1 . TYR A 1 101 ? -1.116  -6.827  -26.762 1.00 73.04  ? 101 TYR A CD1 1 
ATOM   793  C CD2 . TYR A 1 101 ? -1.136  -6.160  -24.444 1.00 76.40  ? 101 TYR A CD2 1 
ATOM   794  C CE1 . TYR A 1 101 ? -1.307  -8.158  -26.383 1.00 69.85  ? 101 TYR A CE1 1 
ATOM   795  C CE2 . TYR A 1 101 ? -1.316  -7.481  -24.061 1.00 76.75  ? 101 TYR A CE2 1 
ATOM   796  C CZ  . TYR A 1 101 ? -1.404  -8.478  -25.028 1.00 77.14  ? 101 TYR A CZ  1 
ATOM   797  O OH  . TYR A 1 101 ? -1.589  -9.783  -24.616 1.00 82.16  ? 101 TYR A OH  1 
ATOM   798  N N   . PHE A 1 109 ? 1.127   1.055   -25.321 1.00 65.60  ? 109 PHE A N   1 
ATOM   799  C CA  . PHE A 1 109 ? 0.245   1.079   -24.143 1.00 63.71  ? 109 PHE A CA  1 
ATOM   800  C C   . PHE A 1 109 ? 0.716   0.084   -23.030 1.00 59.96  ? 109 PHE A C   1 
ATOM   801  O O   . PHE A 1 109 ? 0.974   -1.120  -23.263 1.00 51.45  ? 109 PHE A O   1 
ATOM   802  C CB  . PHE A 1 109 ? -1.222  0.935   -24.583 1.00 70.04  ? 109 PHE A CB  1 
ATOM   803  C CG  . PHE A 1 109 ? -2.016  -0.091  -23.818 1.00 82.84  ? 109 PHE A CG  1 
ATOM   804  C CD1 . PHE A 1 109 ? -2.675  0.244   -22.630 1.00 85.43  ? 109 PHE A CD1 1 
ATOM   805  C CD2 . PHE A 1 109 ? -2.134  -1.401  -24.309 1.00 90.55  ? 109 PHE A CD2 1 
ATOM   806  C CE1 . PHE A 1 109 ? -3.408  -0.712  -21.936 1.00 83.94  ? 109 PHE A CE1 1 
ATOM   807  C CE2 . PHE A 1 109 ? -2.872  -2.356  -23.621 1.00 82.66  ? 109 PHE A CE2 1 
ATOM   808  C CZ  . PHE A 1 109 ? -3.503  -2.010  -22.438 1.00 81.13  ? 109 PHE A CZ  1 
ATOM   809  N N   . HIS A 1 110 ? 0.851   0.618   -21.821 1.00 56.44  ? 110 HIS A N   1 
ATOM   810  C CA  . HIS A 1 110 ? 1.451   -0.124  -20.684 1.00 53.12  ? 110 HIS A CA  1 
ATOM   811  C C   . HIS A 1 110 ? 0.454   -1.119  -20.038 1.00 41.13  ? 110 HIS A C   1 
ATOM   812  O O   . HIS A 1 110 ? -0.647  -0.717  -19.705 1.00 45.08  ? 110 HIS A O   1 
ATOM   813  C CB  . HIS A 1 110 ? 1.934   0.887   -19.627 1.00 60.28  ? 110 HIS A CB  1 
ATOM   814  C CG  . HIS A 1 110 ? 3.002   1.808   -20.126 1.00 62.01  ? 110 HIS A CG  1 
ATOM   815  N ND1 . HIS A 1 110 ? 2.792   3.159   -20.303 1.00 68.26  ? 110 HIS A ND1 1 
ATOM   816  C CD2 . HIS A 1 110 ? 4.277   1.568   -20.514 1.00 68.37  ? 110 HIS A CD2 1 
ATOM   817  C CE1 . HIS A 1 110 ? 3.898   3.716   -20.764 1.00 74.56  ? 110 HIS A CE1 1 
ATOM   818  N NE2 . HIS A 1 110 ? 4.816   2.773   -20.898 1.00 73.66  ? 110 HIS A NE2 1 
ATOM   819  N N   . GLY A 1 111 ? 0.829   -2.394  -19.920 1.00 40.17  ? 111 GLY A N   1 
ATOM   820  C CA  . GLY A 1 111 ? 0.077   -3.385  -19.094 1.00 36.43  ? 111 GLY A CA  1 
ATOM   821  C C   . GLY A 1 111 ? 0.401   -3.159  -17.633 1.00 33.01  ? 111 GLY A C   1 
ATOM   822  O O   . GLY A 1 111 ? 1.560   -2.975  -17.276 1.00 31.41  ? 111 GLY A O   1 
ATOM   823  N N   . LYS A 1 112 ? -0.598  -3.164  -16.759 1.00 27.67  ? 112 LYS A N   1 
ATOM   824  C CA  . LYS A 1 112 ? -0.427  -2.569  -15.414 1.00 26.64  ? 112 LYS A CA  1 
ATOM   825  C C   . LYS A 1 112 ? -0.818  -3.593  -14.361 1.00 25.35  ? 112 LYS A C   1 
ATOM   826  O O   . LYS A 1 112 ? -1.565  -4.532  -14.646 1.00 23.07  ? 112 LYS A O   1 
ATOM   827  C CB  . LYS A 1 112 ? -1.350  -1.370  -15.293 1.00 30.17  ? 112 LYS A CB  1 
ATOM   828  C CG  . LYS A 1 112 ? -0.881  -0.217  -16.200 1.00 33.23  ? 112 LYS A CG  1 
ATOM   829  C CD  . LYS A 1 112 ? -1.794  1.020   -16.005 1.00 39.71  ? 112 LYS A CD  1 
ATOM   830  C CE  . LYS A 1 112 ? -1.111  2.246   -16.581 1.00 51.09  ? 112 LYS A CE  1 
ATOM   831  N NZ  . LYS A 1 112 ? -2.060  3.373   -16.860 1.00 60.26  ? 112 LYS A NZ  1 
ATOM   832  N N   . MET A 1 113 ? -0.221  -3.450  -13.193 1.00 24.82  ? 113 MET A N   1 
ATOM   833  C CA  . MET A 1 113 ? -0.744  -4.130  -11.992 1.00 24.38  ? 113 MET A CA  1 
ATOM   834  C C   . MET A 1 113 ? -1.904  -3.292  -11.429 1.00 24.27  ? 113 MET A C   1 
ATOM   835  O O   . MET A 1 113 ? -1.673  -2.226  -10.859 1.00 26.39  ? 113 MET A O   1 
ATOM   836  C CB  . MET A 1 113 ? 0.335   -4.310  -10.937 1.00 25.53  ? 113 MET A CB  1 
ATOM   837  C CG  . MET A 1 113 ? -0.186  -5.056  -9.695  1.00 26.56  ? 113 MET A CG  1 
ATOM   838  S SD  . MET A 1 113 ? 0.932   -5.088  -8.302  1.00 30.46  ? 113 MET A SD  1 
ATOM   839  C CE  . MET A 1 113 ? 1.136   -3.358  -7.892  1.00 34.35  ? 113 MET A CE  1 
ATOM   840  N N   . GLU A 1 114 ? -3.134  -3.751  -11.651 1.00 25.14  ? 114 GLU A N   1 
ATOM   841  C CA  . GLU A 1 114 ? -4.363  -3.087  -11.204 1.00 26.04  ? 114 GLU A CA  1 
ATOM   842  C C   . GLU A 1 114 ? -4.891  -3.890  -10.001 1.00 33.96  ? 114 GLU A C   1 
ATOM   843  O O   . GLU A 1 114 ? -5.828  -4.674  -10.118 1.00 47.46  ? 114 GLU A O   1 
ATOM   844  C CB  . GLU A 1 114 ? -5.391  -3.196  -12.291 1.00 28.78  ? 114 GLU A CB  1 
ATOM   845  C CG  . GLU A 1 114 ? -5.005  -2.416  -13.529 1.00 30.63  ? 114 GLU A CG  1 
ATOM   846  C CD  . GLU A 1 114 ? -5.264  -0.927  -13.429 1.00 38.69  ? 114 GLU A CD  1 
ATOM   847  O OE1 . GLU A 1 114 ? -6.102  -0.492  -12.632 1.00 41.89  ? 114 GLU A OE1 1 
ATOM   848  O OE2 . GLU A 1 114 ? -4.653  -0.179  -14.194 1.00 47.61  ? 114 GLU A OE2 1 
ATOM   849  N N   . GLN A 1 115 ? -4.195  -3.808  -8.922  1.00 32.44  ? 115 GLN A N   1 
ATOM   850  C CA  . GLN A 1 115 ? -4.522  -4.510  -7.686  1.00 31.91  ? 115 GLN A CA  1 
ATOM   851  C C   . GLN A 1 115 ? -3.983  -3.593  -6.667  1.00 28.22  ? 115 GLN A C   1 
ATOM   852  O O   . GLN A 1 115 ? -2.928  -2.983  -6.882  1.00 28.02  ? 115 GLN A O   1 
ATOM   853  C CB  . GLN A 1 115 ? -3.712  -5.820  -7.463  1.00 38.97  ? 115 GLN A CB  1 
ATOM   854  C CG  . GLN A 1 115 ? -3.751  -6.809  -8.596  1.00 48.17  ? 115 GLN A CG  1 
ATOM   855  C CD  . GLN A 1 115 ? -3.461  -8.196  -8.134  1.00 52.84  ? 115 GLN A CD  1 
ATOM   856  O OE1 . GLN A 1 115 ? -3.100  -9.047  -8.939  1.00 56.16  ? 115 GLN A OE1 1 
ATOM   857  N NE2 . GLN A 1 115 ? -3.641  -8.447  -6.813  1.00 57.80  ? 115 GLN A NE2 1 
ATOM   858  N N   . LYS A 1 116 ? -4.702  -3.421  -5.576  1.00 25.68  ? 116 LYS A N   1 
ATOM   859  C CA  . LYS A 1 116 ? -4.114  -2.754  -4.431  1.00 28.85  ? 116 LYS A CA  1 
ATOM   860  C C   . LYS A 1 116 ? -4.689  -3.208  -3.148  1.00 23.40  ? 116 LYS A C   1 
ATOM   861  O O   . LYS A 1 116 ? -5.899  -3.519  -3.055  1.00 24.36  ? 116 LYS A O   1 
ATOM   862  C CB  . LYS A 1 116 ? -4.269  -1.254  -4.520  1.00 34.08  ? 116 LYS A CB  1 
ATOM   863  C CG  . LYS A 1 116 ? -5.538  -0.819  -5.047  1.00 32.07  ? 116 LYS A CG  1 
ATOM   864  C CD  . LYS A 1 116 ? -5.478  0.647   -5.320  1.00 35.85  ? 116 LYS A CD  1 
ATOM   865  C CE  . LYS A 1 116 ? -6.842  1.164   -5.662  1.00 32.15  ? 116 LYS A CE  1 
ATOM   866  N NZ  . LYS A 1 116 ? -7.081  0.929   -7.075  1.00 31.50  ? 116 LYS A NZ  1 
ATOM   867  N N   . PHE A 1 117 ? -3.826  -3.286  -2.150  1.00 21.77  ? 117 PHE A N   1 
ATOM   868  C CA  . PHE A 1 117 ? -4.239  -3.712  -0.839  1.00 20.84  ? 117 PHE A CA  1 
ATOM   869  C C   . PHE A 1 117 ? -3.120  -3.438  0.128   1.00 20.59  ? 117 PHE A C   1 
ATOM   870  O O   . PHE A 1 117 ? -1.978  -3.357  -0.309  1.00 21.50  ? 117 PHE A O   1 
ATOM   871  C CB  . PHE A 1 117 ? -4.725  -5.154  -0.778  1.00 20.59  ? 117 PHE A CB  1 
ATOM   872  C CG  . PHE A 1 117 ? -3.711  -6.228  -1.112  1.00 20.40  ? 117 PHE A CG  1 
ATOM   873  C CD1 . PHE A 1 117 ? -2.880  -6.773  -0.125  1.00 21.59  ? 117 PHE A CD1 1 
ATOM   874  C CD2 . PHE A 1 117 ? -3.723  -6.819  -2.363  1.00 23.17  ? 117 PHE A CD2 1 
ATOM   875  C CE1 . PHE A 1 117 ? -2.018  -7.815  -0.429  1.00 25.01  ? 117 PHE A CE1 1 
ATOM   876  C CE2 . PHE A 1 117 ? -2.858  -7.895  -2.707  1.00 23.23  ? 117 PHE A CE2 1 
ATOM   877  C CZ  . PHE A 1 117 ? -1.997  -8.392  -1.720  1.00 23.98  ? 117 PHE A CZ  1 
ATOM   878  N N   . LEU A 1 118 ? -3.490  -3.330  1.425   1.00 18.85  ? 118 LEU A N   1 
ATOM   879  C CA  . LEU A 1 118 ? -2.558  -3.109  2.501   1.00 19.63  ? 118 LEU A CA  1 
ATOM   880  C C   . LEU A 1 118 ? -2.725  -4.252  3.476   1.00 21.61  ? 118 LEU A C   1 
ATOM   881  O O   . LEU A 1 118 ? -3.833  -4.494  3.901   1.00 24.31  ? 118 LEU A O   1 
ATOM   882  C CB  . LEU A 1 118 ? -2.855  -1.788  3.169   1.00 20.42  ? 118 LEU A CB  1 
ATOM   883  C CG  . LEU A 1 118 ? -2.150  -1.511  4.523   1.00 21.00  ? 118 LEU A CG  1 
ATOM   884  C CD1 . LEU A 1 118 ? -0.653  -1.414  4.271   1.00 26.04  ? 118 LEU A CD1 1 
ATOM   885  C CD2 . LEU A 1 118 ? -2.692  -0.216  5.083   1.00 24.15  ? 118 LEU A CD2 1 
ATOM   886  N N   . LEU A 1 119 ? -1.641  -4.912  3.821   0.72 21.27  ? 119 LEU A N   1 
ATOM   887  C CA  . LEU A 1 119 ? -1.699  -5.997  4.751   0.72 21.65  ? 119 LEU A CA  1 
ATOM   888  C C   . LEU A 1 119 ? -0.753  -5.631  5.858   0.72 23.62  ? 119 LEU A C   1 
ATOM   889  O O   . LEU A 1 119 ? 0.363   -5.225  5.614   0.72 22.94  ? 119 LEU A O   1 
ATOM   890  C CB  . LEU A 1 119 ? -1.307  -7.309  4.091   0.72 22.71  ? 119 LEU A CB  1 
ATOM   891  C CG  . LEU A 1 119 ? -1.247  -8.528  5.052   0.72 25.30  ? 119 LEU A CG  1 
ATOM   892  C CD1 . LEU A 1 119 ? -1.435  -9.793  4.261   0.72 25.21  ? 119 LEU A CD1 1 
ATOM   893  C CD2 . LEU A 1 119 ? 0.092   -8.619  5.770   0.72 25.22  ? 119 LEU A CD2 1 
ATOM   894  N N   . VAL A 1 120 ? -1.223  -5.793  7.069   1.00 23.12  ? 120 VAL A N   1 
ATOM   895  C CA  . VAL A 1 120 ? -0.428  -5.436  8.264   1.00 23.50  ? 120 VAL A CA  1 
ATOM   896  C C   . VAL A 1 120 ? -0.389  -6.626  9.219   1.00 26.39  ? 120 VAL A C   1 
ATOM   897  O O   . VAL A 1 120 ? -1.422  -7.130  9.631   1.00 23.29  ? 120 VAL A O   1 
ATOM   898  C CB  . VAL A 1 120 ? -0.979  -4.196  8.961   1.00 23.35  ? 120 VAL A CB  1 
ATOM   899  C CG1 . VAL A 1 120 ? -0.120  -3.865  10.210  1.00 25.45  ? 120 VAL A CG1 1 
ATOM   900  C CG2 . VAL A 1 120 ? -0.934  -2.988  8.034   1.00 24.30  ? 120 VAL A CG2 1 
ATOM   901  N N   . ASP A 1 121 ? 0.842   -7.025  9.590   1.00 29.51  ? 121 ASP A N   1 
ATOM   902  C CA  . ASP A 1 121 ? 1.086   -8.035  10.616  1.00 27.80  ? 121 ASP A CA  1 
ATOM   903  C C   . ASP A 1 121 ? 0.440   -9.356  10.397  1.00 27.44  ? 121 ASP A C   1 
ATOM   904  O O   . ASP A 1 121 ? 0.167   -10.078 11.371  1.00 29.05  ? 121 ASP A O   1 
ATOM   905  C CB  . ASP A 1 121 ? 0.728   -7.480  12.009  1.00 27.58  ? 121 ASP A CB  1 
ATOM   906  C CG  . ASP A 1 121 ? 1.707   -6.369  12.476  1.00 27.61  ? 121 ASP A CG  1 
ATOM   907  O OD1 . ASP A 1 121 ? 2.794   -6.236  11.890  1.00 27.25  ? 121 ASP A OD1 1 
ATOM   908  O OD2 . ASP A 1 121 ? 1.329   -5.581  13.365  1.00 31.97  ? 121 ASP A OD2 1 
ATOM   909  N N   . CYS A 1 122 ? 0.230   -9.722  9.124   1.00 29.36  ? 122 CYS A N   1 
ATOM   910  C CA  . CYS A 1 122 ? -0.557  -10.935 8.799   1.00 29.50  ? 122 CYS A CA  1 
ATOM   911  C C   . CYS A 1 122 ? -1.855  -11.022 9.576   1.00 25.78  ? 122 CYS A C   1 
ATOM   912  O O   . CYS A 1 122 ? -2.311  -12.108 9.879   1.00 28.71  ? 122 CYS A O   1 
ATOM   913  C CB  . CYS A 1 122 ? 0.296   -12.190 9.033   1.00 35.05  ? 122 CYS A CB  1 
ATOM   914  S SG  . CYS A 1 122 ? 1.717   -12.140 7.927   1.00 44.57  ? 122 CYS A SG  1 
ATOM   915  N N   . GLN A 1 123 ? -2.466  -9.880  9.912   1.00 25.36  ? 123 GLN A N   1 
ATOM   916  C CA  . GLN A 1 123 ? -3.610  -9.808  10.740  1.00 27.90  ? 123 GLN A CA  1 
ATOM   917  C C   . GLN A 1 123 ? -4.795  -9.064  10.143  1.00 29.20  ? 123 GLN A C   1 
ATOM   918  O O   . GLN A 1 123 ? -5.924  -9.393  10.429  1.00 26.02  ? 123 GLN A O   1 
ATOM   919  C CB  . GLN A 1 123 ? -3.162  -9.134  12.095  1.00 29.76  ? 123 GLN A CB  1 
ATOM   920  C CG  . GLN A 1 123 ? -4.262  -8.721  12.980  1.00 31.78  ? 123 GLN A CG  1 
ATOM   921  C CD  . GLN A 1 123 ? -3.777  -8.173  14.308  1.00 37.53  ? 123 GLN A CD  1 
ATOM   922  O OE1 . GLN A 1 123 ? -4.556  -7.522  15.016  1.00 35.42  ? 123 GLN A OE1 1 
ATOM   923  N NE2 . GLN A 1 123 ? -2.498  -8.383  14.624  1.00 30.49  ? 123 GLN A NE2 1 
ATOM   924  N N   . LYS A 1 124 ? -4.536  -7.966  9.416   1.00 25.97  ? 124 LYS A N   1 
ATOM   925  C CA  . LYS A 1 124 ? -5.587  -7.125  8.920   1.00 25.60  ? 124 LYS A CA  1 
ATOM   926  C C   . LYS A 1 124 ? -5.239  -6.656  7.499   1.00 23.57  ? 124 LYS A C   1 
ATOM   927  O O   . LYS A 1 124 ? -4.078  -6.351  7.228   1.00 23.22  ? 124 LYS A O   1 
ATOM   928  C CB  . LYS A 1 124 ? -5.762  -5.933  9.829   1.00 26.23  ? 124 LYS A CB  1 
ATOM   929  C CG  . LYS A 1 124 ? -6.982  -5.100  9.519   1.00 31.97  ? 124 LYS A CG  1 
ATOM   930  C CD  . LYS A 1 124 ? -7.155  -3.999  10.544  1.00 34.57  ? 124 LYS A CD  1 
ATOM   931  C CE  . LYS A 1 124 ? -7.757  -4.561  11.819  1.00 39.99  ? 124 LYS A CE  1 
ATOM   932  N NZ  . LYS A 1 124 ? -7.579  -3.530  12.877  1.00 45.99  ? 124 LYS A NZ  1 
ATOM   933  N N   . VAL A 1 125 ? -6.240  -6.692  6.623   1.00 21.28  ? 125 VAL A N   1 
ATOM   934  C CA  . VAL A 1 125 ? -6.066  -6.238  5.229   1.00 22.31  ? 125 VAL A CA  1 
ATOM   935  C C   . VAL A 1 125 ? -7.070  -5.148  4.996   1.00 21.97  ? 125 VAL A C   1 
ATOM   936  O O   . VAL A 1 125 ? -8.239  -5.269  5.355   1.00 20.43  ? 125 VAL A O   1 
ATOM   937  C CB  . VAL A 1 125 ? -6.243  -7.355  4.208   1.00 22.44  ? 125 VAL A CB  1 
ATOM   938  C CG1 . VAL A 1 125 ? -6.291  -6.841  2.742   1.00 24.68  ? 125 VAL A CG1 1 
ATOM   939  C CG2 . VAL A 1 125 ? -5.166  -8.384  4.323   1.00 22.96  ? 125 VAL A CG2 1 
ATOM   940  N N   . MET A 1 126 ? -6.605  -4.083  4.318   1.00 19.83  ? 126 MET A N   1 
ATOM   941  C CA  . MET A 1 126 ? -7.514  -3.155  3.683   1.00 21.59  ? 126 MET A CA  1 
ATOM   942  C C   . MET A 1 126 ? -7.484  -3.425  2.182   1.00 19.59  ? 126 MET A C   1 
ATOM   943  O O   . MET A 1 126 ? -6.461  -3.243  1.513   1.00 20.93  ? 126 MET A O   1 
ATOM   944  C CB  . MET A 1 126 ? -7.164  -1.675  3.945   1.00 21.60  ? 126 MET A CB  1 
ATOM   945  C CG  . MET A 1 126 ? -8.149  -0.740  3.251   1.00 22.29  ? 126 MET A CG  1 
ATOM   946  S SD  . MET A 1 126 ? -7.730  1.017   3.518   1.00 23.61  ? 126 MET A SD  1 
ATOM   947  C CE  . MET A 1 126 ? -7.980  1.207   5.280   1.00 25.60  ? 126 MET A CE  1 
ATOM   948  N N   . TYR A 1 127 ? -8.635  -3.740  1.618   1.00 21.06  ? 127 TYR A N   1 
ATOM   949  C CA  . TYR A 1 127 ? -8.754  -4.096  0.228   1.00 21.14  ? 127 TYR A CA  1 
ATOM   950  C C   . TYR A 1 127 ? -9.811  -3.261  -0.437  1.00 20.84  ? 127 TYR A C   1 
ATOM   951  O O   . TYR A 1 127 ? -10.970 -3.298  -0.030  1.00 21.70  ? 127 TYR A O   1 
ATOM   952  C CB  . TYR A 1 127 ? -9.115  -5.598  0.095   1.00 20.77  ? 127 TYR A CB  1 
ATOM   953  C CG  . TYR A 1 127 ? -9.405  -6.031  -1.319  1.00 22.33  ? 127 TYR A CG  1 
ATOM   954  C CD1 . TYR A 1 127 ? -8.402  -6.035  -2.261  1.00 24.75  ? 127 TYR A CD1 1 
ATOM   955  C CD2 . TYR A 1 127 ? -10.667 -6.445  -1.710  1.00 24.78  ? 127 TYR A CD2 1 
ATOM   956  C CE1 . TYR A 1 127 ? -8.645  -6.415  -3.566  1.00 25.98  ? 127 TYR A CE1 1 
ATOM   957  C CE2 . TYR A 1 127 ? -10.931 -6.853  -3.055  1.00 26.77  ? 127 TYR A CE2 1 
ATOM   958  C CZ  . TYR A 1 127 ? -9.891  -6.820  -3.948  1.00 26.01  ? 127 TYR A CZ  1 
ATOM   959  O OH  . TYR A 1 127 ? -10.113 -7.195  -5.243  1.00 29.74  ? 127 TYR A OH  1 
ATOM   960  N N   . GLY A 1 128 ? -9.482  -2.520  -1.509  1.00 21.35  ? 128 GLY A N   1 
ATOM   961  C CA  . GLY A 1 128 ? -10.519 -1.741  -2.132  1.00 21.01  ? 128 GLY A CA  1 
ATOM   962  C C   . GLY A 1 128 ? -10.002 -0.826  -3.214  1.00 23.10  ? 128 GLY A C   1 
ATOM   963  O O   . GLY A 1 128 ? -8.892  -1.033  -3.710  1.00 22.02  ? 128 GLY A O   1 
ATOM   964  N N   . SER A 1 129 ? -10.774 0.221   -3.459  1.00 20.09  ? 129 SER A N   1 
ATOM   965  C CA  . SER A 1 129 ? -10.500 1.095   -4.632  1.00 21.35  ? 129 SER A CA  1 
ATOM   966  C C   . SER A 1 129 ? -9.770  2.384   -4.283  1.00 22.60  ? 129 SER A C   1 
ATOM   967  O O   . SER A 1 129 ? -9.585  3.246   -5.155  1.00 24.05  ? 129 SER A O   1 
ATOM   968  C CB  . SER A 1 129 ? -11.790 1.321   -5.360  1.00 21.64  ? 129 SER A CB  1 
ATOM   969  O OG  . SER A 1 129 ? -12.770 1.921   -4.531  1.00 22.45  ? 129 SER A OG  1 
ATOM   970  N N   . TYR A 1 130 ? -9.299  2.500   -3.068  1.00 21.43  ? 130 TYR A N   1 
ATOM   971  C CA  . TYR A 1 130 ? -8.651  3.741   -2.616  1.00 20.53  ? 130 TYR A CA  1 
ATOM   972  C C   . TYR A 1 130 ? -7.128  3.667   -2.939  1.00 22.97  ? 130 TYR A C   1 
ATOM   973  O O   . TYR A 1 130 ? -6.404  2.834   -2.368  1.00 22.75  ? 130 TYR A O   1 
ATOM   974  C CB  . TYR A 1 130 ? -8.847  3.935   -1.128  1.00 19.88  ? 130 TYR A CB  1 
ATOM   975  C CG  . TYR A 1 130 ? -8.400  5.246   -0.572  1.00 22.15  ? 130 TYR A CG  1 
ATOM   976  C CD1 . TYR A 1 130 ? -7.056  5.494   -0.245  1.00 20.80  ? 130 TYR A CD1 1 
ATOM   977  C CD2 . TYR A 1 130 ? -9.320  6.222   -0.284  1.00 23.24  ? 130 TYR A CD2 1 
ATOM   978  C CE1 . TYR A 1 130 ? -6.657  6.743   0.264   1.00 21.62  ? 130 TYR A CE1 1 
ATOM   979  C CE2 . TYR A 1 130 ? -8.948  7.408   0.264   1.00 23.22  ? 130 TYR A CE2 1 
ATOM   980  C CZ  . TYR A 1 130 ? -7.595  7.711   0.466   1.00 25.27  ? 130 TYR A CZ  1 
ATOM   981  O OH  . TYR A 1 130 ? -7.228  8.917   1.018   1.00 28.98  ? 130 TYR A OH  1 
ATOM   982  N N   . SER A 1 131 ? -6.670  4.567   -3.798  1.00 21.36  ? 131 SER A N   1 
ATOM   983  C CA  . SER A 1 131 ? -5.263  4.740   -4.147  1.00 20.99  ? 131 SER A CA  1 
ATOM   984  C C   . SER A 1 131 ? -4.646  5.859   -3.321  1.00 20.28  ? 131 SER A C   1 
ATOM   985  O O   . SER A 1 131 ? -5.327  6.760   -2.821  1.00 20.93  ? 131 SER A O   1 
ATOM   986  C CB  . SER A 1 131 ? -5.087  5.074   -5.647  1.00 20.86  ? 131 SER A CB  1 
ATOM   987  O OG  . SER A 1 131 ? -5.444  4.049   -6.494  1.00 23.90  ? 131 SER A OG  1 
ATOM   988  N N   . TYR A 1 132 ? -3.350  5.707   -3.030  1.00 20.40  ? 132 TYR A N   1 
ATOM   989  C CA  . TYR A 1 132 ? -2.673  6.597   -2.129  1.00 21.85  ? 132 TYR A CA  1 
ATOM   990  C C   . TYR A 1 132 ? -2.186  7.878   -2.825  1.00 23.83  ? 132 TYR A C   1 
ATOM   991  O O   . TYR A 1 132 ? -0.987  8.107   -3.014  1.00 24.84  ? 132 TYR A O   1 
ATOM   992  C CB  . TYR A 1 132 ? -1.500  5.908   -1.479  1.00 22.66  ? 132 TYR A CB  1 
ATOM   993  C CG  . TYR A 1 132 ? -1.832  4.797   -0.498  1.00 20.65  ? 132 TYR A CG  1 
ATOM   994  C CD1 . TYR A 1 132 ? -3.156  4.359   -0.267  1.00 22.74  ? 132 TYR A CD1 1 
ATOM   995  C CD2 . TYR A 1 132 ? -0.839  4.100   0.106   1.00 20.24  ? 132 TYR A CD2 1 
ATOM   996  C CE1 . TYR A 1 132 ? -3.400  3.316   0.606   1.00 23.59  ? 132 TYR A CE1 1 
ATOM   997  C CE2 . TYR A 1 132 ? -1.081  3.062   0.990   1.00 20.92  ? 132 TYR A CE2 1 
ATOM   998  C CZ  . TYR A 1 132 ? -2.361  2.655   1.225   1.00 21.78  ? 132 TYR A CZ  1 
ATOM   999  O OH  . TYR A 1 132 ? -2.622  1.565   2.058   1.00 24.38  ? 132 TYR A OH  1 
ATOM   1000 N N   . MET A 1 133 ? -3.166  8.732   -3.091  1.00 24.01  ? 133 MET A N   1 
ATOM   1001 C CA  . MET A 1 133 ? -3.010  9.987   -3.798  1.00 27.19  ? 133 MET A CA  1 
ATOM   1002 C C   . MET A 1 133 ? -3.951  11.000  -3.191  1.00 27.98  ? 133 MET A C   1 
ATOM   1003 O O   . MET A 1 133 ? -5.053  10.640  -2.720  1.00 26.44  ? 133 MET A O   1 
ATOM   1004 C CB  . MET A 1 133 ? -3.434  9.847   -5.245  1.00 29.72  ? 133 MET A CB  1 
ATOM   1005 C CG  . MET A 1 133 ? -2.977  8.600   -5.901  1.00 34.74  ? 133 MET A CG  1 
ATOM   1006 S SD  . MET A 1 133 ? -3.836  8.429   -7.462  1.00 38.99  ? 133 MET A SD  1 
ATOM   1007 C CE  . MET A 1 133 ? -3.368  9.917   -8.310  1.00 32.01  ? 133 MET A CE  1 
ATOM   1008 N N   . TRP A 1 134 ? -3.552  12.282  -3.269  1.00 25.98  ? 134 TRP A N   1 
ATOM   1009 C CA  . TRP A 1 134 ? -4.398  13.390  -2.774  1.00 31.40  ? 134 TRP A CA  1 
ATOM   1010 C C   . TRP A 1 134 ? -5.833  13.327  -3.365  1.00 25.11  ? 134 TRP A C   1 
ATOM   1011 O O   . TRP A 1 134 ? -6.825  13.631  -2.659  1.00 27.69  ? 134 TRP A O   1 
ATOM   1012 C CB  . TRP A 1 134 ? -3.735  14.790  -3.134  1.00 35.17  ? 134 TRP A CB  1 
ATOM   1013 C CG  . TRP A 1 134 ? -4.522  15.510  -4.154  1.00 52.93  ? 134 TRP A CG  1 
ATOM   1014 C CD1 . TRP A 1 134 ? -4.607  15.216  -5.500  1.00 59.89  ? 134 TRP A CD1 1 
ATOM   1015 C CD2 . TRP A 1 134 ? -5.473  16.558  -3.916  1.00 50.71  ? 134 TRP A CD2 1 
ATOM   1016 N NE1 . TRP A 1 134 ? -5.557  16.015  -6.103  1.00 61.77  ? 134 TRP A NE1 1 
ATOM   1017 C CE2 . TRP A 1 134 ? -6.106  16.842  -5.161  1.00 52.65  ? 134 TRP A CE2 1 
ATOM   1018 C CE3 . TRP A 1 134 ? -5.841  17.297  -2.780  1.00 56.91  ? 134 TRP A CE3 1 
ATOM   1019 C CZ2 . TRP A 1 134 ? -7.065  17.861  -5.311  1.00 53.71  ? 134 TRP A CZ2 1 
ATOM   1020 C CZ3 . TRP A 1 134 ? -6.817  18.320  -2.935  1.00 57.78  ? 134 TRP A CZ3 1 
ATOM   1021 C CH2 . TRP A 1 134 ? -7.409  18.588  -4.190  1.00 49.30  ? 134 TRP A CH2 1 
ATOM   1022 N N   . SER A 1 135 ? -5.960  12.975  -4.639  1.00 25.43  ? 135 SER A N   1 
ATOM   1023 C CA  . SER A 1 135 ? -7.266  12.925  -5.283  1.00 27.15  ? 135 SER A CA  1 
ATOM   1024 C C   . SER A 1 135 ? -8.270  11.935  -4.620  1.00 27.23  ? 135 SER A C   1 
ATOM   1025 O O   . SER A 1 135 ? -9.511  12.143  -4.713  1.00 25.73  ? 135 SER A O   1 
ATOM   1026 C CB  . SER A 1 135 ? -7.138  12.622  -6.771  1.00 27.36  ? 135 SER A CB  1 
ATOM   1027 O OG  . SER A 1 135 ? -6.508  11.386  -6.984  1.00 29.99  ? 135 SER A OG  1 
ATOM   1028 N N   . PHE A 1 136 ? -7.766  10.877  -3.974  1.00 24.51  ? 136 PHE A N   1 
ATOM   1029 C CA  . PHE A 1 136 ? -8.678  9.988   -3.277  1.00 26.10  ? 136 PHE A CA  1 
ATOM   1030 C C   . PHE A 1 136 ? -9.147  10.541  -1.942  1.00 28.63  ? 136 PHE A C   1 
ATOM   1031 O O   . PHE A 1 136 ? -10.165 10.100  -1.425  1.00 26.90  ? 136 PHE A O   1 
ATOM   1032 C CB  . PHE A 1 136 ? -8.046  8.590   -3.137  1.00 25.50  ? 136 PHE A CB  1 
ATOM   1033 C CG  . PHE A 1 136 ? -8.162  7.803   -4.412  1.00 22.77  ? 136 PHE A CG  1 
ATOM   1034 C CD1 . PHE A 1 136 ? -7.282  8.035   -5.452  1.00 24.18  ? 136 PHE A CD1 1 
ATOM   1035 C CD2 . PHE A 1 136 ? -9.220  6.943   -4.624  1.00 22.62  ? 136 PHE A CD2 1 
ATOM   1036 C CE1 . PHE A 1 136 ? -7.376  7.352   -6.628  1.00 25.42  ? 136 PHE A CE1 1 
ATOM   1037 C CE2 . PHE A 1 136 ? -9.338  6.246   -5.803  1.00 22.84  ? 136 PHE A CE2 1 
ATOM   1038 C CZ  . PHE A 1 136 ? -8.427  6.463   -6.822  1.00 25.08  ? 136 PHE A CZ  1 
ATOM   1039 N N   . GLU A 1 137 ? -8.361  11.445  -1.350  1.00 28.29  ? 137 GLU A N   1 
ATOM   1040 C CA  . GLU A 1 137 ? -8.797  12.170  -0.160  1.00 31.25  ? 137 GLU A CA  1 
ATOM   1041 C C   . GLU A 1 137 ? -9.816  13.244  -0.584  1.00 32.03  ? 137 GLU A C   1 
ATOM   1042 O O   . GLU A 1 137 ? -10.796 13.475  0.115   1.00 35.98  ? 137 GLU A O   1 
ATOM   1043 C CB  . GLU A 1 137 ? -7.558  12.774  0.594   1.00 33.68  ? 137 GLU A CB  1 
ATOM   1044 C CG  . GLU A 1 137 ? -7.916  13.274  1.975   1.00 39.83  ? 137 GLU A CG  1 
ATOM   1045 C CD  . GLU A 1 137 ? -6.822  14.099  2.675   1.00 44.89  ? 137 GLU A CD  1 
ATOM   1046 O OE1 . GLU A 1 137 ? -5.633  14.095  2.330   1.00 40.11  ? 137 GLU A OE1 1 
ATOM   1047 O OE2 . GLU A 1 137 ? -7.168  14.787  3.632   1.00 46.25  ? 137 GLU A OE2 1 
ATOM   1048 N N   . LYS A 1 138 ? -9.609  13.936  -1.686  1.00 35.35  ? 138 LYS A N   1 
ATOM   1049 C CA  . LYS A 1 138 ? -10.380 15.154  -1.914  1.00 36.20  ? 138 LYS A CA  1 
ATOM   1050 C C   . LYS A 1 138 ? -11.420 15.112  -3.010  1.00 38.57  ? 138 LYS A C   1 
ATOM   1051 O O   . LYS A 1 138 ? -12.277 15.966  -3.021  1.00 39.30  ? 138 LYS A O   1 
ATOM   1052 C CB  . LYS A 1 138 ? -9.448  16.343  -2.195  1.00 39.23  ? 138 LYS A CB  1 
ATOM   1053 C CG  . LYS A 1 138 ? -8.568  16.803  -1.031  1.00 44.34  ? 138 LYS A CG  1 
ATOM   1054 C CD  . LYS A 1 138 ? -9.192  16.791  0.347   1.00 49.33  ? 138 LYS A CD  1 
ATOM   1055 C CE  . LYS A 1 138 ? -8.226  17.410  1.341   1.00 56.16  ? 138 LYS A CE  1 
ATOM   1056 N NZ  . LYS A 1 138 ? -8.888  17.647  2.661   1.00 62.38  ? 138 LYS A NZ  1 
ATOM   1057 N N   . ALA A 1 139 ? -11.285 14.204  -3.976  1.00 34.33  ? 139 ALA A N   1 
ATOM   1058 C CA  . ALA A 1 139 ? -12.032 14.273  -5.207  1.00 33.84  ? 139 ALA A CA  1 
ATOM   1059 C C   . ALA A 1 139 ? -12.867 13.035  -5.498  1.00 34.63  ? 139 ALA A C   1 
ATOM   1060 O O   . ALA A 1 139 ? -13.991 13.194  -5.942  1.00 34.61  ? 139 ALA A O   1 
ATOM   1061 C CB  . ALA A 1 139 ? -11.124 14.534  -6.378  1.00 34.45  ? 139 ALA A CB  1 
ATOM   1062 N N   . HIS A 1 140 ? -12.296 11.823  -5.313  1.00 27.84  ? 140 HIS A N   1 
ATOM   1063 C CA  . HIS A 1 140 ? -12.932 10.606  -5.783  1.00 26.16  ? 140 HIS A CA  1 
ATOM   1064 C C   . HIS A 1 140 ? -13.823 9.938   -4.743  1.00 22.56  ? 140 HIS A C   1 
ATOM   1065 O O   . HIS A 1 140 ? -13.620 10.083  -3.534  1.00 28.42  ? 140 HIS A O   1 
ATOM   1066 C CB  . HIS A 1 140 ? -11.843 9.620   -6.230  1.00 24.86  ? 140 HIS A CB  1 
ATOM   1067 C CG  . HIS A 1 140 ? -10.971 10.154  -7.322  1.00 26.03  ? 140 HIS A CG  1 
ATOM   1068 N ND1 . HIS A 1 140 ? -11.474 10.883  -8.379  1.00 28.56  ? 140 HIS A ND1 1 
ATOM   1069 C CD2 . HIS A 1 140 ? -9.650  9.993   -7.570  1.00 30.28  ? 140 HIS A CD2 1 
ATOM   1070 C CE1 . HIS A 1 140 ? -10.493 11.154  -9.230  1.00 32.65  ? 140 HIS A CE1 1 
ATOM   1071 N NE2 . HIS A 1 140 ? -9.366  10.635  -8.758  1.00 30.74  ? 140 HIS A NE2 1 
ATOM   1072 N N   . LEU A 1 141 ? -14.807 9.197   -5.239  1.00 21.33  ? 141 LEU A N   1 
ATOM   1073 C CA  . LEU A 1 141 ? -15.624 8.278   -4.416  1.00 22.99  ? 141 LEU A CA  1 
ATOM   1074 C C   . LEU A 1 141 ? -14.882 6.962   -4.421  1.00 23.67  ? 141 LEU A C   1 
ATOM   1075 O O   . LEU A 1 141 ? -14.463 6.477   -5.485  1.00 23.41  ? 141 LEU A O   1 
ATOM   1076 C CB  . LEU A 1 141 ? -16.985 8.060   -5.011  1.00 23.50  ? 141 LEU A CB  1 
ATOM   1077 C CG  . LEU A 1 141 ? -17.821 9.328   -5.278  1.00 29.01  ? 141 LEU A CG  1 
ATOM   1078 C CD1 . LEU A 1 141 ? -19.191 8.889   -5.770  1.00 32.61  ? 141 LEU A CD1 1 
ATOM   1079 C CD2 . LEU A 1 141 ? -17.882 10.248  -4.054  1.00 29.86  ? 141 LEU A CD2 1 
ATOM   1080 N N   . SER A 1 142 ? -14.797 6.319   -3.262  1.00 21.85  ? 142 SER A N   1 
ATOM   1081 C CA  . SER A 1 142 ? -14.170 4.996   -3.200  1.00 21.58  ? 142 SER A CA  1 
ATOM   1082 C C   . SER A 1 142 ? -14.735 4.176   -2.022  1.00 22.66  ? 142 SER A C   1 
ATOM   1083 O O   . SER A 1 142 ? -15.525 4.651   -1.254  1.00 22.40  ? 142 SER A O   1 
ATOM   1084 C CB  . SER A 1 142 ? -12.618 5.097   -3.112  1.00 23.31  ? 142 SER A CB  1 
ATOM   1085 O OG  . SER A 1 142 ? -12.189 5.705   -1.944  1.00 22.20  ? 142 SER A OG  1 
ATOM   1086 N N   . MET A 1 143 ? -14.353 2.922   -1.957  1.00 22.05  ? 143 MET A N   1 
ATOM   1087 C CA  . MET A 1 143 ? -14.767 2.047   -0.872  1.00 23.25  ? 143 MET A CA  1 
ATOM   1088 C C   . MET A 1 143 ? -13.661 1.049   -0.616  1.00 21.01  ? 143 MET A C   1 
ATOM   1089 O O   . MET A 1 143 ? -12.924 0.656   -1.547  1.00 20.99  ? 143 MET A O   1 
ATOM   1090 C CB  . MET A 1 143 ? -16.034 1.314   -1.275  1.00 23.53  ? 143 MET A CB  1 
ATOM   1091 C CG  . MET A 1 143 ? -16.583 0.355   -0.224  1.00 32.02  ? 143 MET A CG  1 
ATOM   1092 S SD  . MET A 1 143 ? -17.895 -0.762  -0.802  1.00 38.11  ? 143 MET A SD  1 
ATOM   1093 C CE  . MET A 1 143 ? -17.811 -0.480  -2.558  1.00 26.12  ? 143 MET A CE  1 
ATOM   1094 N N   . VAL A 1 144 ? -13.590 0.570   0.608   1.00 20.38  ? 144 VAL A N   1 
ATOM   1095 C CA  . VAL A 1 144 ? -12.696 -0.541  0.919   1.00 21.36  ? 144 VAL A CA  1 
ATOM   1096 C C   . VAL A 1 144 ? -13.361 -1.499  1.915   1.00 20.65  ? 144 VAL A C   1 
ATOM   1097 O O   . VAL A 1 144 ? -14.311 -1.136  2.560   1.00 23.52  ? 144 VAL A O   1 
ATOM   1098 C CB  . VAL A 1 144 ? -11.372 -0.049  1.589   1.00 20.61  ? 144 VAL A CB  1 
ATOM   1099 C CG1 . VAL A 1 144 ? -10.535 0.742   0.587   1.00 20.88  ? 144 VAL A CG1 1 
ATOM   1100 C CG2 . VAL A 1 144 ? -11.613 0.738   2.881   1.00 19.55  ? 144 VAL A CG2 1 
ATOM   1101 N N   . GLN A 1 145 ? -12.749 -2.633  2.046   1.00 20.17  ? 145 GLN A N   1 
ATOM   1102 C CA  . GLN A 1 145 ? -13.046 -3.626  3.064   1.00 21.03  ? 145 GLN A CA  1 
ATOM   1103 C C   . GLN A 1 145 ? -11.893 -3.627  4.069   1.00 22.53  ? 145 GLN A C   1 
ATOM   1104 O O   . GLN A 1 145 ? -10.727 -3.555  3.631   1.00 22.17  ? 145 GLN A O   1 
ATOM   1105 C CB  . GLN A 1 145 ? -13.044 -4.978  2.409   1.00 22.02  ? 145 GLN A CB  1 
ATOM   1106 C CG  . GLN A 1 145 ? -14.202 -5.261  1.476   1.00 23.62  ? 145 GLN A CG  1 
ATOM   1107 C CD  . GLN A 1 145 ? -14.117 -6.656  0.861   1.00 26.40  ? 145 GLN A CD  1 
ATOM   1108 O OE1 . GLN A 1 145 ? -13.102 -7.278  0.955   1.00 31.88  ? 145 GLN A OE1 1 
ATOM   1109 N NE2 . GLN A 1 145 ? -15.153 -7.098  0.159   1.00 27.57  ? 145 GLN A NE2 1 
ATOM   1110 N N   . ILE A 1 146 ? -12.220 -3.753  5.363   1.00 22.09  ? 146 ILE A N   1 
ATOM   1111 C CA  . ILE A 1 146 ? -11.271 -4.104  6.361   1.00 22.10  ? 146 ILE A CA  1 
ATOM   1112 C C   . ILE A 1 146 ? -11.514 -5.590  6.668   1.00 22.74  ? 146 ILE A C   1 
ATOM   1113 O O   . ILE A 1 146 ? -12.610 -5.949  7.131   1.00 23.28  ? 146 ILE A O   1 
ATOM   1114 C CB  . ILE A 1 146 ? -11.450 -3.315  7.636   1.00 24.40  ? 146 ILE A CB  1 
ATOM   1115 C CG1 . ILE A 1 146 ? -11.416 -1.822  7.397   1.00 26.33  ? 146 ILE A CG1 1 
ATOM   1116 C CG2 . ILE A 1 146 ? -10.378 -3.744  8.616   1.00 24.18  ? 146 ILE A CG2 1 
ATOM   1117 C CD1 . ILE A 1 146 ? -10.117 -1.376  6.748   1.00 26.59  ? 146 ILE A CD1 1 
ATOM   1118 N N   . ILE A 1 147 ? -10.535 -6.410  6.400   1.00 22.74  ? 147 ILE A N   1 
ATOM   1119 C CA  . ILE A 1 147 ? -10.632 -7.870  6.444   1.00 22.71  ? 147 ILE A CA  1 
ATOM   1120 C C   . ILE A 1 147 ? -9.770  -8.383  7.602   1.00 26.35  ? 147 ILE A C   1 
ATOM   1121 O O   . ILE A 1 147 ? -8.602  -8.090  7.675   1.00 23.14  ? 147 ILE A O   1 
ATOM   1122 C CB  . ILE A 1 147 ? -10.139 -8.480  5.166   1.00 24.17  ? 147 ILE A CB  1 
ATOM   1123 C CG1 . ILE A 1 147 ? -10.904 -7.908  3.977   1.00 21.56  ? 147 ILE A CG1 1 
ATOM   1124 C CG2 . ILE A 1 147 ? -10.280 -9.997  5.169   1.00 24.06  ? 147 ILE A CG2 1 
ATOM   1125 C CD1 . ILE A 1 147 ? -10.347 -8.404  2.690   1.00 21.96  ? 147 ILE A CD1 1 
ATOM   1126 N N   . THR A 1 148 ? -10.329 -9.236  8.466   1.00 24.38  ? 148 THR A N   1 
ATOM   1127 C CA  . THR A 1 148 ? -9.492  -9.976  9.429   1.00 25.83  ? 148 THR A CA  1 
ATOM   1128 C C   . THR A 1 148 ? -9.891  -11.438 9.377   1.00 25.85  ? 148 THR A C   1 
ATOM   1129 O O   . THR A 1 148 ? -10.989 -11.802 8.912   1.00 25.79  ? 148 THR A O   1 
ATOM   1130 C CB  . THR A 1 148 ? -9.693  -9.476  10.849  1.00 25.56  ? 148 THR A CB  1 
ATOM   1131 O OG1 . THR A 1 148 ? -11.071 -9.488  11.157  1.00 25.78  ? 148 THR A OG1 1 
ATOM   1132 C CG2 . THR A 1 148 ? -9.206  -8.055  10.969  1.00 28.94  ? 148 THR A CG2 1 
ATOM   1133 N N   . GLY A 1 149 ? -9.001  -12.269 9.861   1.00 26.99  ? 149 GLY A N   1 
ATOM   1134 C CA  . GLY A 1 149 ? -9.295  -13.685 9.967   1.00 29.18  ? 149 GLY A CA  1 
ATOM   1135 C C   . GLY A 1 149 ? -8.793  -14.475 8.800   1.00 28.26  ? 149 GLY A C   1 
ATOM   1136 O O   . GLY A 1 149 ? -7.824  -14.104 8.168   1.00 26.90  ? 149 GLY A O   1 
ATOM   1137 N N   . GLN A 1 150 ? -9.452  -15.581 8.482   1.00 26.84  ? 150 GLN A N   1 
ATOM   1138 C CA  . GLN A 1 150 ? -8.873  -16.538 7.565   1.00 30.56  ? 150 GLN A CA  1 
ATOM   1139 C C   . GLN A 1 150 ? -8.499  -15.995 6.188   1.00 26.13  ? 150 GLN A C   1 
ATOM   1140 O O   . GLN A 1 150 ? -7.423  -16.311 5.670   1.00 27.21  ? 150 GLN A O   1 
ATOM   1141 C CB  . GLN A 1 150 ? -9.826  -17.726 7.340   1.00 37.97  ? 150 GLN A CB  1 
ATOM   1142 C CG  . GLN A 1 150 ? -9.111  -18.907 6.679   1.00 46.30  ? 150 GLN A CG  1 
ATOM   1143 C CD  . GLN A 1 150 ? -9.213  -20.225 7.466   1.00 66.76  ? 150 GLN A CD  1 
ATOM   1144 O OE1 . GLN A 1 150 ? -9.756  -20.296 8.594   1.00 67.53  ? 150 GLN A OE1 1 
ATOM   1145 N NE2 . GLN A 1 150 ? -8.666  -21.290 6.867   1.00 72.66  ? 150 GLN A NE2 1 
ATOM   1146 N N   . LEU A 1 151 ? -9.362  -15.141 5.617   1.00 24.08  ? 151 LEU A N   1 
ATOM   1147 C CA  . LEU A 1 151 ? -9.055  -14.629 4.268   1.00 25.51  ? 151 LEU A CA  1 
ATOM   1148 C C   . LEU A 1 151 ? -7.747  -13.825 4.218   1.00 24.40  ? 151 LEU A C   1 
ATOM   1149 O O   . LEU A 1 151 ? -7.087  -13.720 3.170   1.00 23.00  ? 151 LEU A O   1 
ATOM   1150 C CB  . LEU A 1 151 ? -10.225 -13.810 3.787   1.00 25.36  ? 151 LEU A CB  1 
ATOM   1151 C CG  . LEU A 1 151 ? -10.155 -13.369 2.343   1.00 27.76  ? 151 LEU A CG  1 
ATOM   1152 C CD1 . LEU A 1 151 ? -10.014 -14.523 1.348   1.00 28.65  ? 151 LEU A CD1 1 
ATOM   1153 C CD2 . LEU A 1 151 ? -11.358 -12.487 2.126   1.00 30.06  ? 151 LEU A CD2 1 
ATOM   1154 N N   . VAL A 1 152 ? -7.308  -13.314 5.359   1.00 22.81  ? 152 VAL A N   1 
ATOM   1155 C CA  . VAL A 1 152 ? -6.020  -12.591 5.327   1.00 23.30  ? 152 VAL A CA  1 
ATOM   1156 C C   . VAL A 1 152 ? -4.929  -13.460 4.805   1.00 26.43  ? 152 VAL A C   1 
ATOM   1157 O O   . VAL A 1 152 ? -3.988  -13.039 4.093   1.00 24.36  ? 152 VAL A O   1 
ATOM   1158 C CB  . VAL A 1 152 ? -5.654  -12.007 6.717   1.00 22.67  ? 152 VAL A CB  1 
ATOM   1159 C CG1 . VAL A 1 152 ? -4.285  -11.350 6.694   1.00 23.86  ? 152 VAL A CG1 1 
ATOM   1160 C CG2 . VAL A 1 152 ? -6.647  -10.975 7.176   1.00 26.31  ? 152 VAL A CG2 1 
ATOM   1161 N N   . GLU A 1 153 ? -5.019  -14.755 5.123   1.00 27.48  ? 153 GLU A N   1 
ATOM   1162 C CA  . GLU A 1 153 ? -3.998  -15.677 4.632   1.00 25.56  ? 153 GLU A CA  1 
ATOM   1163 C C   . GLU A 1 153 ? -3.930  -15.707 3.119   1.00 24.54  ? 153 GLU A C   1 
ATOM   1164 O O   . GLU A 1 153 ? -2.894  -15.893 2.559   1.00 25.91  ? 153 GLU A O   1 
ATOM   1165 C CB  . GLU A 1 153 ? -4.259  -17.126 5.127   1.00 34.47  ? 153 GLU A CB  1 
ATOM   1166 C CG  . GLU A 1 153 ? -4.264  -17.226 6.637   1.00 41.60  ? 153 GLU A CG  1 
ATOM   1167 C CD  . GLU A 1 153 ? -4.618  -18.621 7.122   1.00 53.11  ? 153 GLU A CD  1 
ATOM   1168 O OE1 . GLU A 1 153 ? -4.552  -19.583 6.294   1.00 52.08  ? 153 GLU A OE1 1 
ATOM   1169 O OE2 . GLU A 1 153 ? -4.946  -18.711 8.328   1.00 55.42  ? 153 GLU A OE2 1 
ATOM   1170 N N   . SER A 1 154 ? -5.053  -15.580 2.443   1.00 25.81  ? 154 SER A N   1 
ATOM   1171 C CA  . SER A 1 154 ? -5.018  -15.554 0.975   1.00 24.54  ? 154 SER A CA  1 
ATOM   1172 C C   . SER A 1 154 ? -4.349  -14.283 0.399   1.00 25.35  ? 154 SER A C   1 
ATOM   1173 O O   . SER A 1 154 ? -3.747  -14.343 -0.682  1.00 23.65  ? 154 SER A O   1 
ATOM   1174 C CB  . SER A 1 154 ? -6.414  -15.706 0.399   1.00 27.84  ? 154 SER A CB  1 
ATOM   1175 O OG  . SER A 1 154 ? -7.082  -16.832 0.947   1.00 30.23  ? 154 SER A OG  1 
ATOM   1176 N N   . PHE A 1 155 ? -4.439  -13.162 1.124   1.00 24.19  ? 155 PHE A N   1 
ATOM   1177 C CA  . PHE A 1 155 ? -3.745  -11.938 0.758   1.00 23.55  ? 155 PHE A CA  1 
ATOM   1178 C C   . PHE A 1 155 ? -2.245  -12.034 0.996   1.00 25.48  ? 155 PHE A C   1 
ATOM   1179 O O   . PHE A 1 155 ? -1.435  -11.520 0.229   1.00 24.66  ? 155 PHE A O   1 
ATOM   1180 C CB  . PHE A 1 155 ? -4.409  -10.761 1.493   1.00 24.09  ? 155 PHE A CB  1 
ATOM   1181 C CG  . PHE A 1 155 ? -5.664  -10.289 0.837   1.00 23.48  ? 155 PHE A CG  1 
ATOM   1182 C CD1 . PHE A 1 155 ? -5.594  -9.318  -0.156  1.00 23.52  ? 155 PHE A CD1 1 
ATOM   1183 C CD2 . PHE A 1 155 ? -6.910  -10.787 1.180   1.00 22.02  ? 155 PHE A CD2 1 
ATOM   1184 C CE1 . PHE A 1 155 ? -6.739  -8.856  -0.778  1.00 23.71  ? 155 PHE A CE1 1 
ATOM   1185 C CE2 . PHE A 1 155 ? -8.051  -10.323 0.528   1.00 23.90  ? 155 PHE A CE2 1 
ATOM   1186 C CZ  . PHE A 1 155 ? -7.959  -9.382  -0.476  1.00 23.11  ? 155 PHE A CZ  1 
ATOM   1187 N N   . ASP A 1 156 ? -1.863  -12.746 2.042   1.00 24.51  ? 156 ASP A N   1 
ATOM   1188 C CA  . ASP A 1 156 ? -0.447  -13.085 2.294   1.00 27.67  ? 156 ASP A CA  1 
ATOM   1189 C C   . ASP A 1 156 ? 0.092   -13.858 1.106   1.00 25.27  ? 156 ASP A C   1 
ATOM   1190 O O   . ASP A 1 156 ? 1.108   -13.481 0.511   1.00 24.53  ? 156 ASP A O   1 
ATOM   1191 C CB  . ASP A 1 156 ? -0.391  -13.859 3.610   1.00 30.15  ? 156 ASP A CB  1 
ATOM   1192 C CG  . ASP A 1 156 ? 1.035   -14.314 3.987   1.00 36.19  ? 156 ASP A CG  1 
ATOM   1193 O OD1 . ASP A 1 156 ? 1.302   -14.442 5.174   1.00 42.01  ? 156 ASP A OD1 1 
ATOM   1194 O OD2 . ASP A 1 156 ? 1.885   -14.506 3.136   1.00 32.88  ? 156 ASP A OD2 1 
ATOM   1195 N N   . GLU A 1 157 ? -0.606  -14.923 0.685   1.00 26.49  ? 157 GLU A N   1 
ATOM   1196 C CA  . GLU A 1 157 ? -0.148  -15.715 -0.440  1.00 28.89  ? 157 GLU A CA  1 
ATOM   1197 C C   . GLU A 1 157 ? -0.140  -14.886 -1.747  1.00 26.92  ? 157 GLU A C   1 
ATOM   1198 O O   . GLU A 1 157 ? 0.728   -15.026 -2.597  1.00 27.95  ? 157 GLU A O   1 
ATOM   1199 C CB  . GLU A 1 157 ? -1.033  -16.990 -0.595  1.00 33.57  ? 157 GLU A CB  1 
ATOM   1200 C CG  . GLU A 1 157 ? -0.855  -17.780 -1.878  1.00 40.26  ? 157 GLU A CG  1 
ATOM   1201 C CD  . GLU A 1 157 ? -1.849  -18.946 -1.958  1.00 48.93  ? 157 GLU A CD  1 
ATOM   1202 O OE1 . GLU A 1 157 ? -1.555  -20.037 -1.451  1.00 55.14  ? 157 GLU A OE1 1 
ATOM   1203 O OE2 . GLU A 1 157 ? -2.940  -18.768 -2.526  1.00 56.60  ? 157 GLU A OE2 1 
ATOM   1204 N N   . GLU A 1 158 ? -1.104  -13.990 -1.910  1.00 25.31  ? 158 GLU A N   1 
ATOM   1205 C CA  . GLU A 1 158 ? -1.134  -13.229 -3.173  1.00 26.35  ? 158 GLU A CA  1 
ATOM   1206 C C   . GLU A 1 158 ? 0.001   -12.226 -3.162  1.00 23.84  ? 158 GLU A C   1 
ATOM   1207 O O   . GLU A 1 158 ? 0.613   -11.966 -4.205  1.00 27.51  ? 158 GLU A O   1 
ATOM   1208 C CB  . GLU A 1 158 ? -2.427  -12.500 -3.357  1.00 25.82  ? 158 GLU A CB  1 
ATOM   1209 C CG  . GLU A 1 158 ? -2.434  -11.486 -4.525  1.00 27.62  ? 158 GLU A CG  1 
ATOM   1210 C CD  . GLU A 1 158 ? -2.289  -12.093 -5.913  1.00 30.36  ? 158 GLU A CD  1 
ATOM   1211 O OE1 . GLU A 1 158 ? -2.194  -13.349 -6.060  1.00 31.64  ? 158 GLU A OE1 1 
ATOM   1212 O OE2 . GLU A 1 158 ? -2.361  -11.269 -6.851  1.00 35.97  ? 158 GLU A OE2 1 
ATOM   1213 N N   . PHE A 1 159 ? 0.287   -11.665 -1.998  1.00 23.31  ? 159 PHE A N   1 
ATOM   1214 C CA  . PHE A 1 159 ? 1.443   -10.754 -1.918  1.00 24.08  ? 159 PHE A CA  1 
ATOM   1215 C C   . PHE A 1 159 ? 2.741   -11.426 -2.279  1.00 25.31  ? 159 PHE A C   1 
ATOM   1216 O O   . PHE A 1 159 ? 3.556   -10.893 -2.987  1.00 24.10  ? 159 PHE A O   1 
ATOM   1217 C CB  . PHE A 1 159 ? 1.586   -10.133 -0.556  1.00 22.85  ? 159 PHE A CB  1 
ATOM   1218 C CG  . PHE A 1 159 ? 2.605   -9.035  -0.540  1.00 25.36  ? 159 PHE A CG  1 
ATOM   1219 C CD1 . PHE A 1 159 ? 2.269   -7.764  -0.952  1.00 23.21  ? 159 PHE A CD1 1 
ATOM   1220 C CD2 . PHE A 1 159 ? 3.953   -9.293  -0.166  1.00 26.85  ? 159 PHE A CD2 1 
ATOM   1221 C CE1 . PHE A 1 159 ? 3.207   -6.741  -0.986  1.00 21.91  ? 159 PHE A CE1 1 
ATOM   1222 C CE2 . PHE A 1 159 ? 4.880   -8.286  -0.225  1.00 23.75  ? 159 PHE A CE2 1 
ATOM   1223 C CZ  . PHE A 1 159 ? 4.522   -7.018  -0.632  1.00 22.98  ? 159 PHE A CZ  1 
ATOM   1224 N N   . ARG A 1 160 ? 2.913   -12.647 -1.781  1.00 26.97  ? 160 ARG A N   1 
ATOM   1225 C CA  . ARG A 1 160 ? 4.107   -13.440 -2.099  1.00 25.59  ? 160 ARG A CA  1 
ATOM   1226 C C   . ARG A 1 160 ? 4.218   -13.773 -3.543  1.00 24.65  ? 160 ARG A C   1 
ATOM   1227 O O   . ARG A 1 160 ? 5.278   -13.696 -4.115  1.00 27.28  ? 160 ARG A O   1 
ATOM   1228 C CB  . ARG A 1 160 ? 4.146   -14.690 -1.184  1.00 27.39  ? 160 ARG A CB  1 
ATOM   1229 C CG  . ARG A 1 160 ? 4.337   -14.388 0.272   1.00 30.06  ? 160 ARG A CG  1 
ATOM   1230 C CD  . ARG A 1 160 ? 4.202   -15.676 1.082   1.00 32.01  ? 160 ARG A CD  1 
ATOM   1231 N NE  . ARG A 1 160 ? 4.406   -15.482 2.485   1.00 32.13  ? 160 ARG A NE  1 
ATOM   1232 C CZ  . ARG A 1 160 ? 5.590   -15.382 3.110   1.00 36.75  ? 160 ARG A CZ  1 
ATOM   1233 N NH1 . ARG A 1 160 ? 5.585   -15.198 4.411   1.00 42.27  ? 160 ARG A NH1 1 
ATOM   1234 N NH2 . ARG A 1 160 ? 6.774   -15.453 2.490   1.00 40.39  ? 160 ARG A NH2 1 
ATOM   1235 N N   . THR A 1 161 ? 3.079   -14.042 -4.175  1.00 25.41  ? 161 THR A N   1 
ATOM   1236 C CA  . THR A 1 161 ? 3.022   -14.321 -5.594  1.00 29.43  ? 161 THR A CA  1 
ATOM   1237 C C   . THR A 1 161 ? 3.420   -13.086 -6.394  1.00 25.69  ? 161 THR A C   1 
ATOM   1238 O O   . THR A 1 161 ? 4.194   -13.156 -7.342  1.00 26.99  ? 161 THR A O   1 
ATOM   1239 C CB  . THR A 1 161 ? 1.573   -14.775 -5.943  1.00 27.28  ? 161 THR A CB  1 
ATOM   1240 O OG1 . THR A 1 161 ? 1.197   -15.867 -5.084  1.00 36.04  ? 161 THR A OG1 1 
ATOM   1241 C CG2 . THR A 1 161 ? 1.469   -15.175 -7.329  1.00 34.85  ? 161 THR A CG2 1 
ATOM   1242 N N   . LEU A 1 162 ? 2.869   -11.917 -6.026  1.00 26.36  ? 162 LEU A N   1 
ATOM   1243 C CA  . LEU A 1 162 ? 3.254   -10.718 -6.697  1.00 26.55  ? 162 LEU A CA  1 
ATOM   1244 C C   . LEU A 1 162 ? 4.728   -10.348 -6.521  1.00 22.28  ? 162 LEU A C   1 
ATOM   1245 O O   . LEU A 1 162 ? 5.343   -9.901  -7.472  1.00 25.93  ? 162 LEU A O   1 
ATOM   1246 C CB  . LEU A 1 162 ? 2.370   -9.527  -6.277  1.00 25.62  ? 162 LEU A CB  1 
ATOM   1247 C CG  . LEU A 1 162 ? 0.895   -9.643  -6.633  1.00 26.48  ? 162 LEU A CG  1 
ATOM   1248 C CD1 . LEU A 1 162 ? -0.006  -8.624  -5.906  1.00 27.67  ? 162 LEU A CD1 1 
ATOM   1249 C CD2 . LEU A 1 162 ? 0.684   -9.525  -8.107  1.00 28.79  ? 162 LEU A CD2 1 
ATOM   1250 N N   . TYR A 1 163 ? 5.209   -10.493 -5.308  1.00 23.00  ? 163 TYR A N   1 
ATOM   1251 C CA  . TYR A 1 163 ? 6.560   -10.191 -4.954  1.00 26.96  ? 163 TYR A CA  1 
ATOM   1252 C C   . TYR A 1 163 ? 7.505   -11.017 -5.817  1.00 28.70  ? 163 TYR A C   1 
ATOM   1253 O O   . TYR A 1 163 ? 8.494   -10.509 -6.355  1.00 26.55  ? 163 TYR A O   1 
ATOM   1254 C CB  . TYR A 1 163 ? 6.811   -10.467 -3.469  1.00 26.40  ? 163 TYR A CB  1 
ATOM   1255 C CG  . TYR A 1 163 ? 8.014   -9.713  -2.968  1.00 31.73  ? 163 TYR A CG  1 
ATOM   1256 C CD1 . TYR A 1 163 ? 9.322   -10.244 -3.026  1.00 37.02  ? 163 TYR A CD1 1 
ATOM   1257 C CD2 . TYR A 1 163 ? 7.861   -8.415  -2.469  1.00 35.77  ? 163 TYR A CD2 1 
ATOM   1258 C CE1 . TYR A 1 163 ? 10.422  -9.515  -2.521  1.00 37.95  ? 163 TYR A CE1 1 
ATOM   1259 C CE2 . TYR A 1 163 ? 8.935   -7.706  -1.993  1.00 40.11  ? 163 TYR A CE2 1 
ATOM   1260 C CZ  . TYR A 1 163 ? 10.217  -8.246  -2.020  1.00 41.14  ? 163 TYR A CZ  1 
ATOM   1261 O OH  . TYR A 1 163 ? 11.233  -7.435  -1.516  1.00 45.07  ? 163 TYR A OH  1 
ATOM   1262 N N   . ALA A 1 164 ? 7.132   -12.281 -5.996  1.00 30.82  ? 164 ALA A N   1 
ATOM   1263 C CA  . ALA A 1 164 ? 7.935   -13.179 -6.854  1.00 31.31  ? 164 ALA A CA  1 
ATOM   1264 C C   . ALA A 1 164 ? 7.975   -12.753 -8.331  1.00 34.38  ? 164 ALA A C   1 
ATOM   1265 O O   . ALA A 1 164 ? 8.905   -13.048 -9.054  1.00 38.78  ? 164 ALA A O   1 
ATOM   1266 C CB  . ALA A 1 164 ? 7.412   -14.591 -6.697  1.00 35.15  ? 164 ALA A CB  1 
ATOM   1267 N N   . ARG A 1 165 ? 6.972   -12.022 -8.807  1.00 30.38  ? 165 ARG A N   1 
ATOM   1268 C CA  . ARG A 1 165 ? 7.010   -11.503 -10.144 1.00 30.81  ? 165 ARG A CA  1 
ATOM   1269 C C   . ARG A 1 165 ? 7.452   -10.035 -10.305 1.00 30.76  ? 165 ARG A C   1 
ATOM   1270 O O   . ARG A 1 165 ? 7.182   -9.386  -11.339 1.00 35.66  ? 165 ARG A O   1 
ATOM   1271 C CB  . ARG A 1 165 ? 5.671   -11.801 -10.822 1.00 34.18  ? 165 ARG A CB  1 
ATOM   1272 C CG  . ARG A 1 165 ? 4.459   -11.043 -10.399 1.00 36.14  ? 165 ARG A CG  1 
ATOM   1273 C CD  . ARG A 1 165 ? 3.677   -10.641 -11.653 1.00 43.15  ? 165 ARG A CD  1 
ATOM   1274 N NE  . ARG A 1 165 ? 2.917   -11.718 -12.198 1.00 45.10  ? 165 ARG A NE  1 
ATOM   1275 C CZ  . ARG A 1 165 ? 2.580   -11.900 -13.475 1.00 38.00  ? 165 ARG A CZ  1 
ATOM   1276 N NH1 . ARG A 1 165 ? 2.910   -11.077 -14.469 1.00 38.80  ? 165 ARG A NH1 1 
ATOM   1277 N NH2 . ARG A 1 165 ? 1.856   -12.950 -13.734 1.00 45.87  ? 165 ARG A NH2 1 
ATOM   1278 N N   . SER A 1 166 ? 8.063   -9.482  -9.257  1.00 25.36  ? 166 SER A N   1 
ATOM   1279 C CA  . SER A 1 166 ? 8.353   -8.073  -9.221  1.00 24.84  ? 166 SER A CA  1 
ATOM   1280 C C   . SER A 1 166 ? 9.835   -7.880  -9.599  1.00 26.01  ? 166 SER A C   1 
ATOM   1281 O O   . SER A 1 166 ? 10.616  -8.826  -9.432  1.00 27.51  ? 166 SER A O   1 
ATOM   1282 C CB  . SER A 1 166 ? 8.093   -7.522  -7.839  1.00 24.21  ? 166 SER A CB  1 
ATOM   1283 O OG  . SER A 1 166 ? 9.032   -7.930  -6.877  1.00 23.24  ? 166 SER A OG  1 
ATOM   1284 N N   . CYS A 1 167 ? 10.171  -6.675  -10.009 1.00 26.71  ? 167 CYS A N   1 
ATOM   1285 C CA  . CYS A 1 167 ? 11.543  -6.324  -10.421 1.00 30.14  ? 167 CYS A CA  1 
ATOM   1286 C C   . CYS A 1 167 ? 12.091  -5.207  -9.557  1.00 32.90  ? 167 CYS A C   1 
ATOM   1287 O O   . CYS A 1 167 ? 11.346  -4.394  -9.008  1.00 27.22  ? 167 CYS A O   1 
ATOM   1288 C CB  . CYS A 1 167 ? 11.568  -5.868  -11.860 1.00 27.53  ? 167 CYS A CB  1 
ATOM   1289 S SG  . CYS A 1 167 ? 10.805  -7.085  -13.020 1.00 29.78  ? 167 CYS A SG  1 
ATOM   1290 N N   . VAL A 1 168 ? 13.418  -5.115  -9.525  1.00 32.34  ? 168 VAL A N   1 
ATOM   1291 C CA  . VAL A 1 168 ? 14.088  -3.950  -8.908  1.00 33.99  ? 168 VAL A CA  1 
ATOM   1292 C C   . VAL A 1 168 ? 13.860  -2.777  -9.802  1.00 34.34  ? 168 VAL A C   1 
ATOM   1293 O O   . VAL A 1 168 ? 14.008  -2.886  -10.997 1.00 38.09  ? 168 VAL A O   1 
ATOM   1294 C CB  . VAL A 1 168 ? 15.610  -4.234  -8.658  1.00 39.40  ? 168 VAL A CB  1 
ATOM   1295 C CG1 . VAL A 1 168 ? 16.283  -3.041  -8.023  1.00 38.98  ? 168 VAL A CG1 1 
ATOM   1296 C CG2 . VAL A 1 168 ? 15.764  -5.430  -7.709  1.00 39.12  ? 168 VAL A CG2 1 
ATOM   1297 N N   . PRO A 1 169 ? 13.422  -1.636  -9.267  1.00 34.10  ? 169 PRO A N   1 
ATOM   1298 C CA  . PRO A 1 169 ? 13.197  -0.513  -10.175 1.00 37.91  ? 169 PRO A CA  1 
ATOM   1299 C C   . PRO A 1 169 ? 14.507  -0.053  -10.854 1.00 42.40  ? 169 PRO A C   1 
ATOM   1300 O O   . PRO A 1 169 ? 15.553  -0.067  -10.197 1.00 38.12  ? 169 PRO A O   1 
ATOM   1301 C CB  . PRO A 1 169 ? 12.640  0.585   -9.249  1.00 39.75  ? 169 PRO A CB  1 
ATOM   1302 C CG  . PRO A 1 169 ? 12.283  -0.088  -7.975  1.00 36.63  ? 169 PRO A CG  1 
ATOM   1303 C CD  . PRO A 1 169 ? 13.080  -1.318  -7.860  1.00 35.95  ? 169 PRO A CD  1 
ATOM   1304 N N   . SER A 1 170 ? 14.431  0.319   -12.140 1.00 49.19  ? 170 SER A N   1 
ATOM   1305 C CA  . SER A 1 170 ? 15.617  0.690   -12.939 1.00 56.01  ? 170 SER A CA  1 
ATOM   1306 C C   . SER A 1 170 ? 16.516  1.662   -12.218 1.00 56.52  ? 170 SER A C   1 
ATOM   1307 O O   . SER A 1 170 ? 17.714  1.532   -12.289 1.00 60.93  ? 170 SER A O   1 
ATOM   1308 C CB  . SER A 1 170 ? 15.229  1.317   -14.278 1.00 57.93  ? 170 SER A CB  1 
ATOM   1309 O OG  . SER A 1 170 ? 13.885  1.032   -14.625 1.00 67.66  ? 170 SER A OG  1 
ATOM   1310 N N   . SER A 1 171 ? 15.914  2.633   -11.531 1.00 61.80  ? 171 SER A N   1 
ATOM   1311 C CA  . SER A 1 171 ? 16.630  3.647   -10.754 1.00 65.50  ? 171 SER A CA  1 
ATOM   1312 C C   . SER A 1 171 ? 17.532  3.109   -9.670  1.00 68.02  ? 171 SER A C   1 
ATOM   1313 O O   . SER A 1 171 ? 18.571  3.691   -9.411  1.00 73.84  ? 171 SER A O   1 
ATOM   1314 C CB  . SER A 1 171 ? 15.640  4.601   -10.093 1.00 68.57  ? 171 SER A CB  1 
ATOM   1315 O OG  . SER A 1 171 ? 14.722  5.088   -11.057 1.00 80.73  ? 171 SER A OG  1 
ATOM   1316 N N   . PHE A 1 172 ? 17.147  2.022   -9.017  1.00 64.28  ? 172 PHE A N   1 
ATOM   1317 C CA  . PHE A 1 172 ? 17.949  1.501   -7.891  1.00 68.06  ? 172 PHE A CA  1 
ATOM   1318 C C   . PHE A 1 172 ? 19.216  0.737   -8.348  1.00 75.65  ? 172 PHE A C   1 
ATOM   1319 O O   . PHE A 1 172 ? 19.138  -0.163  -9.201  1.00 81.35  ? 172 PHE A O   1 
ATOM   1320 C CB  . PHE A 1 172 ? 17.074  0.641   -6.981  1.00 60.58  ? 172 PHE A CB  1 
ATOM   1321 C CG  . PHE A 1 172 ? 15.893  1.385   -6.365  1.00 58.22  ? 172 PHE A CG  1 
ATOM   1322 C CD1 . PHE A 1 172 ? 15.595  2.724   -6.660  1.00 56.69  ? 172 PHE A CD1 1 
ATOM   1323 C CD2 . PHE A 1 172 ? 15.064  0.722   -5.473  1.00 55.70  ? 172 PHE A CD2 1 
ATOM   1324 C CE1 . PHE A 1 172 ? 14.520  3.367   -6.072  1.00 56.68  ? 172 PHE A CE1 1 
ATOM   1325 C CE2 . PHE A 1 172 ? 13.971  1.353   -4.913  1.00 49.29  ? 172 PHE A CE2 1 
ATOM   1326 C CZ  . PHE A 1 172 ? 13.702  2.675   -5.199  1.00 52.44  ? 172 PHE A CZ  1 
ATOM   1327 N N   . ALA A 1 173 ? 20.373  1.132   -7.795  1.00 86.78  ? 173 ALA A N   1 
ATOM   1328 C CA  . ALA A 1 173 ? 21.682  0.513   -8.088  1.00 87.46  ? 173 ALA A CA  1 
ATOM   1329 C C   . ALA A 1 173 ? 22.551  0.460   -6.834  1.00 89.88  ? 173 ALA A C   1 
ATOM   1330 O O   . ALA A 1 173 ? 22.698  -0.594  -6.217  1.00 98.61  ? 173 ALA A O   1 
ATOM   1331 C CB  . ALA A 1 173 ? 22.403  1.281   -9.189  1.00 85.79  ? 173 ALA A CB  1 
HETATM 1332 C C1  . EDO B 2 .   ? -20.248 -3.659  6.447   1.00 45.43  ? 201 EDO A C1  1 
HETATM 1333 O O1  . EDO B 2 .   ? -19.484 -3.011  7.464   1.00 45.07  ? 201 EDO A O1  1 
HETATM 1334 C C2  . EDO B 2 .   ? -21.104 -4.768  7.019   1.00 52.82  ? 201 EDO A C2  1 
HETATM 1335 O O2  . EDO B 2 .   ? -20.298 -5.931  7.182   1.00 53.66  ? 201 EDO A O2  1 
HETATM 1336 C C1  . EDO C 2 .   ? -7.835  0.209   12.055  1.00 44.46  ? 202 EDO A C1  1 
HETATM 1337 O O1  . EDO C 2 .   ? -8.541  0.649   13.204  1.00 48.16  ? 202 EDO A O1  1 
HETATM 1338 C C2  . EDO C 2 .   ? -8.841  -0.490  11.170  1.00 42.11  ? 202 EDO A C2  1 
HETATM 1339 O O2  . EDO C 2 .   ? -9.247  -1.678  11.863  1.00 47.13  ? 202 EDO A O2  1 
HETATM 1340 N N1  . GOY D 3 .   ? 7.532   -11.367 2.984   0.72 39.93  ? 203 GOY A N1  1 
HETATM 1341 C C4  . GOY D 3 .   ? 3.599   -10.214 5.268   0.72 30.41  ? 203 GOY A C4  1 
HETATM 1342 C C5  . GOY D 3 .   ? 6.791   -11.458 4.113   0.72 37.70  ? 203 GOY A C5  1 
HETATM 1343 C C6  . GOY D 3 .   ? 7.123   -10.769 1.698   0.72 40.65  ? 203 GOY A C6  1 
HETATM 1344 C C7  . GOY D 3 .   ? 8.251   -10.709 0.688   0.72 41.87  ? 203 GOY A C7  1 
HETATM 1345 C C8  . GOY D 3 .   ? 8.873   -12.074 0.447   0.72 41.42  ? 203 GOY A C8  1 
HETATM 1346 C C10 . GOY D 3 .   ? 8.906   -11.902 2.971   0.72 43.34  ? 203 GOY A C10 1 
HETATM 1347 N N   . GOY D 3 .   ? 5.429   -11.413 4.140   0.72 32.33  ? 203 GOY A N   1 
HETATM 1348 C C   . GOY D 3 .   ? 2.531   -10.758 4.338   0.72 32.30  ? 203 GOY A C   1 
HETATM 1349 O O   . GOY D 3 .   ? 7.384   -11.601 5.196   0.72 37.57  ? 203 GOY A O   1 
HETATM 1350 C C1  . GOY D 3 .   ? 3.081   -11.859 3.452   0.72 35.01  ? 203 GOY A C1  1 
HETATM 1351 C C2  . GOY D 3 .   ? 4.514   -11.641 3.014   0.72 33.02  ? 203 GOY A C2  1 
HETATM 1352 C C3  . GOY D 3 .   ? 4.745   -11.196 5.420   0.72 31.84  ? 203 GOY A C3  1 
HETATM 1353 C C9  . GOY D 3 .   ? 9.158   -12.781 1.760   0.72 40.89  ? 203 GOY A C9  1 
HETATM 1354 O O   . HOH E 4 .   ? 4.473   7.212   -15.186 1.00 60.63  ? 301 HOH A O   1 
HETATM 1355 O O   . HOH E 4 .   ? -3.333  -10.794 -10.474 1.00 47.45  ? 302 HOH A O   1 
HETATM 1356 O O   . HOH E 4 .   ? -7.942  -17.736 2.973   1.00 50.35  ? 303 HOH A O   1 
HETATM 1357 O O   . HOH E 4 .   ? 3.443   -15.255 6.059   0.72 35.41  ? 304 HOH A O   1 
HETATM 1358 O O   . HOH E 4 .   ? 17.456  12.279  -8.790  1.00 65.92  ? 305 HOH A O   1 
HETATM 1359 O O   . HOH E 4 .   ? 14.382  0.341   -0.308  1.00 62.92  ? 306 HOH A O   1 
HETATM 1360 O O   . HOH E 4 .   ? -11.744 -2.068  11.687  1.00 55.56  ? 307 HOH A O   1 
HETATM 1361 O O   . HOH E 4 .   ? -7.997  1.214   -12.651 1.00 51.51  ? 308 HOH A O   1 
HETATM 1362 O O   . HOH E 4 .   ? 11.498  -11.077 -10.254 1.00 34.81  ? 309 HOH A O   1 
HETATM 1363 O O   . HOH E 4 .   ? 5.816   -0.798  16.072  1.00 46.15  ? 310 HOH A O   1 
HETATM 1364 O O   . HOH E 4 .   ? 9.525   -10.656 6.243   0.72 44.94  ? 311 HOH A O   1 
HETATM 1365 O O   . HOH E 4 .   ? -5.836  1.470   -15.769 1.00 57.35  ? 312 HOH A O   1 
HETATM 1366 O O   . HOH E 4 .   ? -11.309 -11.540 12.715  1.00 41.67  ? 313 HOH A O   1 
HETATM 1367 O O   . HOH E 4 .   ? -0.989  12.816  -3.839  1.00 33.48  ? 314 HOH A O   1 
HETATM 1368 O O   . HOH E 4 .   ? 3.006   -1.116  -15.228 1.00 30.56  ? 315 HOH A O   1 
HETATM 1369 O O   . HOH E 4 .   ? 9.760   -4.955  -15.951 1.00 47.44  ? 316 HOH A O   1 
HETATM 1370 O O   . HOH E 4 .   ? -8.988  11.807  6.026   1.00 39.49  ? 317 HOH A O   1 
HETATM 1371 O O   . HOH E 4 .   ? -6.538  -11.918 10.794  1.00 36.97  ? 318 HOH A O   1 
HETATM 1372 O O   . HOH E 4 .   ? -11.835 8.262   -2.440  1.00 23.48  ? 319 HOH A O   1 
HETATM 1373 O O   . HOH E 4 .   ? -0.804  12.320  -7.298  1.00 45.64  ? 320 HOH A O   1 
HETATM 1374 O O   . HOH E 4 .   ? -5.333  14.223  5.438   1.00 50.65  ? 321 HOH A O   1 
HETATM 1375 O O   . HOH E 4 .   ? -5.064  0.609   1.781   1.00 31.25  ? 322 HOH A O   1 
HETATM 1376 O O   . HOH E 4 .   ? 2.340   -13.367 -16.321 1.00 36.16  ? 323 HOH A O   1 
HETATM 1377 O O   . HOH E 4 .   ? -13.306 11.166  10.582  1.00 41.09  ? 324 HOH A O   1 
HETATM 1378 O O   . HOH E 4 .   ? 1.764   14.100  7.731   1.00 50.90  ? 325 HOH A O   1 
HETATM 1379 O O   . HOH E 4 .   ? 3.298   2.879   -9.150  1.00 28.34  ? 326 HOH A O   1 
HETATM 1380 O O   . HOH E 4 .   ? 2.879   14.088  -3.679  1.00 37.23  ? 327 HOH A O   1 
HETATM 1381 O O   . HOH E 4 .   ? 4.827   12.591  -7.663  1.00 35.15  ? 328 HOH A O   1 
HETATM 1382 O O   . HOH E 4 .   ? 17.785  -9.788  0.463   1.00 70.52  ? 329 HOH A O   1 
HETATM 1383 O O   . HOH E 4 .   ? -16.297 10.970  12.909  1.00 40.69  ? 330 HOH A O   1 
HETATM 1384 O O   . HOH E 4 .   ? 8.345   -4.317  -12.898 1.00 34.53  ? 331 HOH A O   1 
HETATM 1385 O O   . HOH E 4 .   ? -6.314  4.455   -9.016  1.00 41.69  ? 332 HOH A O   1 
HETATM 1386 O O   . HOH E 4 .   ? -20.053 7.530   0.434   1.00 36.84  ? 333 HOH A O   1 
HETATM 1387 O O   . HOH E 4 .   ? -4.793  9.666   -0.078  1.00 33.65  ? 334 HOH A O   1 
HETATM 1388 O O   . HOH E 4 .   ? -13.542 8.020   4.064   1.00 24.18  ? 335 HOH A O   1 
HETATM 1389 O O   . HOH E 4 .   ? -4.211  -16.153 -2.659  1.00 30.61  ? 336 HOH A O   1 
HETATM 1390 O O   . HOH E 4 .   ? -17.701 -0.278  8.855   1.00 47.59  ? 337 HOH A O   1 
HETATM 1391 O O   . HOH E 4 .   ? 7.400   -2.713  16.241  1.00 53.15  ? 338 HOH A O   1 
HETATM 1392 O O   . HOH E 4 .   ? 4.940   -8.792  -13.423 1.00 34.19  ? 339 HOH A O   1 
HETATM 1393 O O   . HOH E 4 .   ? 13.893  1.646   7.343   1.00 49.88  ? 340 HOH A O   1 
HETATM 1394 O O   . HOH E 4 .   ? -5.551  8.061   11.903  1.00 40.34  ? 341 HOH A O   1 
HETATM 1395 O O   . HOH E 4 .   ? 3.762   4.822   11.617  1.00 33.36  ? 342 HOH A O   1 
HETATM 1396 O O   . HOH E 4 .   ? 7.324   4.680   -13.864 1.00 39.58  ? 343 HOH A O   1 
HETATM 1397 O O   . HOH E 4 .   ? 14.212  -3.056  -4.232  1.00 46.31  ? 344 HOH A O   1 
HETATM 1398 O O   . HOH E 4 .   ? -14.312 -0.353  -4.292  1.00 28.95  ? 345 HOH A O   1 
HETATM 1399 O O   . HOH E 4 .   ? -6.706  10.546  -9.612  1.00 41.19  ? 346 HOH A O   1 
HETATM 1400 O O   . HOH E 4 .   ? -16.107 -16.619 7.935   1.00 45.45  ? 347 HOH A O   1 
HETATM 1401 O O   . HOH E 4 .   ? -4.999  -1.564  13.074  1.00 41.76  ? 348 HOH A O   1 
HETATM 1402 O O   . HOH E 4 .   ? -11.920 2.733   10.640  1.00 26.46  ? 349 HOH A O   1 
HETATM 1403 O O   . HOH E 4 .   ? -12.419 -6.912  9.772   1.00 38.82  ? 350 HOH A O   1 
HETATM 1404 O O   . HOH E 4 .   ? -13.203 -17.672 6.499   1.00 54.29  ? 351 HOH A O   1 
HETATM 1405 O O   . HOH E 4 .   ? 14.869  -7.151  -10.858 1.00 32.01  ? 352 HOH A O   1 
HETATM 1406 O O   . HOH E 4 .   ? -0.655  -14.892 -21.788 1.00 60.86  ? 353 HOH A O   1 
HETATM 1407 O O   . HOH E 4 .   ? -20.381 1.463   7.354   1.00 55.04  ? 354 HOH A O   1 
HETATM 1408 O O   . HOH E 4 .   ? -18.102 -10.033 8.327   1.00 40.32  ? 355 HOH A O   1 
HETATM 1409 O O   . HOH E 4 .   ? -6.916  0.528   -0.757  1.00 39.14  ? 356 HOH A O   1 
HETATM 1410 O O   . HOH E 4 .   ? 0.388   14.237  -0.495  1.00 38.66  ? 357 HOH A O   1 
HETATM 1411 O O   . HOH E 4 .   ? 3.391   5.271   -7.776  1.00 23.24  ? 358 HOH A O   1 
HETATM 1412 O O   . HOH E 4 .   ? 9.874   -3.324  15.223  1.00 80.53  ? 359 HOH A O   1 
HETATM 1413 O O   . HOH E 4 .   ? -14.134 4.162   11.379  1.00 26.09  ? 360 HOH A O   1 
HETATM 1414 O O   . HOH E 4 .   ? 14.526  -5.643  -3.726  1.00 39.02  ? 361 HOH A O   1 
HETATM 1415 O O   . HOH E 4 .   ? -16.130 3.529   13.107  1.00 32.48  ? 362 HOH A O   1 
HETATM 1416 O O   . HOH E 4 .   ? 7.254   -6.935  -13.031 1.00 33.59  ? 363 HOH A O   1 
HETATM 1417 O O   . HOH E 4 .   ? 14.136  -1.022  -2.220  1.00 42.83  ? 364 HOH A O   1 
HETATM 1418 O O   . HOH E 4 .   ? -2.113  10.420  11.844  1.00 72.11  ? 365 HOH A O   1 
HETATM 1419 O O   . HOH E 4 .   ? -10.137 9.195   3.021   1.00 27.68  ? 366 HOH A O   1 
HETATM 1420 O O   . HOH E 4 .   ? -9.342  -0.597  -8.358  1.00 112.08 ? 367 HOH A O   1 
HETATM 1421 O O   . HOH E 4 .   ? -7.781  -3.556  -5.428  1.00 31.69  ? 368 HOH A O   1 
HETATM 1422 O O   . HOH E 4 .   ? 12.783  -5.029  14.365  1.00 70.22  ? 369 HOH A O   1 
HETATM 1423 O O   . HOH E 4 .   ? -4.629  -20.629 -4.295  1.00 63.21  ? 370 HOH A O   1 
HETATM 1424 O O   . HOH E 4 .   ? -11.081 2.386   13.545  1.00 56.06  ? 371 HOH A O   1 
HETATM 1425 O O   . HOH E 4 .   ? 13.522  -5.675  3.917   1.00 53.98  ? 372 HOH A O   1 
HETATM 1426 O O   . HOH E 4 .   ? 0.363   -12.462 -17.693 1.00 54.30  ? 373 HOH A O   1 
HETATM 1427 O O   . HOH E 4 .   ? 9.174   -3.323  -18.778 1.00 67.71  ? 374 HOH A O   1 
HETATM 1428 O O   . HOH E 4 .   ? -7.256  -19.304 10.477  1.00 56.74  ? 375 HOH A O   1 
HETATM 1429 O O   . HOH E 4 .   ? -3.031  -2.797  11.683  1.00 42.51  ? 376 HOH A O   1 
HETATM 1430 O O   . HOH E 4 .   ? -9.865  -2.291  -6.610  1.00 37.07  ? 377 HOH A O   1 
HETATM 1431 O O   . HOH E 4 .   ? 0.578   11.620  -10.164 1.00 52.84  ? 378 HOH A O   1 
HETATM 1432 O O   . HOH E 4 .   ? -3.219  3.060   -12.800 1.00 48.82  ? 379 HOH A O   1 
HETATM 1433 O O   . HOH E 4 .   ? -15.441 13.261  -2.777  1.00 47.05  ? 380 HOH A O   1 
HETATM 1434 O O   . HOH E 4 .   ? 4.662   -8.357  -21.800 1.00 37.50  ? 381 HOH A O   1 
HETATM 1435 O O   . HOH E 4 .   ? -2.952  -4.920  12.929  1.00 47.18  ? 382 HOH A O   1 
HETATM 1436 O O   . HOH E 4 .   ? 12.875  -5.638  5.394   1.00 57.60  ? 383 HOH A O   1 
HETATM 1437 O O   . HOH E 4 .   ? -4.575  10.366  10.732  1.00 49.01  ? 384 HOH A O   1 
HETATM 1438 O O   . HOH E 4 .   ? -12.943 -0.364  10.460  1.00 46.91  ? 385 HOH A O   1 
HETATM 1439 O O   . HOH E 4 .   ? -5.939  11.944  7.264   1.00 40.75  ? 386 HOH A O   1 
HETATM 1440 O O   . HOH E 4 .   ? -7.208  3.718   -13.250 1.00 112.09 ? 387 HOH A O   1 
HETATM 1441 O O   . HOH E 4 .   ? 8.880   11.350  4.912   1.00 58.30  ? 388 HOH A O   1 
# 
